data_2OPV
#
_entry.id   2OPV
#
_entity_poly.entity_id   1
_entity_poly.type   'polypeptide(L)'
_entity_poly.pdbx_seq_one_letter_code
;GQFHDNANGGQNGTVQEIMIPAGKAGLVIGKGGETIKQLQERAGVKMILIQDGSQNTNVDKPLRIIGDPYKVQQACEMVM
DILRE
;
_entity_poly.pdbx_strand_id   A
#
# COMPACT_ATOMS: atom_id res chain seq x y z
N GLY A 1 -0.33 -11.39 10.93
CA GLY A 1 -1.21 -10.26 10.82
C GLY A 1 -1.76 -9.80 12.15
N GLN A 2 -0.88 -9.37 13.05
CA GLN A 2 -1.33 -8.79 14.30
C GLN A 2 -1.80 -7.36 14.08
N PHE A 3 -3.06 -7.23 13.67
CA PHE A 3 -3.65 -5.94 13.36
C PHE A 3 -3.59 -5.01 14.57
N HIS A 4 -3.74 -5.57 15.75
CA HIS A 4 -3.61 -4.76 16.96
C HIS A 4 -2.14 -4.69 17.34
N ASP A 5 -1.35 -4.14 16.45
CA ASP A 5 0.09 -4.07 16.62
C ASP A 5 0.47 -3.02 17.66
N ASN A 6 -0.15 -1.86 17.56
CA ASN A 6 0.12 -0.77 18.49
C ASN A 6 -1.17 -0.03 18.83
N ALA A 7 -1.67 0.75 17.89
CA ALA A 7 -2.79 1.63 18.14
C ALA A 7 -3.98 1.29 17.26
N ASN A 8 -4.39 0.03 17.30
CA ASN A 8 -5.56 -0.42 16.58
C ASN A 8 -6.82 0.00 17.31
N GLY A 9 -7.12 1.29 17.26
CA GLY A 9 -8.27 1.82 17.95
C GLY A 9 -9.50 1.85 17.07
N GLY A 10 -10.27 0.78 17.10
CA GLY A 10 -11.49 0.71 16.32
C GLY A 10 -11.57 -0.55 15.49
N GLN A 11 -11.34 -0.42 14.19
CA GLN A 11 -11.38 -1.55 13.29
C GLN A 11 -10.00 -2.12 13.08
N ASN A 12 -9.81 -3.38 13.49
CA ASN A 12 -8.52 -4.05 13.34
C ASN A 12 -8.11 -4.11 11.88
N GLY A 13 -9.08 -4.23 10.99
CA GLY A 13 -8.80 -4.29 9.57
C GLY A 13 -9.06 -2.97 8.89
N THR A 14 -8.09 -2.06 8.98
CA THR A 14 -8.22 -0.78 8.30
C THR A 14 -7.65 -0.87 6.89
N VAL A 15 -8.44 -0.46 5.90
CA VAL A 15 -8.02 -0.52 4.51
C VAL A 15 -7.84 0.87 3.94
N GLN A 16 -6.68 1.12 3.36
CA GLN A 16 -6.40 2.39 2.71
C GLN A 16 -6.28 2.17 1.20
N GLU A 17 -7.22 2.71 0.44
CA GLU A 17 -7.19 2.57 -1.02
C GLU A 17 -6.59 3.80 -1.70
N ILE A 18 -5.50 3.58 -2.41
CA ILE A 18 -4.82 4.61 -3.16
C ILE A 18 -4.91 4.30 -4.65
N MET A 19 -4.92 5.34 -5.48
CA MET A 19 -4.86 5.16 -6.92
C MET A 19 -3.52 5.69 -7.42
N ILE A 20 -2.63 4.77 -7.73
CA ILE A 20 -1.27 5.14 -8.09
C ILE A 20 -1.17 5.49 -9.57
N PRO A 21 -0.66 6.70 -9.89
CA PRO A 21 -0.43 7.12 -11.27
C PRO A 21 0.32 6.09 -12.09
N ALA A 22 -0.09 5.88 -13.34
CA ALA A 22 0.43 4.84 -14.21
C ALA A 22 1.95 4.69 -14.14
N GLY A 23 2.67 5.78 -14.41
CA GLY A 23 4.12 5.71 -14.49
C GLY A 23 4.79 5.97 -13.15
N LYS A 24 4.14 6.73 -12.29
CA LYS A 24 4.70 7.04 -10.98
C LYS A 24 4.51 5.86 -10.03
N ALA A 25 3.80 4.84 -10.52
CA ALA A 25 3.62 3.59 -9.79
C ALA A 25 4.95 2.89 -9.57
N GLY A 26 5.92 3.20 -10.43
CA GLY A 26 7.25 2.64 -10.31
C GLY A 26 7.88 2.94 -8.96
N LEU A 27 7.46 4.03 -8.35
CA LEU A 27 7.96 4.43 -7.05
C LEU A 27 7.36 3.57 -5.94
N VAL A 28 6.05 3.37 -6.00
CA VAL A 28 5.34 2.63 -4.99
C VAL A 28 5.64 1.14 -5.10
N ILE A 29 5.89 0.67 -6.31
CA ILE A 29 6.27 -0.72 -6.54
C ILE A 29 7.74 -0.91 -6.19
N GLY A 30 8.55 0.04 -6.60
CA GLY A 30 9.95 0.03 -6.25
C GLY A 30 10.83 -0.45 -7.38
N LYS A 31 10.65 0.15 -8.54
CA LYS A 31 11.49 -0.09 -9.71
C LYS A 31 11.65 -1.58 -10.00
N GLY A 32 10.56 -2.32 -9.87
CA GLY A 32 10.60 -3.74 -10.13
C GLY A 32 9.92 -4.54 -9.05
N GLY A 33 9.89 -3.99 -7.85
CA GLY A 33 9.24 -4.66 -6.74
C GLY A 33 10.10 -4.75 -5.50
N GLU A 34 11.08 -3.89 -5.39
CA GLU A 34 11.95 -3.89 -4.21
C GLU A 34 11.31 -3.08 -3.09
N THR A 35 10.95 -1.84 -3.41
CA THR A 35 10.34 -0.94 -2.44
C THR A 35 9.07 -1.53 -1.83
N ILE A 36 8.21 -2.13 -2.67
CA ILE A 36 6.95 -2.70 -2.18
C ILE A 36 7.19 -3.77 -1.11
N LYS A 37 8.24 -4.56 -1.28
CA LYS A 37 8.59 -5.59 -0.30
C LYS A 37 9.02 -4.95 1.01
N GLN A 38 9.76 -3.85 0.88
CA GLN A 38 10.23 -3.10 2.03
C GLN A 38 9.06 -2.48 2.77
N LEU A 39 8.16 -1.88 2.01
CA LEU A 39 7.01 -1.14 2.57
C LEU A 39 6.21 -2.00 3.54
N GLN A 40 5.92 -3.23 3.13
CA GLN A 40 5.10 -4.12 3.94
C GLN A 40 5.80 -4.47 5.26
N GLU A 41 7.09 -4.76 5.18
CA GLU A 41 7.83 -5.22 6.34
C GLU A 41 8.25 -4.07 7.26
N ARG A 42 8.58 -2.93 6.67
CA ARG A 42 9.07 -1.79 7.45
C ARG A 42 7.98 -1.21 8.35
N ALA A 43 6.73 -1.25 7.87
CA ALA A 43 5.63 -0.67 8.62
C ALA A 43 4.83 -1.75 9.34
N GLY A 44 5.08 -3.00 8.98
CA GLY A 44 4.34 -4.11 9.57
C GLY A 44 2.92 -4.16 9.08
N VAL A 45 2.74 -3.87 7.80
CA VAL A 45 1.42 -3.83 7.18
C VAL A 45 1.42 -4.65 5.91
N LYS A 46 0.27 -4.73 5.26
CA LYS A 46 0.18 -5.37 3.96
C LYS A 46 -0.32 -4.39 2.93
N MET A 47 0.46 -4.23 1.87
CA MET A 47 0.07 -3.37 0.75
C MET A 47 -0.15 -4.22 -0.47
N ILE A 48 -1.37 -4.29 -0.97
CA ILE A 48 -1.62 -5.03 -2.18
C ILE A 48 -1.67 -4.09 -3.38
N LEU A 49 -0.61 -4.11 -4.16
CA LEU A 49 -0.53 -3.34 -5.38
C LEU A 49 -1.13 -4.14 -6.52
N ILE A 50 -2.33 -3.79 -6.93
CA ILE A 50 -2.97 -4.48 -8.03
C ILE A 50 -2.29 -4.09 -9.35
N GLN A 51 -1.23 -4.81 -9.66
CA GLN A 51 -0.42 -4.55 -10.84
C GLN A 51 -0.81 -5.52 -11.95
N ASP A 52 -1.38 -6.64 -11.54
CA ASP A 52 -1.67 -7.73 -12.45
C ASP A 52 -3.18 -7.95 -12.56
N GLY A 53 -3.94 -7.05 -11.93
CA GLY A 53 -5.38 -7.12 -11.98
C GLY A 53 -5.91 -6.87 -13.38
N SER A 54 -5.11 -6.19 -14.19
CA SER A 54 -5.45 -5.83 -15.56
C SER A 54 -6.62 -4.84 -15.58
N GLN A 55 -7.13 -4.57 -16.80
CA GLN A 55 -8.21 -3.59 -17.01
C GLN A 55 -7.68 -2.17 -16.80
N ASN A 56 -7.24 -1.89 -15.59
CA ASN A 56 -6.69 -0.59 -15.26
C ASN A 56 -5.16 -0.64 -15.26
N THR A 57 -4.61 -1.72 -15.80
CA THR A 57 -3.16 -1.88 -15.85
C THR A 57 -2.49 -0.77 -16.65
N ASN A 58 -3.23 -0.24 -17.61
CA ASN A 58 -2.72 0.85 -18.45
C ASN A 58 -2.89 2.20 -17.76
N VAL A 59 -3.54 2.21 -16.60
CA VAL A 59 -3.86 3.46 -15.91
C VAL A 59 -3.45 3.42 -14.43
N ASP A 60 -4.15 4.20 -13.62
CA ASP A 60 -3.94 4.27 -12.17
C ASP A 60 -4.03 2.88 -11.54
N LYS A 61 -3.31 2.69 -10.44
CA LYS A 61 -3.23 1.38 -9.79
C LYS A 61 -3.95 1.36 -8.46
N PRO A 62 -4.80 0.34 -8.24
CA PRO A 62 -5.51 0.13 -6.99
C PRO A 62 -4.59 -0.42 -5.90
N LEU A 63 -4.33 0.41 -4.90
CA LEU A 63 -3.51 0.00 -3.76
C LEU A 63 -4.36 -0.08 -2.50
N ARG A 64 -4.41 -1.26 -1.90
CA ARG A 64 -5.08 -1.41 -0.62
C ARG A 64 -4.07 -1.71 0.49
N ILE A 65 -3.93 -0.75 1.39
CA ILE A 65 -3.11 -0.92 2.57
C ILE A 65 -3.97 -1.45 3.70
N ILE A 66 -3.73 -2.68 4.10
CA ILE A 66 -4.61 -3.35 5.06
C ILE A 66 -3.87 -3.61 6.37
N GLY A 67 -4.48 -3.22 7.48
CA GLY A 67 -3.92 -3.55 8.78
C GLY A 67 -4.31 -2.56 9.86
N ASP A 68 -3.35 -2.27 10.73
CA ASP A 68 -3.55 -1.39 11.88
C ASP A 68 -3.69 0.07 11.44
N PRO A 69 -4.72 0.76 11.95
CA PRO A 69 -5.10 2.12 11.50
C PRO A 69 -3.98 3.13 11.65
N TYR A 70 -3.09 2.87 12.60
CA TYR A 70 -2.01 3.80 12.91
C TYR A 70 -0.90 3.66 11.89
N LYS A 71 -0.50 2.42 11.62
CA LYS A 71 0.55 2.18 10.63
C LYS A 71 0.00 2.23 9.21
N VAL A 72 -1.28 1.93 9.04
CA VAL A 72 -1.92 2.09 7.74
C VAL A 72 -1.85 3.54 7.27
N GLN A 73 -2.05 4.46 8.21
CA GLN A 73 -2.00 5.87 7.86
C GLN A 73 -0.57 6.32 7.64
N GLN A 74 0.34 5.85 8.49
CA GLN A 74 1.74 6.18 8.33
C GLN A 74 2.27 5.63 7.01
N ALA A 75 1.82 4.43 6.67
CA ALA A 75 2.20 3.79 5.43
C ALA A 75 1.55 4.49 4.24
N CYS A 76 0.32 4.95 4.43
CA CYS A 76 -0.39 5.72 3.41
C CYS A 76 0.35 7.02 3.15
N GLU A 77 0.60 7.78 4.21
CA GLU A 77 1.31 9.04 4.10
C GLU A 77 2.75 8.80 3.65
N MET A 78 3.20 7.58 3.85
CA MET A 78 4.53 7.17 3.40
C MET A 78 4.58 7.09 1.88
N VAL A 79 3.69 6.30 1.31
CA VAL A 79 3.70 6.06 -0.13
C VAL A 79 3.07 7.22 -0.87
N MET A 80 2.13 7.90 -0.23
CA MET A 80 1.48 9.06 -0.83
C MET A 80 2.45 10.22 -0.87
N ASP A 81 3.39 10.25 0.07
CA ASP A 81 4.44 11.26 0.07
C ASP A 81 5.29 11.12 -1.18
N ILE A 82 5.70 9.88 -1.46
CA ILE A 82 6.48 9.57 -2.66
C ILE A 82 5.70 9.94 -3.92
N LEU A 83 4.40 9.80 -3.82
CA LEU A 83 3.52 10.04 -4.95
C LEU A 83 3.24 11.53 -5.14
N ARG A 84 3.48 12.31 -4.10
CA ARG A 84 3.36 13.76 -4.19
C ARG A 84 4.75 14.37 -4.30
N GLU A 85 5.73 13.49 -4.42
CA GLU A 85 7.12 13.89 -4.50
C GLU A 85 7.59 13.79 -5.95
N GLY A 1 1.23 -8.38 9.92
CA GLY A 1 -0.05 -8.28 10.57
C GLY A 1 0.01 -7.44 11.83
N GLN A 2 -0.50 -7.99 12.93
CA GLN A 2 -0.57 -7.27 14.20
C GLN A 2 -1.42 -6.02 14.04
N PHE A 3 -2.73 -6.17 14.23
CA PHE A 3 -3.65 -5.06 14.05
C PHE A 3 -3.46 -4.05 15.17
N HIS A 4 -2.83 -2.94 14.82
CA HIS A 4 -2.48 -1.86 15.73
C HIS A 4 -1.31 -2.27 16.61
N ASP A 5 -0.47 -1.29 16.93
CA ASP A 5 0.72 -1.51 17.74
C ASP A 5 0.36 -1.95 19.16
N ASN A 6 -0.83 -1.55 19.60
CA ASN A 6 -1.35 -1.99 20.89
C ASN A 6 -2.86 -1.75 20.96
N ALA A 7 -3.63 -2.82 20.77
CA ALA A 7 -5.10 -2.81 20.92
C ALA A 7 -5.80 -2.05 19.79
N ASN A 8 -6.72 -2.74 19.11
CA ASN A 8 -7.50 -2.12 18.04
C ASN A 8 -8.98 -2.14 18.41
N GLY A 9 -9.70 -1.11 17.96
CA GLY A 9 -11.12 -1.01 18.27
C GLY A 9 -11.84 -0.13 17.26
N GLY A 10 -13.09 -0.50 16.94
CA GLY A 10 -13.84 0.24 15.94
C GLY A 10 -13.41 -0.15 14.54
N GLN A 11 -12.19 0.22 14.19
CA GLN A 11 -11.57 -0.24 12.96
C GLN A 11 -10.51 -1.28 13.29
N ASN A 12 -10.62 -2.45 12.69
CA ASN A 12 -9.68 -3.53 12.97
C ASN A 12 -8.85 -3.82 11.75
N GLY A 13 -9.48 -4.42 10.74
CA GLY A 13 -8.82 -4.65 9.47
C GLY A 13 -9.12 -3.55 8.49
N THR A 14 -8.42 -2.44 8.64
CA THR A 14 -8.65 -1.27 7.80
C THR A 14 -7.92 -1.38 6.48
N VAL A 15 -8.62 -1.06 5.41
CA VAL A 15 -8.05 -1.11 4.07
C VAL A 15 -8.20 0.25 3.37
N GLN A 16 -7.08 0.84 3.00
CA GLN A 16 -7.08 2.07 2.24
C GLN A 16 -6.81 1.75 0.77
N GLU A 17 -7.80 1.99 -0.07
CA GLU A 17 -7.62 1.80 -1.50
C GLU A 17 -7.23 3.11 -2.17
N ILE A 18 -5.96 3.18 -2.57
CA ILE A 18 -5.43 4.37 -3.19
C ILE A 18 -5.34 4.17 -4.70
N MET A 19 -5.50 5.25 -5.43
CA MET A 19 -5.34 5.25 -6.87
C MET A 19 -3.96 5.79 -7.21
N ILE A 20 -3.05 4.90 -7.53
CA ILE A 20 -1.67 5.29 -7.78
C ILE A 20 -1.46 5.64 -9.25
N PRO A 21 -0.92 6.85 -9.51
CA PRO A 21 -0.64 7.33 -10.87
C PRO A 21 0.02 6.28 -11.75
N ALA A 22 -0.51 6.12 -12.96
CA ALA A 22 -0.17 5.00 -13.84
C ALA A 22 1.30 4.97 -14.22
N GLY A 23 1.88 6.14 -14.45
CA GLY A 23 3.27 6.19 -14.86
C GLY A 23 4.20 6.29 -13.66
N LYS A 24 3.75 7.01 -12.64
CA LYS A 24 4.53 7.21 -11.43
C LYS A 24 4.43 5.98 -10.51
N ALA A 25 3.67 4.99 -10.95
CA ALA A 25 3.51 3.74 -10.20
C ALA A 25 4.84 3.01 -10.07
N GLY A 26 5.78 3.35 -10.95
CA GLY A 26 7.10 2.76 -10.89
C GLY A 26 7.77 3.01 -9.55
N LEU A 27 7.47 4.16 -8.95
CA LEU A 27 8.06 4.54 -7.67
C LEU A 27 7.39 3.81 -6.52
N VAL A 28 6.08 3.60 -6.63
CA VAL A 28 5.31 2.95 -5.58
C VAL A 28 5.66 1.46 -5.50
N ILE A 29 6.02 0.89 -6.65
CA ILE A 29 6.41 -0.52 -6.71
C ILE A 29 7.91 -0.67 -6.47
N GLY A 30 8.68 0.27 -7.01
CA GLY A 30 10.12 0.25 -6.83
C GLY A 30 10.85 -0.20 -8.06
N LYS A 31 10.20 -0.01 -9.20
CA LYS A 31 10.79 -0.34 -10.49
C LYS A 31 11.13 -1.82 -10.60
N GLY A 32 10.48 -2.63 -9.76
CA GLY A 32 10.74 -4.06 -9.73
C GLY A 32 9.83 -4.78 -8.77
N GLY A 33 9.67 -4.22 -7.57
CA GLY A 33 8.75 -4.79 -6.61
C GLY A 33 9.41 -5.09 -5.28
N GLU A 34 10.64 -4.66 -5.11
CA GLU A 34 11.36 -4.86 -3.85
C GLU A 34 11.04 -3.74 -2.85
N THR A 35 10.80 -2.54 -3.37
CA THR A 35 10.50 -1.39 -2.53
C THR A 35 9.17 -1.58 -1.81
N ILE A 36 8.14 -1.99 -2.55
CA ILE A 36 6.83 -2.23 -1.96
C ILE A 36 6.92 -3.27 -0.84
N LYS A 37 7.75 -4.29 -1.04
CA LYS A 37 7.94 -5.34 -0.04
C LYS A 37 8.50 -4.72 1.24
N GLN A 38 9.42 -3.78 1.07
CA GLN A 38 10.04 -3.10 2.19
C GLN A 38 9.05 -2.18 2.88
N LEU A 39 8.21 -1.53 2.09
CA LEU A 39 7.19 -0.63 2.60
C LEU A 39 6.27 -1.35 3.58
N GLN A 40 6.00 -2.62 3.28
CA GLN A 40 5.16 -3.45 4.13
C GLN A 40 5.86 -3.70 5.47
N GLU A 41 7.14 -4.08 5.40
CA GLU A 41 7.91 -4.41 6.57
C GLU A 41 8.10 -3.18 7.47
N ARG A 42 8.52 -2.07 6.86
CA ARG A 42 8.86 -0.87 7.61
C ARG A 42 7.63 -0.20 8.22
N ALA A 43 6.46 -0.44 7.63
CA ALA A 43 5.23 0.13 8.15
C ALA A 43 4.54 -0.83 9.12
N GLY A 44 4.76 -2.12 8.91
CA GLY A 44 4.15 -3.12 9.76
C GLY A 44 2.76 -3.53 9.27
N VAL A 45 2.54 -3.39 7.98
CA VAL A 45 1.25 -3.71 7.36
C VAL A 45 1.46 -4.39 6.02
N LYS A 46 0.35 -4.74 5.38
CA LYS A 46 0.41 -5.37 4.06
C LYS A 46 -0.11 -4.42 3.00
N MET A 47 0.69 -4.15 1.97
CA MET A 47 0.26 -3.32 0.87
C MET A 47 0.24 -4.12 -0.41
N ILE A 48 -0.93 -4.28 -0.99
CA ILE A 48 -1.06 -5.00 -2.23
C ILE A 48 -1.21 -4.04 -3.41
N LEU A 49 -0.19 -4.03 -4.27
CA LEU A 49 -0.24 -3.23 -5.48
C LEU A 49 -0.87 -4.04 -6.59
N ILE A 50 -2.08 -3.68 -6.97
CA ILE A 50 -2.75 -4.40 -8.04
C ILE A 50 -2.24 -3.91 -9.39
N GLN A 51 -1.13 -4.50 -9.79
CA GLN A 51 -0.62 -4.38 -11.14
C GLN A 51 -0.78 -5.74 -11.81
N ASP A 52 -0.91 -6.75 -10.97
CA ASP A 52 -1.21 -8.11 -11.41
C ASP A 52 -2.57 -8.12 -12.08
N GLY A 53 -3.52 -7.43 -11.46
CA GLY A 53 -4.84 -7.30 -12.02
C GLY A 53 -4.86 -6.32 -13.17
N SER A 54 -5.55 -6.68 -14.25
CA SER A 54 -5.55 -5.87 -15.45
C SER A 54 -6.76 -4.92 -15.49
N GLN A 55 -7.35 -4.68 -14.33
CA GLN A 55 -8.52 -3.80 -14.27
C GLN A 55 -8.10 -2.34 -14.32
N ASN A 56 -7.13 -1.98 -13.49
CA ASN A 56 -6.63 -0.62 -13.45
C ASN A 56 -5.12 -0.60 -13.62
N THR A 57 -4.61 -1.46 -14.50
CA THR A 57 -3.18 -1.56 -14.70
C THR A 57 -2.70 -0.55 -15.75
N ASN A 58 -3.61 -0.11 -16.62
CA ASN A 58 -3.26 0.89 -17.63
C ASN A 58 -3.67 2.27 -17.14
N VAL A 59 -4.15 2.33 -15.91
CA VAL A 59 -4.58 3.57 -15.29
C VAL A 59 -4.06 3.64 -13.85
N ASP A 60 -4.71 4.48 -13.04
CA ASP A 60 -4.37 4.56 -11.63
C ASP A 60 -4.47 3.19 -10.98
N LYS A 61 -3.50 2.88 -10.14
CA LYS A 61 -3.33 1.52 -9.62
C LYS A 61 -4.13 1.33 -8.36
N PRO A 62 -4.84 0.21 -8.27
CA PRO A 62 -5.54 -0.19 -7.05
C PRO A 62 -4.55 -0.61 -5.97
N LEU A 63 -4.35 0.24 -4.98
CA LEU A 63 -3.45 -0.07 -3.88
C LEU A 63 -4.25 -0.27 -2.61
N ARG A 64 -4.18 -1.45 -2.04
CA ARG A 64 -4.85 -1.74 -0.80
C ARG A 64 -3.84 -1.89 0.33
N ILE A 65 -3.78 -0.89 1.19
CA ILE A 65 -3.00 -1.01 2.40
C ILE A 65 -3.89 -1.64 3.46
N ILE A 66 -3.58 -2.87 3.81
CA ILE A 66 -4.43 -3.66 4.69
C ILE A 66 -3.78 -3.87 6.04
N GLY A 67 -4.52 -3.56 7.10
CA GLY A 67 -4.05 -3.86 8.43
C GLY A 67 -4.57 -2.89 9.46
N ASP A 68 -3.65 -2.27 10.17
CA ASP A 68 -3.98 -1.34 11.24
C ASP A 68 -4.24 0.06 10.70
N PRO A 69 -5.37 0.65 11.10
CA PRO A 69 -5.79 1.99 10.65
C PRO A 69 -4.67 3.05 10.75
N TYR A 70 -3.76 2.85 11.68
CA TYR A 70 -2.70 3.81 11.94
C TYR A 70 -1.55 3.63 10.95
N LYS A 71 -0.94 2.45 10.94
CA LYS A 71 0.16 2.18 10.01
C LYS A 71 -0.32 2.00 8.58
N VAL A 72 -1.61 1.76 8.40
CA VAL A 72 -2.19 1.76 7.06
C VAL A 72 -2.19 3.20 6.53
N GLN A 73 -2.47 4.14 7.41
CA GLN A 73 -2.47 5.54 7.06
C GLN A 73 -1.03 6.02 6.92
N GLN A 74 -0.16 5.58 7.84
CA GLN A 74 1.26 5.88 7.75
C GLN A 74 1.82 5.39 6.43
N ALA A 75 1.56 4.13 6.10
CA ALA A 75 2.02 3.54 4.86
C ALA A 75 1.44 4.29 3.66
N CYS A 76 0.17 4.66 3.77
CA CYS A 76 -0.51 5.43 2.73
C CYS A 76 0.19 6.75 2.47
N GLU A 77 0.38 7.55 3.52
CA GLU A 77 1.02 8.83 3.34
C GLU A 77 2.50 8.65 3.03
N MET A 78 3.06 7.53 3.46
CA MET A 78 4.46 7.21 3.16
C MET A 78 4.66 6.96 1.67
N VAL A 79 3.81 6.13 1.08
CA VAL A 79 3.92 5.83 -0.34
C VAL A 79 3.45 7.00 -1.19
N MET A 80 2.42 7.69 -0.73
CA MET A 80 1.92 8.85 -1.43
C MET A 80 2.90 10.01 -1.30
N ASP A 81 3.67 10.01 -0.22
CA ASP A 81 4.73 11.00 -0.03
C ASP A 81 5.78 10.85 -1.10
N ILE A 82 6.12 9.60 -1.42
CA ILE A 82 7.08 9.28 -2.46
C ILE A 82 6.58 9.77 -3.83
N LEU A 83 5.28 9.73 -4.01
CA LEU A 83 4.67 10.05 -5.29
C LEU A 83 4.44 11.55 -5.45
N ARG A 84 4.36 12.27 -4.34
CA ARG A 84 4.11 13.70 -4.39
C ARG A 84 5.41 14.48 -4.32
N GLU A 85 6.50 13.75 -4.18
CA GLU A 85 7.80 14.37 -3.99
C GLU A 85 8.70 14.02 -5.17
N GLY A 1 -2.35 -8.83 17.33
CA GLY A 1 -2.33 -7.69 16.43
C GLY A 1 -3.51 -7.69 15.49
N GLN A 2 -4.70 -7.52 16.05
CA GLN A 2 -5.93 -7.51 15.27
C GLN A 2 -6.08 -6.20 14.51
N PHE A 3 -5.17 -5.97 13.58
CA PHE A 3 -5.18 -4.80 12.71
C PHE A 3 -5.21 -3.50 13.53
N HIS A 4 -4.46 -3.47 14.60
CA HIS A 4 -4.29 -2.25 15.38
C HIS A 4 -2.95 -2.31 16.10
N ASP A 5 -1.98 -2.91 15.42
CA ASP A 5 -0.64 -3.18 15.96
C ASP A 5 -0.71 -4.20 17.09
N ASN A 6 -1.36 -3.80 18.19
CA ASN A 6 -1.47 -4.64 19.37
C ASN A 6 -2.80 -4.37 20.08
N ALA A 7 -3.80 -5.18 19.75
CA ALA A 7 -5.17 -5.04 20.27
C ALA A 7 -5.86 -3.80 19.70
N ASN A 8 -7.12 -3.97 19.31
CA ASN A 8 -7.92 -2.85 18.80
C ASN A 8 -8.89 -2.35 19.86
N GLY A 9 -9.42 -1.17 19.65
CA GLY A 9 -10.44 -0.63 20.53
C GLY A 9 -11.74 -0.42 19.81
N GLY A 10 -12.47 -1.51 19.58
CA GLY A 10 -13.73 -1.42 18.86
C GLY A 10 -13.69 -2.17 17.55
N GLN A 11 -13.52 -1.44 16.46
CA GLN A 11 -13.43 -2.04 15.14
C GLN A 11 -12.01 -2.50 14.85
N ASN A 12 -11.88 -3.55 14.05
CA ASN A 12 -10.57 -4.04 13.62
C ASN A 12 -10.54 -4.17 12.11
N GLY A 13 -9.40 -3.85 11.51
CA GLY A 13 -9.26 -3.99 10.07
C GLY A 13 -9.49 -2.69 9.34
N THR A 14 -8.41 -2.05 8.92
CA THR A 14 -8.50 -0.83 8.13
C THR A 14 -7.71 -0.99 6.83
N VAL A 15 -8.36 -0.65 5.73
CA VAL A 15 -7.75 -0.76 4.42
C VAL A 15 -7.93 0.54 3.64
N GLN A 16 -6.83 1.05 3.11
CA GLN A 16 -6.87 2.27 2.31
C GLN A 16 -6.71 1.96 0.83
N GLU A 17 -7.72 2.32 0.05
CA GLU A 17 -7.66 2.18 -1.39
C GLU A 17 -7.17 3.47 -2.03
N ILE A 18 -5.94 3.42 -2.53
CA ILE A 18 -5.33 4.58 -3.16
C ILE A 18 -5.28 4.37 -4.66
N MET A 19 -5.49 5.43 -5.42
CA MET A 19 -5.45 5.36 -6.87
C MET A 19 -4.15 5.95 -7.36
N ILE A 20 -3.16 5.08 -7.52
CA ILE A 20 -1.83 5.53 -7.87
C ILE A 20 -1.76 5.87 -9.34
N PRO A 21 -1.26 7.09 -9.67
CA PRO A 21 -1.06 7.50 -11.07
C PRO A 21 -0.33 6.43 -11.86
N ALA A 22 -0.85 6.14 -13.05
CA ALA A 22 -0.39 5.02 -13.88
C ALA A 22 1.13 4.92 -13.94
N GLY A 23 1.78 5.98 -14.37
CA GLY A 23 3.22 5.96 -14.56
C GLY A 23 3.99 6.11 -13.26
N LYS A 24 3.30 6.50 -12.20
CA LYS A 24 3.93 6.77 -10.92
C LYS A 24 4.03 5.48 -10.08
N ALA A 25 3.70 4.36 -10.71
CA ALA A 25 3.75 3.06 -10.05
C ALA A 25 5.19 2.68 -9.71
N GLY A 26 6.14 3.30 -10.39
CA GLY A 26 7.54 3.04 -10.16
C GLY A 26 7.98 3.44 -8.76
N LEU A 27 7.16 4.25 -8.09
CA LEU A 27 7.49 4.71 -6.75
C LEU A 27 6.85 3.83 -5.68
N VAL A 28 5.59 3.44 -5.89
CA VAL A 28 4.90 2.58 -4.93
C VAL A 28 5.48 1.16 -4.96
N ILE A 29 5.82 0.71 -6.14
CA ILE A 29 6.39 -0.62 -6.31
C ILE A 29 7.90 -0.55 -6.12
N GLY A 30 8.46 0.58 -6.51
CA GLY A 30 9.87 0.81 -6.36
C GLY A 30 10.65 0.40 -7.58
N LYS A 31 11.93 0.73 -7.60
CA LYS A 31 12.78 0.41 -8.73
C LYS A 31 13.17 -1.07 -8.71
N GLY A 32 12.19 -1.94 -8.89
CA GLY A 32 12.45 -3.36 -8.99
C GLY A 32 11.52 -4.19 -8.13
N GLY A 33 10.56 -3.54 -7.51
CA GLY A 33 9.62 -4.23 -6.65
C GLY A 33 10.15 -4.37 -5.23
N GLU A 34 11.41 -4.01 -5.04
CA GLU A 34 12.05 -4.10 -3.73
C GLU A 34 11.38 -3.15 -2.74
N THR A 35 10.93 -2.01 -3.23
CA THR A 35 10.29 -1.03 -2.38
C THR A 35 8.99 -1.58 -1.79
N ILE A 36 8.06 -2.00 -2.66
CA ILE A 36 6.78 -2.53 -2.20
C ILE A 36 6.99 -3.77 -1.32
N LYS A 37 8.05 -4.50 -1.62
CA LYS A 37 8.46 -5.63 -0.80
C LYS A 37 8.80 -5.17 0.63
N GLN A 38 9.64 -4.15 0.73
CA GLN A 38 10.12 -3.66 2.01
C GLN A 38 8.98 -3.04 2.80
N LEU A 39 8.10 -2.33 2.10
CA LEU A 39 6.99 -1.63 2.74
C LEU A 39 6.13 -2.56 3.58
N GLN A 40 5.80 -3.72 3.01
CA GLN A 40 4.99 -4.72 3.70
C GLN A 40 5.68 -5.20 4.96
N GLU A 41 7.00 -5.28 4.92
CA GLU A 41 7.78 -5.78 6.03
C GLU A 41 7.99 -4.71 7.10
N ARG A 42 8.35 -3.50 6.64
CA ARG A 42 8.71 -2.42 7.56
C ARG A 42 7.50 -1.81 8.26
N ALA A 43 6.43 -1.58 7.52
CA ALA A 43 5.28 -0.86 8.07
C ALA A 43 4.35 -1.79 8.83
N GLY A 44 4.52 -3.09 8.64
CA GLY A 44 3.67 -4.06 9.31
C GLY A 44 2.27 -4.08 8.72
N VAL A 45 2.17 -3.67 7.47
CA VAL A 45 0.89 -3.62 6.78
C VAL A 45 0.95 -4.43 5.50
N LYS A 46 -0.19 -4.76 4.96
CA LYS A 46 -0.25 -5.44 3.68
C LYS A 46 -0.59 -4.44 2.60
N MET A 47 0.27 -4.32 1.61
CA MET A 47 0.00 -3.47 0.46
C MET A 47 -0.24 -4.34 -0.75
N ILE A 48 -1.44 -4.30 -1.28
CA ILE A 48 -1.72 -5.01 -2.50
C ILE A 48 -1.94 -4.03 -3.63
N LEU A 49 -0.93 -3.94 -4.48
CA LEU A 49 -0.96 -3.07 -5.65
C LEU A 49 -1.59 -3.82 -6.81
N ILE A 50 -2.82 -3.46 -7.16
CA ILE A 50 -3.52 -4.14 -8.23
C ILE A 50 -2.95 -3.75 -9.59
N GLN A 51 -1.89 -4.44 -9.95
CA GLN A 51 -1.32 -4.37 -11.28
C GLN A 51 -1.29 -5.77 -11.87
N ASP A 52 -1.05 -6.73 -10.98
CA ASP A 52 -1.08 -8.15 -11.34
C ASP A 52 -2.53 -8.59 -11.49
N GLY A 53 -3.43 -7.75 -10.98
CA GLY A 53 -4.85 -8.01 -11.11
C GLY A 53 -5.40 -7.50 -12.42
N SER A 54 -4.48 -7.15 -13.33
CA SER A 54 -4.81 -6.62 -14.66
C SER A 54 -5.79 -5.44 -14.58
N GLN A 55 -6.49 -5.17 -15.68
CA GLN A 55 -7.47 -4.10 -15.76
C GLN A 55 -6.82 -2.72 -15.61
N ASN A 56 -6.59 -2.31 -14.38
CA ASN A 56 -6.06 -0.97 -14.12
C ASN A 56 -4.53 -0.99 -14.07
N THR A 57 -3.94 -2.02 -14.63
CA THR A 57 -2.49 -2.07 -14.77
C THR A 57 -2.06 -0.99 -15.77
N ASN A 58 -2.99 -0.60 -16.62
CA ASN A 58 -2.77 0.47 -17.58
C ASN A 58 -3.04 1.83 -16.93
N VAL A 59 -4.17 1.94 -16.26
CA VAL A 59 -4.63 3.21 -15.70
C VAL A 59 -4.19 3.38 -14.24
N ASP A 60 -4.94 4.20 -13.48
CA ASP A 60 -4.69 4.40 -12.06
C ASP A 60 -4.66 3.06 -11.34
N LYS A 61 -3.75 2.94 -10.38
CA LYS A 61 -3.47 1.66 -9.76
C LYS A 61 -4.28 1.50 -8.49
N PRO A 62 -5.15 0.48 -8.44
CA PRO A 62 -5.90 0.14 -7.23
C PRO A 62 -4.96 -0.35 -6.14
N LEU A 63 -4.72 0.50 -5.17
CA LEU A 63 -3.84 0.16 -4.06
C LEU A 63 -4.69 -0.15 -2.83
N ARG A 64 -4.35 -1.20 -2.11
CA ARG A 64 -5.02 -1.48 -0.85
C ARG A 64 -4.01 -1.75 0.25
N ILE A 65 -3.90 -0.80 1.17
CA ILE A 65 -3.10 -0.99 2.37
C ILE A 65 -3.99 -1.53 3.47
N ILE A 66 -3.84 -2.81 3.76
CA ILE A 66 -4.71 -3.49 4.71
C ILE A 66 -3.96 -3.73 6.03
N GLY A 67 -4.54 -3.28 7.13
CA GLY A 67 -3.96 -3.56 8.43
C GLY A 67 -4.46 -2.61 9.50
N ASP A 68 -3.52 -2.04 10.23
CA ASP A 68 -3.82 -1.15 11.35
C ASP A 68 -3.97 0.28 10.90
N PRO A 69 -5.04 0.96 11.37
CA PRO A 69 -5.40 2.33 10.94
C PRO A 69 -4.26 3.32 11.08
N TYR A 70 -3.35 3.03 12.00
CA TYR A 70 -2.24 3.92 12.29
C TYR A 70 -1.10 3.69 11.30
N LYS A 71 -0.62 2.46 11.22
CA LYS A 71 0.46 2.12 10.31
C LYS A 71 0.01 2.14 8.86
N VAL A 72 -1.27 1.90 8.62
CA VAL A 72 -1.82 2.03 7.27
C VAL A 72 -1.68 3.47 6.78
N GLN A 73 -1.91 4.42 7.66
CA GLN A 73 -1.82 5.82 7.30
C GLN A 73 -0.36 6.24 7.16
N GLN A 74 0.47 5.80 8.11
CA GLN A 74 1.88 6.09 8.06
C GLN A 74 2.51 5.49 6.82
N ALA A 75 2.04 4.32 6.43
CA ALA A 75 2.53 3.66 5.24
C ALA A 75 1.97 4.34 3.99
N CYS A 76 0.75 4.83 4.09
CA CYS A 76 0.13 5.57 3.01
C CYS A 76 0.91 6.84 2.73
N GLU A 77 1.07 7.68 3.75
CA GLU A 77 1.82 8.91 3.58
C GLU A 77 3.28 8.61 3.29
N MET A 78 3.74 7.44 3.71
CA MET A 78 5.10 6.98 3.39
C MET A 78 5.30 6.92 1.89
N VAL A 79 4.39 6.21 1.22
CA VAL A 79 4.50 6.03 -0.23
C VAL A 79 3.91 7.23 -0.98
N MET A 80 2.84 7.80 -0.43
CA MET A 80 2.18 8.94 -1.05
C MET A 80 3.11 10.15 -1.06
N ASP A 81 3.91 10.28 0.00
CA ASP A 81 4.88 11.35 0.08
C ASP A 81 5.88 11.26 -1.06
N ILE A 82 6.28 10.02 -1.38
CA ILE A 82 7.17 9.76 -2.50
C ILE A 82 6.48 10.13 -3.80
N LEU A 83 5.20 9.79 -3.89
CA LEU A 83 4.41 10.06 -5.09
C LEU A 83 4.26 11.56 -5.33
N ARG A 84 4.15 12.32 -4.24
CA ARG A 84 3.95 13.76 -4.34
C ARG A 84 5.28 14.51 -4.24
N GLU A 85 6.37 13.76 -4.29
CA GLU A 85 7.69 14.36 -4.16
C GLU A 85 8.40 14.38 -5.50
N GLY A 1 -9.34 -9.78 18.41
CA GLY A 1 -8.56 -9.42 17.26
C GLY A 1 -8.50 -7.92 17.04
N GLN A 2 -7.89 -7.22 17.98
CA GLN A 2 -7.67 -5.80 17.80
C GLN A 2 -6.79 -5.59 16.57
N PHE A 3 -7.01 -4.49 15.86
CA PHE A 3 -6.42 -4.27 14.55
C PHE A 3 -4.93 -4.58 14.55
N HIS A 4 -4.55 -5.47 13.64
CA HIS A 4 -3.20 -5.99 13.58
C HIS A 4 -2.80 -6.12 12.12
N ASP A 5 -1.54 -6.38 11.86
CA ASP A 5 -1.09 -6.62 10.50
C ASP A 5 -1.68 -7.91 9.92
N ASN A 6 -1.25 -9.05 10.46
CA ASN A 6 -1.72 -10.34 9.96
C ASN A 6 -3.03 -10.73 10.61
N ALA A 7 -2.98 -11.13 11.89
CA ALA A 7 -4.15 -11.59 12.59
C ALA A 7 -4.96 -10.43 13.17
N ASN A 8 -5.87 -9.90 12.35
CA ASN A 8 -6.78 -8.86 12.82
C ASN A 8 -8.21 -9.37 12.82
N GLY A 9 -9.02 -8.84 13.73
CA GLY A 9 -10.38 -9.30 13.88
C GLY A 9 -11.39 -8.34 13.29
N GLY A 10 -12.02 -8.77 12.22
CA GLY A 10 -12.97 -7.93 11.52
C GLY A 10 -13.12 -8.41 10.09
N GLN A 11 -12.97 -7.51 9.14
CA GLN A 11 -12.88 -7.90 7.75
C GLN A 11 -11.67 -7.23 7.13
N ASN A 12 -10.59 -8.01 6.99
CA ASN A 12 -9.28 -7.50 6.54
C ASN A 12 -8.72 -6.44 7.48
N GLY A 13 -9.47 -6.07 8.51
CA GLY A 13 -9.05 -5.01 9.40
C GLY A 13 -9.36 -3.64 8.83
N THR A 14 -8.33 -2.87 8.55
CA THR A 14 -8.48 -1.58 7.91
C THR A 14 -7.71 -1.56 6.59
N VAL A 15 -8.36 -1.13 5.53
CA VAL A 15 -7.76 -1.16 4.20
C VAL A 15 -8.08 0.09 3.39
N GLN A 16 -7.03 0.80 2.97
CA GLN A 16 -7.19 1.93 2.07
C GLN A 16 -6.94 1.50 0.63
N GLU A 17 -7.48 2.25 -0.31
CA GLU A 17 -7.35 1.94 -1.73
C GLU A 17 -6.91 3.16 -2.51
N ILE A 18 -5.67 3.14 -2.95
CA ILE A 18 -5.12 4.24 -3.72
C ILE A 18 -5.10 3.87 -5.20
N MET A 19 -5.22 4.86 -6.05
CA MET A 19 -5.15 4.64 -7.49
C MET A 19 -3.86 5.23 -8.03
N ILE A 20 -2.83 4.41 -8.10
CA ILE A 20 -1.50 4.88 -8.48
C ILE A 20 -1.37 4.99 -9.99
N PRO A 21 -0.94 6.16 -10.50
CA PRO A 21 -0.69 6.34 -11.93
C PRO A 21 0.23 5.26 -12.47
N ALA A 22 -0.12 4.74 -13.65
CA ALA A 22 0.55 3.58 -14.24
C ALA A 22 2.05 3.79 -14.43
N GLY A 23 2.47 5.04 -14.64
CA GLY A 23 3.88 5.32 -14.82
C GLY A 23 4.57 5.60 -13.50
N LYS A 24 3.79 5.96 -12.49
CA LYS A 24 4.32 6.32 -11.18
C LYS A 24 4.38 5.09 -10.28
N ALA A 25 3.93 3.96 -10.83
CA ALA A 25 3.93 2.69 -10.09
C ALA A 25 5.36 2.25 -9.74
N GLY A 26 6.32 2.79 -10.49
CA GLY A 26 7.72 2.51 -10.23
C GLY A 26 8.16 2.94 -8.83
N LEU A 27 7.36 3.80 -8.20
CA LEU A 27 7.68 4.28 -6.87
C LEU A 27 7.00 3.42 -5.79
N VAL A 28 5.71 3.15 -5.97
CA VAL A 28 4.96 2.32 -5.01
C VAL A 28 5.48 0.88 -4.99
N ILE A 29 5.79 0.37 -6.17
CA ILE A 29 6.32 -0.99 -6.28
C ILE A 29 7.82 -0.95 -6.09
N GLY A 30 8.41 0.14 -6.53
CA GLY A 30 9.84 0.29 -6.45
C GLY A 30 10.51 -0.10 -7.73
N LYS A 31 11.83 0.02 -7.77
CA LYS A 31 12.58 -0.31 -8.96
C LYS A 31 12.82 -1.82 -9.04
N GLY A 32 11.72 -2.57 -9.15
CA GLY A 32 11.82 -4.01 -9.30
C GLY A 32 10.87 -4.75 -8.38
N GLY A 33 10.44 -4.07 -7.33
CA GLY A 33 9.59 -4.71 -6.35
C GLY A 33 10.24 -4.79 -4.99
N GLU A 34 11.47 -4.28 -4.91
CA GLU A 34 12.22 -4.28 -3.66
C GLU A 34 11.70 -3.22 -2.71
N THR A 35 11.20 -2.11 -3.27
CA THR A 35 10.72 -1.02 -2.47
C THR A 35 9.42 -1.41 -1.75
N ILE A 36 8.48 -1.98 -2.49
CA ILE A 36 7.23 -2.43 -1.88
C ILE A 36 7.50 -3.52 -0.85
N LYS A 37 8.54 -4.32 -1.11
CA LYS A 37 9.01 -5.32 -0.17
C LYS A 37 9.35 -4.69 1.18
N GLN A 38 10.05 -3.56 1.12
CA GLN A 38 10.49 -2.86 2.31
C GLN A 38 9.34 -2.16 3.01
N LEU A 39 8.45 -1.56 2.22
CA LEU A 39 7.33 -0.79 2.75
C LEU A 39 6.48 -1.61 3.71
N GLN A 40 6.15 -2.82 3.29
CA GLN A 40 5.27 -3.68 4.07
C GLN A 40 5.88 -4.02 5.42
N GLU A 41 7.17 -4.34 5.43
CA GLU A 41 7.83 -4.77 6.65
C GLU A 41 8.17 -3.61 7.57
N ARG A 42 8.52 -2.46 6.99
CA ARG A 42 8.91 -1.30 7.78
C ARG A 42 7.69 -0.65 8.43
N ALA A 43 6.55 -0.73 7.77
CA ALA A 43 5.33 -0.13 8.28
C ALA A 43 4.57 -1.10 9.17
N GLY A 44 4.74 -2.39 8.90
CA GLY A 44 4.05 -3.41 9.65
C GLY A 44 2.64 -3.65 9.15
N VAL A 45 2.45 -3.49 7.85
CA VAL A 45 1.16 -3.71 7.20
C VAL A 45 1.33 -4.42 5.89
N LYS A 46 0.22 -4.68 5.22
CA LYS A 46 0.26 -5.27 3.90
C LYS A 46 -0.15 -4.25 2.86
N MET A 47 0.70 -4.01 1.88
CA MET A 47 0.36 -3.15 0.77
C MET A 47 0.41 -3.97 -0.51
N ILE A 48 -0.74 -4.15 -1.14
CA ILE A 48 -0.79 -4.96 -2.33
C ILE A 48 -0.91 -4.08 -3.57
N LEU A 49 0.17 -4.03 -4.33
CA LEU A 49 0.16 -3.34 -5.60
C LEU A 49 -0.43 -4.25 -6.67
N ILE A 50 -1.68 -4.02 -7.02
CA ILE A 50 -2.34 -4.83 -8.01
C ILE A 50 -1.96 -4.33 -9.40
N GLN A 51 -0.86 -4.87 -9.91
CA GLN A 51 -0.28 -4.42 -11.16
C GLN A 51 -1.14 -4.83 -12.35
N ASP A 52 -1.72 -6.03 -12.29
CA ASP A 52 -2.60 -6.52 -13.35
C ASP A 52 -3.91 -7.05 -12.80
N GLY A 53 -4.67 -6.17 -12.15
CA GLY A 53 -6.02 -6.55 -11.73
C GLY A 53 -7.05 -6.19 -12.77
N SER A 54 -6.58 -5.71 -13.92
CA SER A 54 -7.42 -5.28 -15.03
C SER A 54 -8.28 -4.07 -14.63
N GLN A 55 -9.23 -3.72 -15.49
CA GLN A 55 -10.14 -2.58 -15.28
C GLN A 55 -9.39 -1.25 -15.35
N ASN A 56 -8.70 -0.91 -14.27
CA ASN A 56 -7.98 0.35 -14.20
C ASN A 56 -6.49 0.15 -14.44
N THR A 57 -6.10 -1.02 -14.92
CA THR A 57 -4.69 -1.28 -15.19
C THR A 57 -4.15 -0.35 -16.25
N ASN A 58 -5.01 0.01 -17.19
CA ASN A 58 -4.63 0.88 -18.31
C ASN A 58 -4.49 2.34 -17.84
N VAL A 59 -4.92 2.63 -16.63
CA VAL A 59 -4.95 3.99 -16.13
C VAL A 59 -4.22 4.15 -14.80
N ASP A 60 -4.70 3.45 -13.82
CA ASP A 60 -4.28 3.59 -12.45
C ASP A 60 -3.72 2.27 -11.97
N LYS A 61 -3.61 2.15 -10.65
CA LYS A 61 -3.13 0.93 -10.03
C LYS A 61 -3.79 0.77 -8.67
N PRO A 62 -4.63 -0.25 -8.51
CA PRO A 62 -5.30 -0.54 -7.24
C PRO A 62 -4.30 -0.89 -6.15
N LEU A 63 -4.16 0.00 -5.18
CA LEU A 63 -3.28 -0.22 -4.05
C LEU A 63 -4.09 -0.40 -2.78
N ARG A 64 -4.19 -1.63 -2.32
CA ARG A 64 -4.88 -1.92 -1.09
C ARG A 64 -3.90 -2.04 0.06
N ILE A 65 -4.00 -1.09 0.98
CA ILE A 65 -3.17 -1.08 2.17
C ILE A 65 -3.96 -1.66 3.32
N ILE A 66 -3.65 -2.89 3.68
CA ILE A 66 -4.47 -3.65 4.60
C ILE A 66 -3.72 -3.88 5.91
N GLY A 67 -4.41 -3.63 7.03
CA GLY A 67 -3.85 -3.93 8.32
C GLY A 67 -4.46 -3.10 9.44
N ASP A 68 -3.62 -2.31 10.10
CA ASP A 68 -4.03 -1.53 11.26
C ASP A 68 -4.22 -0.06 10.87
N PRO A 69 -5.31 0.59 11.31
CA PRO A 69 -5.65 1.95 10.91
C PRO A 69 -4.46 2.91 10.92
N TYR A 70 -3.65 2.82 11.97
CA TYR A 70 -2.58 3.77 12.20
C TYR A 70 -1.46 3.59 11.18
N LYS A 71 -1.03 2.36 10.96
CA LYS A 71 0.03 2.10 10.02
C LYS A 71 -0.48 2.02 8.59
N VAL A 72 -1.78 1.79 8.42
CA VAL A 72 -2.38 1.92 7.10
C VAL A 72 -2.33 3.38 6.66
N GLN A 73 -2.55 4.27 7.61
CA GLN A 73 -2.43 5.69 7.38
C GLN A 73 -0.97 6.08 7.16
N GLN A 74 -0.09 5.62 8.06
CA GLN A 74 1.33 5.92 7.96
C GLN A 74 1.94 5.39 6.67
N ALA A 75 1.47 4.24 6.23
CA ALA A 75 1.93 3.66 4.97
C ALA A 75 1.43 4.49 3.79
N CYS A 76 0.18 4.95 3.88
CA CYS A 76 -0.42 5.75 2.83
C CYS A 76 0.30 7.09 2.68
N GLU A 77 0.46 7.80 3.79
CA GLU A 77 1.14 9.09 3.77
C GLU A 77 2.61 8.92 3.36
N MET A 78 3.13 7.73 3.59
CA MET A 78 4.51 7.41 3.26
C MET A 78 4.67 7.26 1.75
N VAL A 79 3.84 6.43 1.14
CA VAL A 79 3.96 6.14 -0.29
C VAL A 79 3.42 7.27 -1.13
N MET A 80 2.37 7.92 -0.64
CA MET A 80 1.79 9.07 -1.32
C MET A 80 2.81 10.19 -1.40
N ASP A 81 3.61 10.31 -0.34
CA ASP A 81 4.64 11.33 -0.28
C ASP A 81 5.73 11.06 -1.30
N ILE A 82 6.05 9.77 -1.49
CA ILE A 82 7.06 9.37 -2.47
C ILE A 82 6.62 9.75 -3.88
N LEU A 83 5.31 9.69 -4.11
CA LEU A 83 4.76 9.95 -5.42
C LEU A 83 4.80 11.43 -5.79
N ARG A 84 4.94 12.29 -4.79
CA ARG A 84 4.90 13.72 -5.02
C ARG A 84 6.26 14.35 -4.79
N GLU A 85 7.10 13.64 -4.07
CA GLU A 85 8.40 14.13 -3.69
C GLU A 85 9.50 13.32 -4.37
N GLY A 1 -11.20 -4.97 14.05
CA GLY A 1 -9.87 -5.25 13.54
C GLY A 1 -8.94 -4.06 13.53
N GLN A 2 -8.69 -3.51 14.70
CA GLN A 2 -7.52 -2.68 14.87
C GLN A 2 -6.32 -3.63 14.97
N PHE A 3 -5.15 -3.13 15.30
CA PHE A 3 -4.00 -4.02 15.35
C PHE A 3 -4.13 -5.06 16.46
N HIS A 4 -5.00 -4.77 17.43
CA HIS A 4 -5.22 -5.64 18.59
C HIS A 4 -4.01 -5.65 19.51
N ASP A 5 -3.89 -4.57 20.30
CA ASP A 5 -2.81 -4.40 21.29
C ASP A 5 -1.46 -4.11 20.61
N ASN A 6 -1.03 -5.01 19.76
CA ASN A 6 0.27 -4.88 19.10
C ASN A 6 0.13 -5.25 17.64
N ALA A 7 1.25 -5.51 16.97
CA ALA A 7 1.21 -5.97 15.60
C ALA A 7 0.76 -7.43 15.55
N ASN A 8 -0.54 -7.64 15.73
CA ASN A 8 -1.07 -8.99 15.88
C ASN A 8 -1.27 -9.65 14.51
N GLY A 9 -0.16 -10.08 13.92
CA GLY A 9 -0.22 -10.77 12.65
C GLY A 9 0.14 -9.87 11.48
N GLY A 10 0.36 -8.59 11.75
CA GLY A 10 0.68 -7.65 10.70
C GLY A 10 -0.57 -7.18 9.97
N GLN A 11 -1.17 -8.08 9.20
CA GLN A 11 -2.42 -7.80 8.52
C GLN A 11 -3.55 -7.84 9.54
N ASN A 12 -4.32 -6.76 9.63
CA ASN A 12 -5.30 -6.63 10.69
C ASN A 12 -6.72 -6.51 10.14
N GLY A 13 -7.12 -5.31 9.69
CA GLY A 13 -8.48 -5.14 9.20
C GLY A 13 -8.64 -3.94 8.28
N THR A 14 -8.15 -2.79 8.72
CA THR A 14 -8.27 -1.55 7.96
C THR A 14 -7.54 -1.63 6.62
N VAL A 15 -8.25 -1.27 5.56
CA VAL A 15 -7.68 -1.26 4.22
C VAL A 15 -7.76 0.14 3.62
N GLN A 16 -6.63 0.63 3.15
CA GLN A 16 -6.59 1.92 2.48
C GLN A 16 -6.39 1.70 0.98
N GLU A 17 -7.39 2.05 0.19
CA GLU A 17 -7.29 1.94 -1.27
C GLU A 17 -6.82 3.24 -1.90
N ILE A 18 -5.70 3.16 -2.60
CA ILE A 18 -5.15 4.31 -3.32
C ILE A 18 -5.17 4.02 -4.81
N MET A 19 -5.38 5.05 -5.62
CA MET A 19 -5.32 4.91 -7.06
C MET A 19 -4.05 5.55 -7.57
N ILE A 20 -3.06 4.71 -7.83
CA ILE A 20 -1.72 5.18 -8.13
C ILE A 20 -1.59 5.67 -9.57
N PRO A 21 -1.04 6.89 -9.76
CA PRO A 21 -0.76 7.47 -11.09
C PRO A 21 -0.11 6.47 -12.05
N ALA A 22 -0.66 6.39 -13.26
CA ALA A 22 -0.13 5.48 -14.28
C ALA A 22 1.21 5.99 -14.81
N GLY A 23 2.25 5.75 -14.03
CA GLY A 23 3.58 6.20 -14.35
C GLY A 23 4.42 6.28 -13.09
N LYS A 24 3.97 7.11 -12.16
CA LYS A 24 4.54 7.19 -10.83
C LYS A 24 4.39 5.85 -10.10
N ALA A 25 3.54 4.98 -10.65
CA ALA A 25 3.39 3.62 -10.15
C ALA A 25 4.73 2.89 -10.15
N GLY A 26 5.65 3.35 -11.00
CA GLY A 26 6.98 2.80 -11.03
C GLY A 26 7.71 2.96 -9.72
N LEU A 27 7.32 3.96 -8.94
CA LEU A 27 7.92 4.20 -7.64
C LEU A 27 7.15 3.49 -6.54
N VAL A 28 5.84 3.36 -6.73
CA VAL A 28 4.99 2.70 -5.75
C VAL A 28 5.29 1.19 -5.72
N ILE A 29 5.74 0.68 -6.86
CA ILE A 29 6.18 -0.70 -6.96
C ILE A 29 7.69 -0.77 -6.71
N GLY A 30 8.42 0.12 -7.37
CA GLY A 30 9.85 0.19 -7.20
C GLY A 30 10.59 -0.19 -8.45
N LYS A 31 11.86 -0.52 -8.30
CA LYS A 31 12.71 -0.86 -9.43
C LYS A 31 12.68 -2.37 -9.63
N GLY A 32 11.50 -2.96 -9.46
CA GLY A 32 11.36 -4.40 -9.59
C GLY A 32 10.36 -4.97 -8.60
N GLY A 33 10.13 -4.24 -7.52
CA GLY A 33 9.18 -4.71 -6.52
C GLY A 33 9.79 -4.73 -5.13
N GLU A 34 11.01 -4.24 -5.02
CA GLU A 34 11.70 -4.17 -3.75
C GLU A 34 11.25 -2.97 -2.94
N THR A 35 10.82 -1.92 -3.61
CA THR A 35 10.36 -0.72 -2.93
C THR A 35 9.04 -0.98 -2.23
N ILE A 36 8.07 -1.56 -2.95
CA ILE A 36 6.79 -1.93 -2.36
C ILE A 36 6.99 -2.92 -1.22
N LYS A 37 8.00 -3.78 -1.35
CA LYS A 37 8.36 -4.71 -0.29
C LYS A 37 8.86 -3.96 0.95
N GLN A 38 9.74 -2.99 0.72
CA GLN A 38 10.33 -2.22 1.81
C GLN A 38 9.25 -1.49 2.59
N LEU A 39 8.24 -1.05 1.87
CA LEU A 39 7.12 -0.36 2.46
C LEU A 39 6.39 -1.28 3.44
N GLN A 40 6.19 -2.53 3.02
CA GLN A 40 5.56 -3.53 3.87
C GLN A 40 6.40 -3.78 5.11
N GLU A 41 7.70 -3.96 4.89
CA GLU A 41 8.64 -4.25 5.96
C GLU A 41 8.67 -3.14 7.02
N ARG A 42 8.59 -1.89 6.56
CA ARG A 42 8.80 -0.75 7.45
C ARG A 42 7.51 -0.26 8.11
N ALA A 43 6.38 -0.47 7.45
CA ALA A 43 5.11 0.05 7.95
C ALA A 43 4.37 -0.99 8.79
N GLY A 44 4.77 -2.25 8.66
CA GLY A 44 4.10 -3.31 9.41
C GLY A 44 2.75 -3.65 8.85
N VAL A 45 2.54 -3.29 7.60
CA VAL A 45 1.28 -3.53 6.92
C VAL A 45 1.52 -4.32 5.64
N LYS A 46 0.45 -4.66 4.95
CA LYS A 46 0.58 -5.28 3.65
C LYS A 46 0.03 -4.35 2.58
N MET A 47 0.85 -4.04 1.60
CA MET A 47 0.40 -3.23 0.48
C MET A 47 0.32 -4.10 -0.75
N ILE A 48 -0.89 -4.27 -1.26
CA ILE A 48 -1.07 -5.04 -2.47
C ILE A 48 -1.34 -4.12 -3.65
N LEU A 49 -0.33 -3.98 -4.49
CA LEU A 49 -0.47 -3.26 -5.75
C LEU A 49 -1.10 -4.19 -6.77
N ILE A 50 -2.24 -3.80 -7.32
CA ILE A 50 -2.91 -4.62 -8.32
C ILE A 50 -2.19 -4.49 -9.66
N GLN A 51 -1.17 -5.32 -9.82
CA GLN A 51 -0.36 -5.34 -11.03
C GLN A 51 -0.79 -6.53 -11.87
N ASP A 52 -0.68 -7.71 -11.25
CA ASP A 52 -1.07 -8.95 -11.88
C ASP A 52 -2.58 -9.00 -12.09
N GLY A 53 -3.30 -8.37 -11.16
CA GLY A 53 -4.75 -8.32 -11.24
C GLY A 53 -5.23 -7.44 -12.38
N SER A 54 -4.41 -6.45 -12.74
CA SER A 54 -4.73 -5.55 -13.84
C SER A 54 -6.01 -4.74 -13.55
N GLN A 55 -6.98 -4.76 -14.49
CA GLN A 55 -8.26 -4.07 -14.35
C GLN A 55 -8.08 -2.59 -14.66
N ASN A 56 -7.17 -1.97 -13.93
CA ASN A 56 -6.74 -0.61 -14.21
C ASN A 56 -5.41 -0.69 -14.94
N THR A 57 -5.42 -1.49 -16.01
CA THR A 57 -4.22 -1.82 -16.78
C THR A 57 -3.49 -0.59 -17.29
N ASN A 58 -4.25 0.36 -17.80
CA ASN A 58 -3.66 1.53 -18.44
C ASN A 58 -3.76 2.76 -17.55
N VAL A 59 -4.64 2.73 -16.58
CA VAL A 59 -4.92 3.90 -15.75
C VAL A 59 -4.37 3.75 -14.33
N ASP A 60 -4.93 4.55 -13.43
CA ASP A 60 -4.52 4.56 -12.02
C ASP A 60 -4.62 3.18 -11.38
N LYS A 61 -3.67 2.88 -10.51
CA LYS A 61 -3.49 1.55 -9.97
C LYS A 61 -4.17 1.38 -8.63
N PRO A 62 -4.92 0.29 -8.46
CA PRO A 62 -5.53 -0.08 -7.19
C PRO A 62 -4.48 -0.55 -6.18
N LEU A 63 -4.36 0.17 -5.09
CA LEU A 63 -3.43 -0.19 -4.03
C LEU A 63 -4.18 -0.34 -2.72
N ARG A 64 -4.03 -1.50 -2.09
CA ARG A 64 -4.66 -1.73 -0.80
C ARG A 64 -3.62 -1.86 0.30
N ILE A 65 -3.59 -0.86 1.17
CA ILE A 65 -2.78 -0.94 2.38
C ILE A 65 -3.61 -1.58 3.49
N ILE A 66 -3.31 -2.84 3.78
CA ILE A 66 -4.09 -3.61 4.73
C ILE A 66 -3.34 -3.75 6.05
N GLY A 67 -3.98 -3.34 7.14
CA GLY A 67 -3.37 -3.43 8.44
C GLY A 67 -4.22 -2.78 9.52
N ASP A 68 -3.60 -1.92 10.31
CA ASP A 68 -4.28 -1.21 11.40
C ASP A 68 -4.47 0.26 11.03
N PRO A 69 -5.57 0.90 11.44
CA PRO A 69 -5.84 2.31 11.12
C PRO A 69 -4.59 3.20 11.22
N TYR A 70 -3.77 2.96 12.24
CA TYR A 70 -2.60 3.78 12.51
C TYR A 70 -1.51 3.55 11.46
N LYS A 71 -1.08 2.29 11.30
CA LYS A 71 -0.04 1.98 10.32
C LYS A 71 -0.56 2.13 8.90
N VAL A 72 -1.85 1.92 8.71
CA VAL A 72 -2.44 2.08 7.40
C VAL A 72 -2.39 3.55 7.00
N GLN A 73 -2.56 4.42 7.98
CA GLN A 73 -2.46 5.84 7.74
C GLN A 73 -1.00 6.24 7.53
N GLN A 74 -0.11 5.77 8.40
CA GLN A 74 1.32 6.04 8.27
C GLN A 74 1.83 5.55 6.93
N ALA A 75 1.31 4.41 6.50
CA ALA A 75 1.69 3.81 5.24
C ALA A 75 1.14 4.60 4.06
N CYS A 76 -0.07 5.13 4.21
CA CYS A 76 -0.71 5.91 3.17
C CYS A 76 0.01 7.25 2.97
N GLU A 77 0.26 7.95 4.06
CA GLU A 77 0.98 9.22 3.98
C GLU A 77 2.40 9.00 3.50
N MET A 78 2.87 7.77 3.62
CA MET A 78 4.19 7.38 3.15
C MET A 78 4.18 7.16 1.64
N VAL A 79 3.22 6.36 1.16
CA VAL A 79 3.12 6.08 -0.28
C VAL A 79 2.69 7.32 -1.05
N MET A 80 1.82 8.13 -0.45
CA MET A 80 1.42 9.41 -1.03
C MET A 80 2.65 10.30 -1.19
N ASP A 81 3.55 10.23 -0.22
CA ASP A 81 4.78 11.01 -0.26
C ASP A 81 5.67 10.57 -1.42
N ILE A 82 5.79 9.26 -1.61
CA ILE A 82 6.61 8.71 -2.68
C ILE A 82 6.13 9.18 -4.04
N LEU A 83 4.82 9.27 -4.19
CA LEU A 83 4.21 9.64 -5.45
C LEU A 83 4.19 11.15 -5.64
N ARG A 84 4.46 11.87 -4.57
CA ARG A 84 4.42 13.33 -4.58
C ARG A 84 5.81 13.92 -4.64
N GLU A 85 6.79 13.11 -4.28
CA GLU A 85 8.17 13.53 -4.24
C GLU A 85 8.96 12.83 -5.34
N GLY A 1 -7.06 2.09 20.10
CA GLY A 1 -6.16 1.21 19.38
C GLY A 1 -6.83 -0.08 18.94
N GLN A 2 -7.83 0.04 18.09
CA GLN A 2 -8.53 -1.10 17.55
C GLN A 2 -7.86 -1.53 16.26
N PHE A 3 -6.89 -2.43 16.40
CA PHE A 3 -6.09 -2.88 15.26
C PHE A 3 -6.93 -3.62 14.24
N HIS A 4 -7.38 -4.83 14.60
CA HIS A 4 -8.03 -5.72 13.64
C HIS A 4 -7.14 -5.85 12.42
N ASP A 5 -5.85 -5.97 12.70
CA ASP A 5 -4.80 -5.90 11.69
C ASP A 5 -4.84 -7.09 10.74
N ASN A 6 -4.55 -6.81 9.46
CA ASN A 6 -4.66 -7.78 8.40
C ASN A 6 -6.08 -8.30 8.26
N ALA A 7 -6.42 -9.30 9.05
CA ALA A 7 -7.75 -9.86 9.05
C ALA A 7 -8.24 -10.05 10.48
N ASN A 8 -7.42 -10.71 11.29
CA ASN A 8 -7.74 -10.94 12.70
C ASN A 8 -9.13 -11.56 12.85
N GLY A 9 -9.33 -12.69 12.20
CA GLY A 9 -10.61 -13.38 12.26
C GLY A 9 -11.07 -13.83 10.90
N GLY A 10 -11.12 -12.90 9.96
CA GLY A 10 -11.53 -13.23 8.61
C GLY A 10 -11.63 -11.99 7.73
N GLN A 11 -12.58 -11.14 8.07
CA GLN A 11 -12.76 -9.89 7.35
C GLN A 11 -11.68 -8.91 7.77
N ASN A 12 -11.21 -8.10 6.83
CA ASN A 12 -10.05 -7.26 7.04
C ASN A 12 -10.39 -6.03 7.88
N GLY A 13 -9.38 -5.46 8.53
CA GLY A 13 -9.59 -4.28 9.34
C GLY A 13 -9.65 -3.01 8.52
N THR A 14 -8.68 -2.12 8.73
CA THR A 14 -8.63 -0.88 7.98
C THR A 14 -7.91 -1.07 6.67
N VAL A 15 -8.54 -0.66 5.58
CA VAL A 15 -7.95 -0.79 4.27
C VAL A 15 -8.19 0.47 3.43
N GLN A 16 -7.11 1.09 3.00
CA GLN A 16 -7.19 2.26 2.14
C GLN A 16 -6.88 1.87 0.70
N GLU A 17 -7.67 2.38 -0.23
CA GLU A 17 -7.48 2.11 -1.64
C GLU A 17 -7.04 3.36 -2.37
N ILE A 18 -5.82 3.33 -2.89
CA ILE A 18 -5.23 4.47 -3.56
C ILE A 18 -5.19 4.24 -5.06
N MET A 19 -5.13 5.32 -5.83
CA MET A 19 -4.98 5.24 -7.27
C MET A 19 -3.59 5.70 -7.65
N ILE A 20 -2.69 4.75 -7.83
CA ILE A 20 -1.30 5.07 -8.11
C ILE A 20 -1.10 5.37 -9.58
N PRO A 21 -0.52 6.53 -9.91
CA PRO A 21 -0.18 6.90 -11.28
C PRO A 21 0.60 5.80 -11.98
N ALA A 22 0.17 5.47 -13.20
CA ALA A 22 0.72 4.33 -13.95
C ALA A 22 2.22 4.44 -14.18
N GLY A 23 2.72 5.67 -14.30
CA GLY A 23 4.14 5.86 -14.49
C GLY A 23 4.90 5.84 -13.17
N LYS A 24 4.27 6.39 -12.14
CA LYS A 24 4.85 6.43 -10.80
C LYS A 24 4.68 5.11 -10.08
N ALA A 25 4.12 4.12 -10.77
CA ALA A 25 3.98 2.78 -10.23
C ALA A 25 5.36 2.19 -9.95
N GLY A 26 6.34 2.59 -10.73
CA GLY A 26 7.70 2.15 -10.52
C GLY A 26 8.28 2.64 -9.21
N LEU A 27 7.67 3.68 -8.64
CA LEU A 27 8.13 4.25 -7.38
C LEU A 27 7.54 3.48 -6.20
N VAL A 28 6.24 3.22 -6.25
CA VAL A 28 5.58 2.44 -5.20
C VAL A 28 6.09 1.00 -5.19
N ILE A 29 6.37 0.47 -6.37
CA ILE A 29 6.88 -0.88 -6.49
C ILE A 29 8.38 -0.91 -6.19
N GLY A 30 9.10 0.04 -6.75
CA GLY A 30 10.52 0.15 -6.50
C GLY A 30 11.36 -0.47 -7.59
N LYS A 31 11.07 -0.07 -8.83
CA LYS A 31 11.85 -0.49 -10.00
C LYS A 31 11.95 -2.01 -10.11
N GLY A 32 10.93 -2.72 -9.62
CA GLY A 32 10.96 -4.16 -9.66
C GLY A 32 10.24 -4.79 -8.49
N GLY A 33 10.34 -4.17 -7.31
CA GLY A 33 9.62 -4.69 -6.17
C GLY A 33 10.33 -4.48 -4.84
N GLU A 34 11.51 -3.88 -4.86
CA GLU A 34 12.25 -3.65 -3.62
C GLU A 34 11.49 -2.72 -2.69
N THR A 35 11.00 -1.60 -3.22
CA THR A 35 10.32 -0.60 -2.41
C THR A 35 9.04 -1.16 -1.80
N ILE A 36 8.16 -1.75 -2.62
CA ILE A 36 6.89 -2.29 -2.12
C ILE A 36 7.13 -3.33 -1.03
N LYS A 37 8.17 -4.12 -1.20
CA LYS A 37 8.56 -5.12 -0.21
C LYS A 37 8.95 -4.44 1.10
N GLN A 38 9.74 -3.37 0.99
CA GLN A 38 10.21 -2.64 2.16
C GLN A 38 9.07 -1.99 2.90
N LEU A 39 8.12 -1.46 2.14
CA LEU A 39 6.97 -0.76 2.69
C LEU A 39 6.18 -1.66 3.65
N GLN A 40 5.89 -2.87 3.21
CA GLN A 40 5.12 -3.82 4.00
C GLN A 40 5.81 -4.09 5.33
N GLU A 41 7.09 -4.44 5.25
CA GLU A 41 7.85 -4.86 6.41
C GLU A 41 8.10 -3.71 7.38
N ARG A 42 8.39 -2.53 6.84
CA ARG A 42 8.77 -1.39 7.68
C ARG A 42 7.57 -0.84 8.43
N ALA A 43 6.38 -1.00 7.86
CA ALA A 43 5.17 -0.49 8.49
C ALA A 43 4.46 -1.57 9.30
N GLY A 44 4.72 -2.82 8.95
CA GLY A 44 4.06 -3.94 9.61
C GLY A 44 2.67 -4.17 9.08
N VAL A 45 2.46 -3.81 7.83
CA VAL A 45 1.15 -3.89 7.20
C VAL A 45 1.23 -4.75 5.95
N LYS A 46 0.10 -4.93 5.29
CA LYS A 46 0.08 -5.58 4.00
C LYS A 46 -0.32 -4.57 2.94
N MET A 47 0.52 -4.41 1.93
CA MET A 47 0.23 -3.48 0.85
C MET A 47 0.24 -4.20 -0.47
N ILE A 48 -0.90 -4.24 -1.13
CA ILE A 48 -0.99 -4.92 -2.40
C ILE A 48 -1.10 -3.91 -3.56
N LEU A 49 -0.01 -3.79 -4.30
CA LEU A 49 -0.01 -2.99 -5.52
C LEU A 49 -0.57 -3.83 -6.66
N ILE A 50 -1.81 -3.57 -7.03
CA ILE A 50 -2.43 -4.29 -8.13
C ILE A 50 -1.99 -3.69 -9.46
N GLN A 51 -0.91 -4.22 -9.99
CA GLN A 51 -0.38 -3.74 -11.26
C GLN A 51 -0.68 -4.73 -12.37
N ASP A 52 -0.47 -6.01 -12.09
CA ASP A 52 -0.75 -7.06 -13.07
C ASP A 52 -2.24 -7.34 -13.14
N GLY A 53 -2.95 -6.97 -12.08
CA GLY A 53 -4.39 -7.11 -12.08
C GLY A 53 -5.03 -6.25 -13.14
N SER A 54 -5.98 -6.81 -13.87
CA SER A 54 -6.60 -6.12 -14.98
C SER A 54 -7.54 -5.02 -14.50
N GLN A 55 -8.35 -4.49 -15.42
CA GLN A 55 -9.21 -3.34 -15.17
C GLN A 55 -8.38 -2.07 -15.15
N ASN A 56 -7.44 -1.99 -14.22
CA ASN A 56 -6.57 -0.83 -14.11
C ASN A 56 -5.16 -1.17 -14.55
N THR A 57 -5.04 -2.18 -15.39
CA THR A 57 -3.75 -2.57 -15.94
C THR A 57 -3.17 -1.45 -16.80
N ASN A 58 -4.05 -0.67 -17.42
CA ASN A 58 -3.62 0.41 -18.31
C ASN A 58 -3.78 1.80 -17.66
N VAL A 59 -4.31 1.84 -16.44
CA VAL A 59 -4.55 3.11 -15.75
C VAL A 59 -3.93 3.13 -14.36
N ASP A 60 -4.46 4.01 -13.51
CA ASP A 60 -4.02 4.13 -12.12
C ASP A 60 -4.12 2.80 -11.39
N LYS A 61 -3.22 2.58 -10.46
CA LYS A 61 -3.07 1.27 -9.83
C LYS A 61 -3.83 1.20 -8.52
N PRO A 62 -4.69 0.19 -8.36
CA PRO A 62 -5.40 -0.08 -7.11
C PRO A 62 -4.44 -0.53 -6.01
N LEU A 63 -4.22 0.33 -5.04
CA LEU A 63 -3.36 0.02 -3.90
C LEU A 63 -4.18 -0.16 -2.65
N ARG A 64 -4.15 -1.35 -2.08
CA ARG A 64 -4.83 -1.61 -0.82
C ARG A 64 -3.82 -1.76 0.30
N ILE A 65 -3.84 -0.81 1.23
CA ILE A 65 -3.07 -0.90 2.44
C ILE A 65 -3.96 -1.47 3.53
N ILE A 66 -3.69 -2.70 3.94
CA ILE A 66 -4.59 -3.43 4.84
C ILE A 66 -3.96 -3.63 6.21
N GLY A 67 -4.72 -3.33 7.25
CA GLY A 67 -4.28 -3.61 8.60
C GLY A 67 -4.81 -2.64 9.64
N ASP A 68 -3.93 -2.20 10.51
CA ASP A 68 -4.25 -1.31 11.61
C ASP A 68 -4.37 0.15 11.15
N PRO A 69 -5.38 0.87 11.68
CA PRO A 69 -5.68 2.25 11.27
C PRO A 69 -4.51 3.22 11.47
N TYR A 70 -3.55 2.84 12.30
CA TYR A 70 -2.40 3.69 12.57
C TYR A 70 -1.31 3.47 11.53
N LYS A 71 -0.86 2.23 11.38
CA LYS A 71 0.19 1.93 10.41
C LYS A 71 -0.30 2.04 8.98
N VAL A 72 -1.57 1.73 8.74
CA VAL A 72 -2.14 1.88 7.40
C VAL A 72 -2.12 3.34 6.98
N GLN A 73 -2.35 4.22 7.94
CA GLN A 73 -2.40 5.64 7.67
C GLN A 73 -0.99 6.15 7.42
N GLN A 74 -0.05 5.72 8.25
CA GLN A 74 1.36 6.09 8.06
C GLN A 74 1.87 5.57 6.73
N ALA A 75 1.56 4.31 6.44
CA ALA A 75 2.00 3.66 5.22
C ALA A 75 1.40 4.35 4.00
N CYS A 76 0.17 4.82 4.14
CA CYS A 76 -0.49 5.58 3.09
C CYS A 76 0.21 6.91 2.87
N GLU A 77 0.53 7.61 3.95
CA GLU A 77 1.29 8.85 3.86
C GLU A 77 2.63 8.59 3.20
N MET A 78 3.25 7.50 3.61
CA MET A 78 4.55 7.09 3.11
C MET A 78 4.54 6.95 1.58
N VAL A 79 3.57 6.22 1.06
CA VAL A 79 3.52 5.97 -0.37
C VAL A 79 2.96 7.16 -1.13
N MET A 80 2.03 7.87 -0.50
CA MET A 80 1.47 9.08 -1.07
C MET A 80 2.57 10.12 -1.21
N ASP A 81 3.45 10.17 -0.21
CA ASP A 81 4.58 11.11 -0.23
C ASP A 81 5.50 10.84 -1.42
N ILE A 82 5.71 9.56 -1.74
CA ILE A 82 6.58 9.19 -2.85
C ILE A 82 5.98 9.68 -4.17
N LEU A 83 4.66 9.74 -4.22
CA LEU A 83 3.96 10.19 -5.42
C LEU A 83 3.80 11.70 -5.41
N ARG A 84 3.93 12.28 -4.23
CA ARG A 84 3.73 13.72 -4.02
C ARG A 84 5.08 14.45 -4.05
N GLU A 85 6.14 13.70 -4.16
CA GLU A 85 7.47 14.25 -4.18
C GLU A 85 7.98 14.38 -5.62
N GLY A 1 -13.67 -5.04 14.16
CA GLY A 1 -12.26 -5.11 13.87
C GLY A 1 -11.43 -4.34 14.88
N GLN A 2 -11.03 -5.04 15.93
CA GLN A 2 -10.19 -4.46 16.98
C GLN A 2 -8.95 -3.79 16.36
N PHE A 3 -8.19 -4.60 15.65
CA PHE A 3 -6.96 -4.14 15.03
C PHE A 3 -6.50 -5.13 13.98
N HIS A 4 -5.36 -4.87 13.39
CA HIS A 4 -4.76 -5.79 12.44
C HIS A 4 -3.29 -5.42 12.29
N ASP A 5 -2.61 -5.33 13.44
CA ASP A 5 -1.19 -5.00 13.50
C ASP A 5 -0.40 -5.80 12.47
N ASN A 6 -0.38 -7.11 12.63
CA ASN A 6 0.09 -7.99 11.58
C ASN A 6 -1.02 -8.96 11.22
N ALA A 7 -1.81 -9.33 12.22
CA ALA A 7 -2.95 -10.21 12.03
C ALA A 7 -4.00 -9.96 13.10
N ASN A 8 -5.06 -10.75 13.07
CA ASN A 8 -6.13 -10.70 14.06
C ASN A 8 -7.01 -11.93 13.86
N GLY A 9 -6.52 -13.07 14.29
CA GLY A 9 -7.20 -14.32 14.06
C GLY A 9 -7.33 -14.61 12.57
N GLY A 10 -8.52 -14.40 12.05
CA GLY A 10 -8.75 -14.54 10.62
C GLY A 10 -9.67 -13.45 10.11
N GLN A 11 -9.60 -12.30 10.76
CA GLN A 11 -10.48 -11.19 10.45
C GLN A 11 -9.68 -9.97 10.01
N ASN A 12 -10.20 -9.24 9.05
CA ASN A 12 -9.56 -8.04 8.53
C ASN A 12 -9.81 -6.85 9.44
N GLY A 13 -9.37 -5.67 9.03
CA GLY A 13 -9.54 -4.49 9.84
C GLY A 13 -9.65 -3.24 8.98
N THR A 14 -8.64 -2.38 9.07
CA THR A 14 -8.64 -1.15 8.31
C THR A 14 -7.87 -1.32 7.00
N VAL A 15 -8.52 -0.96 5.91
CA VAL A 15 -7.90 -1.01 4.59
C VAL A 15 -8.26 0.25 3.80
N GLN A 16 -7.24 0.93 3.31
CA GLN A 16 -7.45 2.13 2.51
C GLN A 16 -7.09 1.85 1.06
N GLU A 17 -8.04 2.09 0.17
CA GLU A 17 -7.83 1.88 -1.25
C GLU A 17 -7.53 3.19 -1.96
N ILE A 18 -6.37 3.25 -2.57
CA ILE A 18 -5.92 4.48 -3.22
C ILE A 18 -6.00 4.32 -4.74
N MET A 19 -6.20 5.43 -5.43
CA MET A 19 -6.09 5.47 -6.88
C MET A 19 -4.77 6.10 -7.27
N ILE A 20 -3.77 5.26 -7.44
CA ILE A 20 -2.41 5.74 -7.70
C ILE A 20 -2.26 6.13 -9.17
N PRO A 21 -1.65 7.29 -9.44
CA PRO A 21 -1.30 7.71 -10.80
C PRO A 21 -0.58 6.60 -11.57
N ALA A 22 -1.10 6.30 -12.76
CA ALA A 22 -0.57 5.23 -13.60
C ALA A 22 0.89 5.48 -13.95
N GLY A 23 1.23 6.74 -14.14
CA GLY A 23 2.58 7.10 -14.54
C GLY A 23 3.59 6.93 -13.43
N LYS A 24 3.17 7.16 -12.20
CA LYS A 24 4.08 7.06 -11.05
C LYS A 24 3.85 5.77 -10.28
N ALA A 25 3.12 4.84 -10.88
CA ALA A 25 2.84 3.55 -10.27
C ALA A 25 4.12 2.74 -10.09
N GLY A 26 5.08 2.97 -10.98
CA GLY A 26 6.34 2.27 -10.90
C GLY A 26 7.12 2.65 -9.65
N LEU A 27 6.92 3.87 -9.18
CA LEU A 27 7.64 4.37 -8.01
C LEU A 27 7.14 3.70 -6.73
N VAL A 28 5.84 3.49 -6.65
CA VAL A 28 5.23 2.89 -5.47
C VAL A 28 5.57 1.41 -5.38
N ILE A 29 5.79 0.78 -6.54
CA ILE A 29 6.20 -0.61 -6.58
C ILE A 29 7.71 -0.71 -6.33
N GLY A 30 8.42 0.29 -6.81
CA GLY A 30 9.85 0.36 -6.63
C GLY A 30 10.62 -0.05 -7.85
N LYS A 31 9.98 0.13 -9.00
CA LYS A 31 10.54 -0.19 -10.29
C LYS A 31 10.59 -1.70 -10.52
N GLY A 32 11.25 -2.43 -9.63
CA GLY A 32 11.36 -3.87 -9.79
C GLY A 32 10.39 -4.61 -8.91
N GLY A 33 10.22 -4.09 -7.69
CA GLY A 33 9.29 -4.70 -6.75
C GLY A 33 9.92 -4.97 -5.40
N GLU A 34 11.15 -4.49 -5.22
CA GLU A 34 11.83 -4.63 -3.95
C GLU A 34 11.30 -3.60 -2.95
N THR A 35 10.97 -2.42 -3.45
CA THR A 35 10.45 -1.34 -2.60
C THR A 35 9.12 -1.74 -1.97
N ILE A 36 8.18 -2.20 -2.78
CA ILE A 36 6.86 -2.59 -2.28
C ILE A 36 6.97 -3.66 -1.18
N LYS A 37 7.95 -4.55 -1.33
CA LYS A 37 8.16 -5.61 -0.35
C LYS A 37 8.67 -5.01 0.95
N GLN A 38 9.50 -3.98 0.83
CA GLN A 38 10.06 -3.30 1.98
C GLN A 38 9.00 -2.46 2.69
N LEU A 39 8.19 -1.77 1.89
CA LEU A 39 7.17 -0.87 2.41
C LEU A 39 6.26 -1.55 3.42
N GLN A 40 5.88 -2.78 3.10
CA GLN A 40 5.03 -3.59 3.98
C GLN A 40 5.64 -3.68 5.38
N GLU A 41 6.93 -3.98 5.42
CA GLU A 41 7.65 -4.12 6.67
C GLU A 41 7.76 -2.78 7.39
N ARG A 42 7.98 -1.72 6.61
CA ARG A 42 8.29 -0.39 7.16
C ARG A 42 7.21 0.09 8.10
N ALA A 43 5.96 -0.06 7.69
CA ALA A 43 4.85 0.45 8.47
C ALA A 43 4.27 -0.62 9.36
N GLY A 44 4.54 -1.88 9.02
CA GLY A 44 3.94 -2.98 9.73
C GLY A 44 2.54 -3.27 9.22
N VAL A 45 2.40 -3.34 7.90
CA VAL A 45 1.11 -3.57 7.26
C VAL A 45 1.26 -4.41 6.02
N LYS A 46 0.15 -4.82 5.46
CA LYS A 46 0.14 -5.57 4.22
C LYS A 46 -0.21 -4.61 3.08
N MET A 47 0.67 -4.50 2.11
CA MET A 47 0.43 -3.64 0.97
C MET A 47 0.32 -4.46 -0.29
N ILE A 48 -0.77 -4.28 -1.01
CA ILE A 48 -0.90 -4.91 -2.29
C ILE A 48 -1.04 -3.86 -3.39
N LEU A 49 0.04 -3.65 -4.12
CA LEU A 49 0.00 -2.83 -5.31
C LEU A 49 -0.60 -3.67 -6.42
N ILE A 50 -1.87 -3.44 -6.71
CA ILE A 50 -2.57 -4.24 -7.68
C ILE A 50 -2.14 -3.84 -9.09
N GLN A 51 -1.13 -4.52 -9.59
CA GLN A 51 -0.60 -4.26 -10.92
C GLN A 51 -0.57 -5.55 -11.74
N ASP A 52 -0.36 -6.64 -11.04
CA ASP A 52 -0.39 -7.96 -11.64
C ASP A 52 -1.83 -8.46 -11.69
N GLY A 53 -2.63 -7.97 -10.76
CA GLY A 53 -4.03 -8.33 -10.73
C GLY A 53 -4.88 -7.42 -11.60
N SER A 54 -4.27 -6.38 -12.12
CA SER A 54 -4.98 -5.39 -12.91
C SER A 54 -4.58 -5.41 -14.38
N GLN A 55 -5.53 -5.07 -15.23
CA GLN A 55 -5.26 -4.69 -16.59
C GLN A 55 -5.57 -3.21 -16.73
N ASN A 56 -5.96 -2.64 -15.58
CA ASN A 56 -6.24 -1.22 -15.45
C ASN A 56 -4.96 -0.49 -15.09
N THR A 57 -3.85 -1.18 -15.27
CA THR A 57 -2.56 -0.65 -14.92
C THR A 57 -2.18 0.51 -15.84
N ASN A 58 -2.88 0.59 -16.96
CA ASN A 58 -2.67 1.68 -17.90
C ASN A 58 -3.47 2.92 -17.49
N VAL A 59 -4.26 2.76 -16.44
CA VAL A 59 -5.07 3.85 -15.90
C VAL A 59 -4.92 3.93 -14.39
N ASP A 60 -5.94 4.46 -13.71
CA ASP A 60 -5.95 4.59 -12.26
C ASP A 60 -5.60 3.26 -11.60
N LYS A 61 -4.75 3.33 -10.60
CA LYS A 61 -4.19 2.15 -9.97
C LYS A 61 -4.85 1.82 -8.64
N PRO A 62 -5.47 0.64 -8.54
CA PRO A 62 -5.99 0.10 -7.29
C PRO A 62 -4.85 -0.24 -6.30
N LEU A 63 -4.94 0.31 -5.10
CA LEU A 63 -3.96 0.03 -4.06
C LEU A 63 -4.67 -0.26 -2.74
N ARG A 64 -4.34 -1.38 -2.11
CA ARG A 64 -4.94 -1.73 -0.83
C ARG A 64 -3.90 -1.79 0.26
N ILE A 65 -3.97 -0.84 1.18
CA ILE A 65 -3.15 -0.88 2.39
C ILE A 65 -3.98 -1.54 3.50
N ILE A 66 -3.66 -2.79 3.80
CA ILE A 66 -4.45 -3.55 4.75
C ILE A 66 -3.68 -3.75 6.05
N GLY A 67 -4.29 -3.39 7.16
CA GLY A 67 -3.65 -3.61 8.44
C GLY A 67 -4.29 -2.85 9.56
N ASP A 68 -3.46 -2.25 10.39
CA ASP A 68 -3.92 -1.53 11.57
C ASP A 68 -4.10 -0.06 11.26
N PRO A 69 -5.22 0.54 11.72
CA PRO A 69 -5.58 1.93 11.42
C PRO A 69 -4.39 2.89 11.43
N TYR A 70 -3.52 2.73 12.42
CA TYR A 70 -2.39 3.63 12.61
C TYR A 70 -1.37 3.46 11.49
N LYS A 71 -0.92 2.22 11.27
CA LYS A 71 0.08 1.99 10.24
C LYS A 71 -0.51 2.07 8.85
N VAL A 72 -1.81 1.84 8.71
CA VAL A 72 -2.46 2.03 7.42
C VAL A 72 -2.37 3.51 7.00
N GLN A 73 -2.37 4.39 7.99
CA GLN A 73 -2.24 5.80 7.75
C GLN A 73 -0.78 6.13 7.43
N GLN A 74 0.12 5.63 8.28
CA GLN A 74 1.56 5.79 8.07
C GLN A 74 1.97 5.29 6.69
N ALA A 75 1.41 4.15 6.33
CA ALA A 75 1.71 3.51 5.06
C ALA A 75 1.24 4.37 3.90
N CYS A 76 0.06 4.96 4.05
CA CYS A 76 -0.51 5.79 3.02
C CYS A 76 0.33 7.03 2.81
N GLU A 77 0.72 7.70 3.90
CA GLU A 77 1.54 8.90 3.78
C GLU A 77 2.95 8.53 3.33
N MET A 78 3.33 7.27 3.50
CA MET A 78 4.62 6.79 3.03
C MET A 78 4.62 6.67 1.51
N VAL A 79 3.65 5.94 0.97
CA VAL A 79 3.60 5.68 -0.46
C VAL A 79 3.15 6.92 -1.22
N MET A 80 2.31 7.73 -0.57
CA MET A 80 1.84 8.97 -1.15
C MET A 80 3.00 9.97 -1.24
N ASP A 81 3.91 9.88 -0.29
CA ASP A 81 5.10 10.75 -0.30
C ASP A 81 5.91 10.53 -1.57
N ILE A 82 5.96 9.29 -2.01
CA ILE A 82 6.70 8.92 -3.22
C ILE A 82 6.01 9.48 -4.46
N LEU A 83 4.72 9.75 -4.34
CA LEU A 83 3.94 10.23 -5.46
C LEU A 83 3.97 11.76 -5.54
N ARG A 84 4.10 12.41 -4.39
CA ARG A 84 4.26 13.86 -4.35
C ARG A 84 5.73 14.22 -4.52
N GLU A 85 6.53 13.17 -4.57
CA GLU A 85 7.98 13.27 -4.69
C GLU A 85 8.35 13.48 -6.15
N GLY A 1 -7.73 -1.99 20.20
CA GLY A 1 -9.06 -1.87 19.67
C GLY A 1 -9.10 -1.14 18.35
N GLN A 2 -8.81 0.16 18.41
CA GLN A 2 -8.76 0.97 17.21
C GLN A 2 -7.57 0.52 16.39
N PHE A 3 -6.42 0.56 17.01
CA PHE A 3 -5.20 0.01 16.43
C PHE A 3 -4.28 -0.51 17.53
N HIS A 4 -3.43 -1.47 17.18
CA HIS A 4 -2.50 -2.05 18.13
C HIS A 4 -1.58 -3.06 17.42
N ASP A 5 -1.53 -2.96 16.09
CA ASP A 5 -0.63 -3.76 15.26
C ASP A 5 -0.94 -5.26 15.33
N ASN A 6 -0.24 -5.99 16.19
CA ASN A 6 -0.36 -7.43 16.25
C ASN A 6 -1.66 -7.83 16.95
N ALA A 7 -1.89 -7.26 18.11
CA ALA A 7 -3.12 -7.49 18.85
C ALA A 7 -4.04 -6.29 18.72
N ASN A 8 -4.33 -5.91 17.49
CA ASN A 8 -5.21 -4.79 17.22
C ASN A 8 -6.65 -5.12 17.61
N GLY A 9 -7.08 -6.34 17.27
CA GLY A 9 -8.33 -6.88 17.76
C GLY A 9 -9.58 -6.27 17.13
N GLY A 10 -9.93 -5.07 17.57
CA GLY A 10 -11.18 -4.44 17.17
C GLY A 10 -11.29 -4.28 15.67
N GLN A 11 -10.61 -3.28 15.13
CA GLN A 11 -10.54 -3.12 13.69
C GLN A 11 -9.33 -3.94 13.20
N ASN A 12 -9.62 -5.05 12.55
CA ASN A 12 -8.59 -6.05 12.26
C ASN A 12 -7.91 -5.79 10.92
N GLY A 13 -8.68 -5.36 9.95
CA GLY A 13 -8.13 -5.13 8.63
C GLY A 13 -8.57 -3.82 8.03
N THR A 14 -7.87 -2.75 8.38
CA THR A 14 -8.13 -1.46 7.79
C THR A 14 -7.59 -1.41 6.38
N VAL A 15 -8.42 -1.04 5.42
CA VAL A 15 -8.00 -0.99 4.03
C VAL A 15 -8.36 0.35 3.40
N GLN A 16 -7.34 1.03 2.88
CA GLN A 16 -7.55 2.27 2.15
C GLN A 16 -7.08 2.09 0.71
N GLU A 17 -8.02 2.16 -0.23
CA GLU A 17 -7.69 1.98 -1.64
C GLU A 17 -7.29 3.28 -2.29
N ILE A 18 -6.03 3.34 -2.72
CA ILE A 18 -5.51 4.51 -3.38
C ILE A 18 -5.54 4.32 -4.89
N MET A 19 -5.63 5.42 -5.62
CA MET A 19 -5.56 5.39 -7.07
C MET A 19 -4.23 5.93 -7.50
N ILE A 20 -3.25 5.05 -7.64
CA ILE A 20 -1.89 5.46 -7.91
C ILE A 20 -1.73 5.89 -9.36
N PRO A 21 -1.20 7.12 -9.57
CA PRO A 21 -0.94 7.66 -10.89
C PRO A 21 -0.18 6.66 -11.77
N ALA A 22 -0.70 6.44 -12.97
CA ALA A 22 -0.19 5.41 -13.88
C ALA A 22 1.28 5.60 -14.22
N GLY A 23 1.76 6.84 -14.11
CA GLY A 23 3.15 7.12 -14.43
C GLY A 23 4.04 7.14 -13.19
N LYS A 24 3.44 6.93 -12.03
CA LYS A 24 4.19 6.93 -10.77
C LYS A 24 4.15 5.56 -10.10
N ALA A 25 3.84 4.53 -10.87
CA ALA A 25 3.73 3.18 -10.33
C ALA A 25 5.12 2.58 -10.09
N GLY A 26 6.12 3.14 -10.76
CA GLY A 26 7.48 2.63 -10.62
C GLY A 26 8.06 2.90 -9.24
N LEU A 27 7.46 3.83 -8.51
CA LEU A 27 7.98 4.18 -7.20
C LEU A 27 7.29 3.39 -6.09
N VAL A 28 5.98 3.18 -6.23
CA VAL A 28 5.22 2.42 -5.25
C VAL A 28 5.60 0.94 -5.28
N ILE A 29 5.91 0.44 -6.46
CA ILE A 29 6.35 -0.93 -6.60
C ILE A 29 7.85 -1.03 -6.32
N GLY A 30 8.59 -0.10 -6.88
CA GLY A 30 10.03 -0.10 -6.74
C GLY A 30 10.71 -0.24 -8.07
N LYS A 31 12.03 -0.27 -8.05
CA LYS A 31 12.79 -0.36 -9.28
C LYS A 31 12.76 -1.80 -9.78
N GLY A 32 12.65 -2.72 -8.84
CA GLY A 32 12.52 -4.12 -9.17
C GLY A 32 11.58 -4.83 -8.22
N GLY A 33 10.77 -4.05 -7.51
CA GLY A 33 9.81 -4.62 -6.58
C GLY A 33 10.32 -4.68 -5.16
N GLU A 34 11.54 -4.20 -4.94
CA GLU A 34 12.15 -4.23 -3.61
C GLU A 34 11.44 -3.26 -2.67
N THR A 35 10.99 -2.14 -3.22
CA THR A 35 10.34 -1.11 -2.44
C THR A 35 9.05 -1.62 -1.81
N ILE A 36 8.14 -2.14 -2.64
CA ILE A 36 6.84 -2.61 -2.15
C ILE A 36 6.99 -3.73 -1.12
N LYS A 37 8.00 -4.56 -1.29
CA LYS A 37 8.25 -5.65 -0.36
C LYS A 37 8.76 -5.09 0.98
N GLN A 38 9.61 -4.08 0.89
CA GLN A 38 10.19 -3.46 2.07
C GLN A 38 9.15 -2.64 2.83
N LEU A 39 8.27 -1.97 2.08
CA LEU A 39 7.22 -1.15 2.67
C LEU A 39 6.40 -1.96 3.66
N GLN A 40 6.04 -3.17 3.27
CA GLN A 40 5.22 -4.03 4.09
C GLN A 40 5.96 -4.49 5.34
N GLU A 41 7.27 -4.69 5.23
CA GLU A 41 8.07 -5.16 6.36
C GLU A 41 8.42 -4.01 7.31
N ARG A 42 8.46 -2.79 6.80
CA ARG A 42 8.81 -1.64 7.62
C ARG A 42 7.57 -1.02 8.29
N ALA A 43 6.43 -1.13 7.64
CA ALA A 43 5.20 -0.61 8.21
C ALA A 43 4.51 -1.66 9.07
N GLY A 44 4.69 -2.92 8.71
CA GLY A 44 4.07 -4.00 9.47
C GLY A 44 2.71 -4.40 8.90
N VAL A 45 2.27 -3.67 7.89
CA VAL A 45 0.99 -3.96 7.23
C VAL A 45 1.19 -4.65 5.91
N LYS A 46 0.10 -4.97 5.25
CA LYS A 46 0.15 -5.59 3.95
C LYS A 46 -0.32 -4.59 2.90
N MET A 47 0.51 -4.36 1.90
CA MET A 47 0.18 -3.44 0.83
C MET A 47 0.16 -4.19 -0.50
N ILE A 48 -0.94 -4.10 -1.21
CA ILE A 48 -1.04 -4.74 -2.50
C ILE A 48 -1.19 -3.70 -3.61
N LEU A 49 -0.13 -3.52 -4.38
CA LEU A 49 -0.19 -2.73 -5.59
C LEU A 49 -0.78 -3.60 -6.70
N ILE A 50 -2.04 -3.38 -7.02
CA ILE A 50 -2.70 -4.21 -8.02
C ILE A 50 -2.29 -3.75 -9.43
N GLN A 51 -1.17 -4.29 -9.86
CA GLN A 51 -0.69 -4.06 -11.21
C GLN A 51 -0.57 -5.39 -11.95
N ASP A 52 -0.67 -6.47 -11.17
CA ASP A 52 -0.72 -7.81 -11.73
C ASP A 52 -2.14 -8.11 -12.19
N GLY A 53 -3.10 -7.61 -11.41
CA GLY A 53 -4.49 -7.70 -11.79
C GLY A 53 -4.83 -6.69 -12.85
N SER A 54 -5.14 -7.16 -14.05
CA SER A 54 -5.35 -6.27 -15.18
C SER A 54 -6.80 -5.77 -15.25
N GLN A 55 -7.16 -4.90 -14.32
CA GLN A 55 -8.47 -4.26 -14.36
C GLN A 55 -8.32 -2.75 -14.42
N ASN A 56 -7.45 -2.21 -13.60
CA ASN A 56 -7.17 -0.79 -13.59
C ASN A 56 -5.71 -0.54 -13.95
N THR A 57 -5.15 -1.44 -14.74
CA THR A 57 -3.74 -1.37 -15.09
C THR A 57 -3.47 -0.30 -16.14
N ASN A 58 -4.47 0.03 -16.93
CA ASN A 58 -4.33 1.05 -17.96
C ASN A 58 -4.68 2.43 -17.40
N VAL A 59 -5.05 2.46 -16.13
CA VAL A 59 -5.44 3.70 -15.47
C VAL A 59 -4.73 3.80 -14.12
N ASP A 60 -5.34 4.53 -13.19
CA ASP A 60 -4.80 4.65 -11.84
C ASP A 60 -4.77 3.28 -11.16
N LYS A 61 -3.75 3.03 -10.37
CA LYS A 61 -3.50 1.70 -9.85
C LYS A 61 -4.15 1.50 -8.49
N PRO A 62 -4.91 0.41 -8.35
CA PRO A 62 -5.55 0.03 -7.09
C PRO A 62 -4.53 -0.35 -6.03
N LEU A 63 -4.41 0.47 -5.00
CA LEU A 63 -3.50 0.19 -3.90
C LEU A 63 -4.27 -0.05 -2.62
N ARG A 64 -4.19 -1.27 -2.10
CA ARG A 64 -4.83 -1.60 -0.84
C ARG A 64 -3.80 -1.69 0.27
N ILE A 65 -3.84 -0.74 1.18
CA ILE A 65 -3.06 -0.82 2.40
C ILE A 65 -3.93 -1.43 3.48
N ILE A 66 -3.63 -2.66 3.85
CA ILE A 66 -4.50 -3.43 4.74
C ILE A 66 -3.80 -3.77 6.05
N GLY A 67 -4.51 -3.57 7.16
CA GLY A 67 -4.02 -3.99 8.45
C GLY A 67 -4.51 -3.13 9.59
N ASP A 68 -3.60 -2.36 10.14
CA ASP A 68 -3.86 -1.54 11.33
C ASP A 68 -4.03 -0.09 10.92
N PRO A 69 -5.10 0.57 11.43
CA PRO A 69 -5.47 1.94 11.03
C PRO A 69 -4.34 2.95 11.19
N TYR A 70 -3.43 2.66 12.09
CA TYR A 70 -2.33 3.57 12.39
C TYR A 70 -1.28 3.49 11.29
N LYS A 71 -0.82 2.29 11.01
CA LYS A 71 0.24 2.09 10.02
C LYS A 71 -0.32 2.04 8.60
N VAL A 72 -1.62 1.81 8.46
CA VAL A 72 -2.25 1.95 7.15
C VAL A 72 -2.14 3.40 6.68
N GLN A 73 -2.28 4.34 7.60
CA GLN A 73 -2.13 5.74 7.27
C GLN A 73 -0.66 6.11 7.14
N GLN A 74 0.16 5.59 8.03
CA GLN A 74 1.61 5.78 7.94
C GLN A 74 2.12 5.30 6.59
N ALA A 75 1.70 4.12 6.19
CA ALA A 75 2.09 3.53 4.93
C ALA A 75 1.54 4.32 3.75
N CYS A 76 0.31 4.79 3.89
CA CYS A 76 -0.32 5.61 2.87
C CYS A 76 0.45 6.91 2.66
N GLU A 77 0.70 7.62 3.75
CA GLU A 77 1.47 8.85 3.69
C GLU A 77 2.88 8.58 3.24
N MET A 78 3.38 7.39 3.57
CA MET A 78 4.71 6.95 3.19
C MET A 78 4.82 6.79 1.67
N VAL A 79 3.90 6.05 1.08
CA VAL A 79 3.95 5.78 -0.36
C VAL A 79 3.50 6.99 -1.18
N MET A 80 2.52 7.73 -0.66
CA MET A 80 2.06 8.94 -1.34
C MET A 80 3.14 10.00 -1.29
N ASP A 81 3.97 9.94 -0.26
CA ASP A 81 5.10 10.85 -0.12
C ASP A 81 6.11 10.62 -1.24
N ILE A 82 6.31 9.36 -1.59
CA ILE A 82 7.24 8.98 -2.65
C ILE A 82 6.76 9.54 -3.99
N LEU A 83 5.45 9.74 -4.10
CA LEU A 83 4.86 10.23 -5.34
C LEU A 83 4.63 11.73 -5.27
N ARG A 84 4.79 12.30 -4.09
CA ARG A 84 4.51 13.72 -3.88
C ARG A 84 5.78 14.53 -3.91
N GLU A 85 6.88 13.88 -3.60
CA GLU A 85 8.17 14.54 -3.54
C GLU A 85 9.07 14.01 -4.64
N GLY A 1 -7.70 2.70 17.20
CA GLY A 1 -6.80 1.62 17.50
C GLY A 1 -5.41 1.87 16.99
N GLN A 2 -4.44 1.29 17.67
CA GLN A 2 -3.05 1.34 17.24
C GLN A 2 -2.73 0.08 16.46
N PHE A 3 -3.68 -0.87 16.54
CA PHE A 3 -3.56 -2.16 15.88
C PHE A 3 -4.85 -2.96 16.08
N HIS A 4 -4.90 -4.13 15.46
CA HIS A 4 -6.06 -4.99 15.59
C HIS A 4 -5.61 -6.41 15.94
N ASP A 5 -6.52 -7.18 16.54
CA ASP A 5 -6.26 -8.59 16.87
C ASP A 5 -5.15 -8.73 17.89
N ASN A 6 -5.07 -7.76 18.81
CA ASN A 6 -4.07 -7.74 19.88
C ASN A 6 -2.66 -7.52 19.34
N ALA A 7 -2.20 -8.43 18.51
CA ALA A 7 -0.87 -8.33 17.90
C ALA A 7 -0.89 -8.99 16.53
N ASN A 8 -1.39 -8.26 15.53
CA ASN A 8 -1.49 -8.79 14.19
C ASN A 8 -0.59 -8.02 13.24
N GLY A 9 0.28 -8.74 12.56
CA GLY A 9 1.22 -8.12 11.65
C GLY A 9 0.75 -8.16 10.21
N GLY A 10 0.88 -7.05 9.51
CA GLY A 10 0.44 -6.98 8.14
C GLY A 10 -1.04 -6.69 8.03
N GLN A 11 -1.77 -7.59 7.36
CA GLN A 11 -3.20 -7.42 7.16
C GLN A 11 -3.96 -7.55 8.47
N ASN A 12 -4.45 -6.44 8.99
CA ASN A 12 -5.26 -6.45 10.20
C ASN A 12 -6.74 -6.43 9.85
N GLY A 13 -7.16 -5.38 9.14
CA GLY A 13 -8.55 -5.29 8.72
C GLY A 13 -8.84 -3.98 8.00
N THR A 14 -8.29 -2.91 8.53
CA THR A 14 -8.43 -1.59 7.92
C THR A 14 -7.61 -1.51 6.63
N VAL A 15 -8.24 -1.03 5.57
CA VAL A 15 -7.57 -0.93 4.28
C VAL A 15 -7.95 0.37 3.57
N GLN A 16 -6.96 1.01 2.97
CA GLN A 16 -7.20 2.19 2.16
C GLN A 16 -6.76 1.93 0.71
N GLU A 17 -7.72 1.92 -0.19
CA GLU A 17 -7.43 1.70 -1.60
C GLU A 17 -7.08 3.00 -2.29
N ILE A 18 -5.84 3.09 -2.73
CA ILE A 18 -5.33 4.29 -3.36
C ILE A 18 -5.39 4.15 -4.87
N MET A 19 -5.61 5.26 -5.54
CA MET A 19 -5.54 5.31 -6.99
C MET A 19 -4.19 5.87 -7.39
N ILE A 20 -3.24 4.98 -7.59
CA ILE A 20 -1.87 5.37 -7.86
C ILE A 20 -1.68 5.72 -9.34
N PRO A 21 -1.09 6.89 -9.62
CA PRO A 21 -0.75 7.30 -10.98
C PRO A 21 0.01 6.22 -11.74
N ALA A 22 -0.42 5.93 -12.95
CA ALA A 22 0.17 4.87 -13.76
C ALA A 22 1.62 5.19 -14.11
N GLY A 23 1.97 6.46 -14.02
CA GLY A 23 3.34 6.88 -14.28
C GLY A 23 4.17 6.94 -13.02
N LYS A 24 3.62 6.42 -11.92
CA LYS A 24 4.35 6.42 -10.64
C LYS A 24 4.28 5.05 -9.98
N ALA A 25 4.14 4.00 -10.78
CA ALA A 25 4.09 2.65 -10.27
C ALA A 25 5.49 2.19 -9.86
N GLY A 26 6.49 2.82 -10.46
CA GLY A 26 7.88 2.49 -10.15
C GLY A 26 8.29 2.96 -8.77
N LEU A 27 7.51 3.85 -8.18
CA LEU A 27 7.83 4.37 -6.86
C LEU A 27 7.13 3.57 -5.77
N VAL A 28 5.87 3.20 -6.02
CA VAL A 28 5.09 2.44 -5.05
C VAL A 28 5.51 0.97 -5.03
N ILE A 29 5.92 0.46 -6.19
CA ILE A 29 6.37 -0.93 -6.28
C ILE A 29 7.88 -1.01 -6.12
N GLY A 30 8.56 -0.05 -6.72
CA GLY A 30 10.00 -0.01 -6.64
C GLY A 30 10.63 -0.10 -8.02
N LYS A 31 11.89 0.31 -8.12
CA LYS A 31 12.60 0.29 -9.38
C LYS A 31 12.80 -1.15 -9.86
N GLY A 32 12.76 -2.09 -8.92
CA GLY A 32 12.87 -3.48 -9.26
C GLY A 32 11.83 -4.33 -8.55
N GLY A 33 10.90 -3.66 -7.89
CA GLY A 33 9.88 -4.36 -7.11
C GLY A 33 10.34 -4.65 -5.71
N GLU A 34 11.44 -4.04 -5.31
CA GLU A 34 12.01 -4.25 -3.98
C GLU A 34 11.34 -3.35 -2.96
N THR A 35 11.03 -2.13 -3.37
CA THR A 35 10.51 -1.12 -2.48
C THR A 35 9.21 -1.55 -1.82
N ILE A 36 8.28 -2.06 -2.62
CA ILE A 36 6.97 -2.49 -2.11
C ILE A 36 7.12 -3.54 -1.03
N LYS A 37 8.12 -4.41 -1.16
CA LYS A 37 8.37 -5.44 -0.18
C LYS A 37 8.90 -4.83 1.11
N GLN A 38 9.72 -3.80 0.96
CA GLN A 38 10.32 -3.11 2.10
C GLN A 38 9.28 -2.32 2.86
N LEU A 39 8.37 -1.70 2.12
CA LEU A 39 7.31 -0.90 2.72
C LEU A 39 6.49 -1.74 3.70
N GLN A 40 6.10 -2.93 3.25
CA GLN A 40 5.31 -3.84 4.06
C GLN A 40 6.08 -4.25 5.31
N GLU A 41 7.32 -4.69 5.11
CA GLU A 41 8.15 -5.18 6.20
C GLU A 41 8.45 -4.10 7.22
N ARG A 42 8.72 -2.89 6.75
CA ARG A 42 9.16 -1.81 7.64
C ARG A 42 7.99 -1.22 8.44
N ALA A 43 6.81 -1.18 7.84
CA ALA A 43 5.66 -0.58 8.50
C ALA A 43 4.84 -1.62 9.26
N GLY A 44 5.13 -2.89 8.99
CA GLY A 44 4.38 -3.97 9.61
C GLY A 44 2.99 -4.08 9.00
N VAL A 45 2.91 -3.81 7.70
CA VAL A 45 1.64 -3.76 7.01
C VAL A 45 1.63 -4.70 5.82
N LYS A 46 0.49 -4.80 5.16
CA LYS A 46 0.38 -5.48 3.90
C LYS A 46 0.01 -4.48 2.82
N MET A 47 0.82 -4.39 1.78
CA MET A 47 0.54 -3.49 0.68
C MET A 47 0.51 -4.29 -0.61
N ILE A 48 -0.66 -4.36 -1.22
CA ILE A 48 -0.78 -5.05 -2.47
C ILE A 48 -1.03 -4.04 -3.58
N LEU A 49 0.00 -3.81 -4.37
CA LEU A 49 -0.12 -2.97 -5.53
C LEU A 49 -0.69 -3.79 -6.68
N ILE A 50 -1.98 -3.60 -6.93
CA ILE A 50 -2.67 -4.38 -7.93
C ILE A 50 -2.41 -3.77 -9.30
N GLN A 51 -1.30 -4.19 -9.89
CA GLN A 51 -0.86 -3.64 -11.16
C GLN A 51 -1.00 -4.65 -12.28
N ASP A 52 -1.39 -5.86 -11.92
CA ASP A 52 -1.58 -6.90 -12.91
C ASP A 52 -2.90 -7.64 -12.68
N GLY A 53 -3.34 -7.67 -11.42
CA GLY A 53 -4.54 -8.39 -11.09
C GLY A 53 -5.79 -7.53 -11.17
N SER A 54 -5.76 -6.54 -12.06
CA SER A 54 -6.88 -5.64 -12.22
C SER A 54 -6.91 -5.10 -13.64
N GLN A 55 -8.03 -4.52 -14.01
CA GLN A 55 -8.22 -3.96 -15.33
C GLN A 55 -8.10 -2.45 -15.25
N ASN A 56 -7.61 -1.99 -14.11
CA ASN A 56 -7.24 -0.59 -13.95
C ASN A 56 -5.73 -0.46 -14.09
N THR A 57 -5.10 -1.51 -14.58
CA THR A 57 -3.67 -1.52 -14.78
C THR A 57 -3.28 -0.47 -15.84
N ASN A 58 -4.24 -0.12 -16.69
CA ASN A 58 -4.01 0.85 -17.76
C ASN A 58 -4.40 2.26 -17.32
N VAL A 59 -4.89 2.37 -16.09
CA VAL A 59 -5.31 3.65 -15.55
C VAL A 59 -4.75 3.82 -14.14
N ASP A 60 -5.50 4.47 -13.25
CA ASP A 60 -5.10 4.59 -11.86
C ASP A 60 -4.95 3.21 -11.25
N LYS A 61 -3.90 3.03 -10.46
CA LYS A 61 -3.53 1.71 -9.98
C LYS A 61 -4.13 1.45 -8.60
N PRO A 62 -4.92 0.36 -8.50
CA PRO A 62 -5.52 -0.06 -7.23
C PRO A 62 -4.47 -0.45 -6.19
N LEU A 63 -4.29 0.41 -5.21
CA LEU A 63 -3.36 0.14 -4.13
C LEU A 63 -4.15 -0.32 -2.92
N ARG A 64 -3.69 -1.35 -2.25
CA ARG A 64 -4.29 -1.67 -0.97
C ARG A 64 -3.27 -1.73 0.15
N ILE A 65 -3.29 -0.73 1.02
CA ILE A 65 -2.58 -0.79 2.28
C ILE A 65 -3.50 -1.39 3.32
N ILE A 66 -3.24 -2.63 3.69
CA ILE A 66 -4.10 -3.34 4.61
C ILE A 66 -3.39 -3.53 5.95
N GLY A 67 -4.08 -3.12 7.01
CA GLY A 67 -3.53 -3.25 8.33
C GLY A 67 -4.43 -2.58 9.35
N ASP A 68 -3.84 -1.78 10.21
CA ASP A 68 -4.58 -1.02 11.20
C ASP A 68 -4.66 0.44 10.76
N PRO A 69 -5.69 1.19 11.18
CA PRO A 69 -5.86 2.59 10.78
C PRO A 69 -4.57 3.39 10.90
N TYR A 70 -3.84 3.11 11.98
CA TYR A 70 -2.61 3.81 12.29
C TYR A 70 -1.51 3.50 11.28
N LYS A 71 -1.16 2.22 11.13
CA LYS A 71 -0.10 1.83 10.21
C LYS A 71 -0.52 2.07 8.77
N VAL A 72 -1.80 1.89 8.48
CA VAL A 72 -2.28 2.06 7.11
C VAL A 72 -2.09 3.51 6.68
N GLN A 73 -2.36 4.41 7.61
CA GLN A 73 -2.27 5.82 7.32
C GLN A 73 -0.82 6.28 7.29
N GLN A 74 -0.02 5.80 8.24
CA GLN A 74 1.40 6.14 8.26
C GLN A 74 2.11 5.60 7.03
N ALA A 75 1.71 4.40 6.62
CA ALA A 75 2.27 3.77 5.43
C ALA A 75 1.82 4.50 4.16
N CYS A 76 0.58 4.96 4.17
CA CYS A 76 0.05 5.75 3.05
C CYS A 76 0.77 7.08 2.94
N GLU A 77 0.95 7.77 4.07
CA GLU A 77 1.68 9.03 4.08
C GLU A 77 3.12 8.83 3.66
N MET A 78 3.59 7.60 3.80
CA MET A 78 4.95 7.25 3.44
C MET A 78 5.07 7.12 1.93
N VAL A 79 4.20 6.31 1.33
CA VAL A 79 4.25 6.06 -0.09
C VAL A 79 3.75 7.27 -0.89
N MET A 80 2.76 7.97 -0.36
CA MET A 80 2.21 9.15 -1.01
C MET A 80 3.23 10.27 -1.05
N ASP A 81 4.06 10.37 -0.02
CA ASP A 81 5.06 11.42 0.05
C ASP A 81 6.11 11.21 -1.03
N ILE A 82 6.37 9.95 -1.36
CA ILE A 82 7.30 9.60 -2.43
C ILE A 82 6.74 10.05 -3.77
N LEU A 83 5.44 9.84 -3.94
CA LEU A 83 4.76 10.20 -5.18
C LEU A 83 4.67 11.71 -5.34
N ARG A 84 4.36 12.39 -4.23
CA ARG A 84 4.19 13.84 -4.25
C ARG A 84 5.51 14.56 -4.08
N GLU A 85 6.60 13.80 -4.11
CA GLU A 85 7.93 14.38 -3.99
C GLU A 85 8.55 14.48 -5.37
N GLY A 1 -12.13 -0.83 12.01
CA GLY A 1 -10.77 -1.23 12.29
C GLY A 1 -10.58 -2.72 12.10
N GLN A 2 -10.90 -3.48 13.16
CA GLN A 2 -10.79 -4.94 13.13
C GLN A 2 -9.41 -5.38 12.68
N PHE A 3 -8.41 -5.11 13.51
CA PHE A 3 -7.02 -5.43 13.20
C PHE A 3 -6.70 -6.90 13.47
N HIS A 4 -7.49 -7.77 12.85
CA HIS A 4 -7.33 -9.23 12.97
C HIS A 4 -7.75 -9.70 14.36
N ASP A 5 -8.80 -10.52 14.37
CA ASP A 5 -9.45 -11.00 15.59
C ASP A 5 -8.47 -11.62 16.58
N ASN A 6 -7.59 -12.48 16.09
CA ASN A 6 -6.60 -13.09 16.96
C ASN A 6 -5.22 -12.49 16.71
N ALA A 7 -4.64 -11.92 17.77
CA ALA A 7 -3.35 -11.23 17.71
C ALA A 7 -3.40 -10.06 16.75
N ASN A 8 -2.98 -10.30 15.50
CA ASN A 8 -3.04 -9.33 14.42
C ASN A 8 -2.15 -9.79 13.27
N GLY A 9 -1.04 -10.44 13.64
CA GLY A 9 0.00 -10.86 12.70
C GLY A 9 -0.48 -11.15 11.29
N GLY A 10 0.05 -10.39 10.33
CA GLY A 10 -0.30 -10.58 8.94
C GLY A 10 -1.42 -9.67 8.51
N GLN A 11 -2.41 -10.24 7.84
CA GLN A 11 -3.59 -9.49 7.40
C GLN A 11 -4.37 -9.01 8.61
N ASN A 12 -4.33 -7.72 8.88
CA ASN A 12 -5.05 -7.15 10.01
C ASN A 12 -6.53 -6.98 9.65
N GLY A 13 -6.87 -5.92 8.93
CA GLY A 13 -8.26 -5.72 8.53
C GLY A 13 -8.50 -4.42 7.79
N THR A 14 -8.14 -3.30 8.41
CA THR A 14 -8.36 -1.98 7.84
C THR A 14 -7.64 -1.83 6.50
N VAL A 15 -8.36 -1.33 5.49
CA VAL A 15 -7.79 -1.21 4.17
C VAL A 15 -8.22 0.09 3.48
N GLN A 16 -7.25 0.85 3.00
CA GLN A 16 -7.53 2.04 2.21
C GLN A 16 -7.08 1.83 0.77
N GLU A 17 -7.97 2.09 -0.17
CA GLU A 17 -7.66 1.94 -1.59
C GLU A 17 -7.27 3.28 -2.20
N ILE A 18 -6.03 3.37 -2.65
CA ILE A 18 -5.54 4.57 -3.31
C ILE A 18 -5.54 4.36 -4.81
N MET A 19 -5.73 5.43 -5.57
CA MET A 19 -5.66 5.38 -7.02
C MET A 19 -4.33 5.97 -7.47
N ILE A 20 -3.33 5.11 -7.61
CA ILE A 20 -2.00 5.57 -7.95
C ILE A 20 -1.87 5.82 -9.45
N PRO A 21 -1.38 7.02 -9.82
CA PRO A 21 -1.14 7.39 -11.21
C PRO A 21 -0.38 6.30 -11.97
N ALA A 22 -0.89 5.97 -13.15
CA ALA A 22 -0.29 4.92 -13.98
C ALA A 22 1.15 5.26 -14.35
N GLY A 23 1.47 6.55 -14.38
CA GLY A 23 2.83 6.97 -14.66
C GLY A 23 3.76 6.76 -13.48
N LYS A 24 3.21 6.86 -12.28
CA LYS A 24 4.00 6.71 -11.05
C LYS A 24 3.88 5.31 -10.47
N ALA A 25 3.47 4.37 -11.31
CA ALA A 25 3.33 2.99 -10.87
C ALA A 25 4.69 2.40 -10.51
N GLY A 26 5.72 2.82 -11.22
CA GLY A 26 7.06 2.33 -10.95
C GLY A 26 7.58 2.81 -9.61
N LEU A 27 7.07 3.95 -9.16
CA LEU A 27 7.50 4.54 -7.90
C LEU A 27 6.95 3.75 -6.72
N VAL A 28 5.68 3.37 -6.80
CA VAL A 28 5.04 2.60 -5.74
C VAL A 28 5.53 1.16 -5.72
N ILE A 29 6.04 0.68 -6.84
CA ILE A 29 6.70 -0.62 -6.90
C ILE A 29 8.09 -0.52 -6.29
N GLY A 30 8.72 0.63 -6.52
CA GLY A 30 10.03 0.89 -5.97
C GLY A 30 11.12 0.64 -6.96
N LYS A 31 10.81 0.90 -8.22
CA LYS A 31 11.75 0.78 -9.32
C LYS A 31 12.11 -0.69 -9.61
N GLY A 32 12.75 -1.33 -8.64
CA GLY A 32 13.17 -2.71 -8.84
C GLY A 32 12.11 -3.70 -8.40
N GLY A 33 11.32 -3.30 -7.41
CA GLY A 33 10.25 -4.17 -6.93
C GLY A 33 10.53 -4.71 -5.55
N GLU A 34 11.69 -4.38 -5.00
CA GLU A 34 12.05 -4.81 -3.66
C GLU A 34 11.51 -3.84 -2.62
N THR A 35 11.33 -2.58 -3.01
CA THR A 35 10.88 -1.55 -2.11
C THR A 35 9.43 -1.78 -1.66
N ILE A 36 8.58 -2.20 -2.59
CA ILE A 36 7.18 -2.49 -2.26
C ILE A 36 7.08 -3.57 -1.18
N LYS A 37 8.03 -4.50 -1.20
CA LYS A 37 8.11 -5.51 -0.15
C LYS A 37 8.55 -4.88 1.16
N GLN A 38 9.53 -3.99 1.07
CA GLN A 38 10.11 -3.35 2.23
C GLN A 38 9.08 -2.49 2.93
N LEU A 39 8.25 -1.83 2.14
CA LEU A 39 7.20 -0.97 2.66
C LEU A 39 6.31 -1.73 3.62
N GLN A 40 5.96 -2.95 3.23
CA GLN A 40 5.12 -3.81 4.05
C GLN A 40 5.85 -4.17 5.34
N GLU A 41 7.12 -4.54 5.20
CA GLU A 41 7.94 -4.93 6.34
C GLU A 41 8.13 -3.78 7.33
N ARG A 42 8.44 -2.59 6.81
CA ARG A 42 8.76 -1.45 7.66
C ARG A 42 7.53 -0.79 8.27
N ALA A 43 6.39 -0.88 7.58
CA ALA A 43 5.18 -0.24 8.07
C ALA A 43 4.34 -1.18 8.93
N GLY A 44 4.60 -2.48 8.81
CA GLY A 44 3.83 -3.46 9.55
C GLY A 44 2.45 -3.65 8.95
N VAL A 45 2.34 -3.36 7.66
CA VAL A 45 1.09 -3.46 6.94
C VAL A 45 1.27 -4.32 5.70
N LYS A 46 0.18 -4.66 5.05
CA LYS A 46 0.24 -5.39 3.80
C LYS A 46 -0.20 -4.48 2.67
N MET A 47 0.65 -4.34 1.67
CA MET A 47 0.34 -3.52 0.51
C MET A 47 0.18 -4.39 -0.71
N ILE A 48 -0.91 -4.22 -1.42
CA ILE A 48 -1.11 -4.93 -2.66
C ILE A 48 -1.33 -3.95 -3.80
N LEU A 49 -0.31 -3.81 -4.63
CA LEU A 49 -0.40 -2.99 -5.82
C LEU A 49 -1.08 -3.79 -6.92
N ILE A 50 -2.35 -3.50 -7.18
CA ILE A 50 -3.08 -4.20 -8.22
C ILE A 50 -2.64 -3.69 -9.59
N GLN A 51 -1.59 -4.31 -10.09
CA GLN A 51 -0.98 -3.94 -11.35
C GLN A 51 -0.65 -5.20 -12.12
N ASP A 52 -0.21 -6.22 -11.38
CA ASP A 52 -0.01 -7.55 -11.95
C ASP A 52 -1.36 -8.17 -12.27
N GLY A 53 -2.36 -7.79 -11.49
CA GLY A 53 -3.72 -8.19 -11.78
C GLY A 53 -4.35 -7.26 -12.79
N SER A 54 -4.92 -7.83 -13.84
CA SER A 54 -5.45 -7.05 -14.94
C SER A 54 -6.84 -6.49 -14.63
N GLN A 55 -6.89 -5.55 -13.71
CA GLN A 55 -8.10 -4.81 -13.44
C GLN A 55 -7.94 -3.36 -13.85
N ASN A 56 -6.92 -2.71 -13.29
CA ASN A 56 -6.62 -1.33 -13.62
C ASN A 56 -5.26 -1.24 -14.32
N THR A 57 -5.03 -2.15 -15.24
CA THR A 57 -3.78 -2.21 -15.96
C THR A 57 -3.56 -0.97 -16.82
N ASN A 58 -4.64 -0.43 -17.37
CA ASN A 58 -4.56 0.72 -18.26
C ASN A 58 -4.81 2.04 -17.52
N VAL A 59 -5.26 1.96 -16.28
CA VAL A 59 -5.65 3.17 -15.54
C VAL A 59 -4.93 3.28 -14.20
N ASP A 60 -5.46 4.16 -13.33
CA ASP A 60 -4.92 4.35 -11.98
C ASP A 60 -4.85 3.02 -11.24
N LYS A 61 -3.89 2.92 -10.34
CA LYS A 61 -3.58 1.64 -9.71
C LYS A 61 -4.25 1.52 -8.36
N PRO A 62 -5.02 0.44 -8.16
CA PRO A 62 -5.65 0.14 -6.87
C PRO A 62 -4.60 -0.27 -5.84
N LEU A 63 -4.33 0.61 -4.91
CA LEU A 63 -3.39 0.33 -3.85
C LEU A 63 -4.13 0.07 -2.56
N ARG A 64 -4.10 -1.16 -2.09
CA ARG A 64 -4.73 -1.51 -0.84
C ARG A 64 -3.71 -1.63 0.27
N ILE A 65 -3.74 -0.66 1.18
CA ILE A 65 -2.94 -0.74 2.38
C ILE A 65 -3.76 -1.43 3.45
N ILE A 66 -3.44 -2.69 3.72
CA ILE A 66 -4.22 -3.51 4.63
C ILE A 66 -3.47 -3.66 5.95
N GLY A 67 -4.13 -3.24 7.03
CA GLY A 67 -3.53 -3.34 8.34
C GLY A 67 -4.41 -2.72 9.40
N ASP A 68 -3.85 -1.79 10.16
CA ASP A 68 -4.56 -1.10 11.22
C ASP A 68 -4.67 0.37 10.85
N PRO A 69 -5.81 1.05 11.16
CA PRO A 69 -6.05 2.42 10.72
C PRO A 69 -4.84 3.33 10.89
N TYR A 70 -4.13 3.12 11.99
CA TYR A 70 -2.96 3.93 12.33
C TYR A 70 -1.85 3.74 11.29
N LYS A 71 -1.42 2.51 11.10
CA LYS A 71 -0.33 2.23 10.18
C LYS A 71 -0.80 2.28 8.73
N VAL A 72 -2.07 1.95 8.49
CA VAL A 72 -2.64 2.05 7.16
C VAL A 72 -2.50 3.48 6.64
N GLN A 73 -2.73 4.45 7.52
CA GLN A 73 -2.60 5.83 7.12
C GLN A 73 -1.15 6.23 6.96
N GLN A 74 -0.32 5.85 7.92
CA GLN A 74 1.10 6.21 7.86
C GLN A 74 1.77 5.57 6.66
N ALA A 75 1.37 4.35 6.36
CA ALA A 75 1.88 3.64 5.19
C ALA A 75 1.39 4.32 3.91
N CYS A 76 0.14 4.78 3.95
CA CYS A 76 -0.43 5.52 2.84
C CYS A 76 0.31 6.83 2.62
N GLU A 77 0.53 7.57 3.70
CA GLU A 77 1.29 8.81 3.63
C GLU A 77 2.71 8.53 3.15
N MET A 78 3.26 7.42 3.60
CA MET A 78 4.61 7.01 3.23
C MET A 78 4.72 6.78 1.72
N VAL A 79 3.78 6.02 1.16
CA VAL A 79 3.85 5.69 -0.27
C VAL A 79 3.38 6.87 -1.12
N MET A 80 2.43 7.63 -0.59
CA MET A 80 1.96 8.83 -1.25
C MET A 80 3.08 9.87 -1.28
N ASP A 81 3.89 9.86 -0.22
CA ASP A 81 5.03 10.76 -0.13
C ASP A 81 6.08 10.42 -1.15
N ILE A 82 6.18 9.13 -1.51
CA ILE A 82 7.10 8.69 -2.56
C ILE A 82 6.74 9.34 -3.88
N LEU A 83 5.46 9.62 -4.07
CA LEU A 83 4.98 10.27 -5.27
C LEU A 83 5.03 11.79 -5.13
N ARG A 84 5.38 12.25 -3.94
CA ARG A 84 5.37 13.66 -3.63
C ARG A 84 6.80 14.16 -3.36
N GLU A 85 7.73 13.24 -3.39
CA GLU A 85 9.12 13.56 -3.09
C GLU A 85 9.94 13.68 -4.39
N GLY A 1 -10.16 -6.69 18.58
CA GLY A 1 -8.88 -6.39 17.98
C GLY A 1 -8.68 -4.91 17.79
N GLN A 2 -9.59 -4.30 17.04
CA GLN A 2 -9.53 -2.86 16.71
C GLN A 2 -8.27 -2.55 15.92
N PHE A 3 -7.19 -2.30 16.64
CA PHE A 3 -5.89 -2.04 16.04
C PHE A 3 -4.82 -2.77 16.83
N HIS A 4 -3.71 -3.09 16.17
CA HIS A 4 -2.65 -3.87 16.80
C HIS A 4 -1.42 -3.94 15.89
N ASP A 5 -1.35 -4.99 15.06
CA ASP A 5 -0.24 -5.17 14.15
C ASP A 5 -0.71 -5.89 12.89
N ASN A 6 -0.67 -5.18 11.76
CA ASN A 6 -1.21 -5.67 10.50
C ASN A 6 -2.65 -6.13 10.69
N ALA A 7 -2.88 -7.43 10.65
CA ALA A 7 -4.22 -7.96 10.89
C ALA A 7 -4.47 -8.10 12.38
N ASN A 8 -5.56 -7.50 12.87
CA ASN A 8 -5.81 -7.42 14.30
C ASN A 8 -6.49 -8.69 14.83
N GLY A 9 -6.35 -9.80 14.10
CA GLY A 9 -6.93 -11.05 14.53
C GLY A 9 -8.21 -11.36 13.80
N GLY A 10 -8.09 -11.91 12.60
CA GLY A 10 -9.25 -12.25 11.81
C GLY A 10 -9.79 -11.05 11.07
N GLN A 11 -10.22 -10.04 11.81
CA GLN A 11 -10.69 -8.79 11.23
C GLN A 11 -9.59 -8.16 10.37
N ASN A 12 -9.98 -7.72 9.18
CA ASN A 12 -9.02 -7.12 8.24
C ASN A 12 -8.64 -5.71 8.67
N GLY A 13 -9.31 -5.21 9.70
CA GLY A 13 -9.01 -3.90 10.23
C GLY A 13 -9.37 -2.79 9.26
N THR A 14 -8.40 -1.92 9.00
CA THR A 14 -8.60 -0.79 8.12
C THR A 14 -7.99 -1.08 6.75
N VAL A 15 -8.76 -0.84 5.69
CA VAL A 15 -8.26 -1.00 4.33
C VAL A 15 -8.29 0.34 3.62
N GLN A 16 -7.15 0.78 3.16
CA GLN A 16 -7.06 2.02 2.42
C GLN A 16 -6.66 1.74 0.99
N GLU A 17 -7.57 2.00 0.07
CA GLU A 17 -7.31 1.79 -1.35
C GLU A 17 -6.96 3.10 -2.03
N ILE A 18 -5.71 3.19 -2.48
CA ILE A 18 -5.23 4.37 -3.16
C ILE A 18 -5.31 4.15 -4.68
N MET A 19 -5.39 5.23 -5.44
CA MET A 19 -5.37 5.16 -6.88
C MET A 19 -4.06 5.72 -7.40
N ILE A 20 -3.09 4.85 -7.56
CA ILE A 20 -1.75 5.28 -7.94
C ILE A 20 -1.69 5.56 -9.44
N PRO A 21 -1.20 6.75 -9.82
CA PRO A 21 -1.02 7.13 -11.22
C PRO A 21 -0.31 6.04 -12.02
N ALA A 22 -0.88 5.70 -13.18
CA ALA A 22 -0.38 4.61 -14.00
C ALA A 22 1.06 4.85 -14.44
N GLY A 23 1.43 6.11 -14.59
CA GLY A 23 2.79 6.44 -14.97
C GLY A 23 3.67 6.73 -13.77
N LYS A 24 3.18 6.39 -12.59
CA LYS A 24 3.93 6.63 -11.35
C LYS A 24 4.05 5.34 -10.56
N ALA A 25 3.62 4.24 -11.16
CA ALA A 25 3.60 2.94 -10.49
C ALA A 25 5.02 2.42 -10.27
N GLY A 26 5.95 2.92 -11.06
CA GLY A 26 7.34 2.51 -10.92
C GLY A 26 7.95 3.02 -9.62
N LEU A 27 7.31 4.00 -9.00
CA LEU A 27 7.82 4.57 -7.75
C LEU A 27 7.31 3.79 -6.54
N VAL A 28 6.05 3.36 -6.59
CA VAL A 28 5.47 2.60 -5.49
C VAL A 28 6.07 1.21 -5.40
N ILE A 29 6.42 0.64 -6.55
CA ILE A 29 7.10 -0.64 -6.60
C ILE A 29 8.60 -0.45 -6.38
N GLY A 30 9.10 0.66 -6.92
CA GLY A 30 10.51 0.98 -6.80
C GLY A 30 11.26 0.64 -8.07
N LYS A 31 12.53 1.05 -8.15
CA LYS A 31 13.35 0.76 -9.31
C LYS A 31 13.92 -0.66 -9.23
N GLY A 32 13.04 -1.61 -8.95
CA GLY A 32 13.45 -2.99 -8.86
C GLY A 32 12.35 -3.88 -8.30
N GLY A 33 11.71 -3.39 -7.25
CA GLY A 33 10.68 -4.17 -6.59
C GLY A 33 10.98 -4.37 -5.12
N GLU A 34 12.15 -3.90 -4.70
CA GLU A 34 12.55 -3.99 -3.31
C GLU A 34 11.78 -2.97 -2.48
N THR A 35 11.50 -1.83 -3.09
CA THR A 35 10.85 -0.73 -2.41
C THR A 35 9.50 -1.15 -1.84
N ILE A 36 8.64 -1.70 -2.69
CA ILE A 36 7.32 -2.16 -2.24
C ILE A 36 7.43 -3.23 -1.16
N LYS A 37 8.46 -4.06 -1.26
CA LYS A 37 8.73 -5.06 -0.24
C LYS A 37 9.05 -4.38 1.09
N GLN A 38 9.95 -3.41 1.05
CA GLN A 38 10.42 -2.73 2.24
C GLN A 38 9.30 -1.98 2.93
N LEU A 39 8.38 -1.46 2.12
CA LEU A 39 7.25 -0.73 2.65
C LEU A 39 6.44 -1.61 3.59
N GLN A 40 6.14 -2.82 3.16
CA GLN A 40 5.39 -3.77 3.97
C GLN A 40 6.20 -4.17 5.20
N GLU A 41 7.51 -4.34 5.00
CA GLU A 41 8.42 -4.68 6.09
C GLU A 41 8.41 -3.59 7.17
N ARG A 42 8.63 -2.36 6.73
CA ARG A 42 8.85 -1.25 7.65
C ARG A 42 7.55 -0.74 8.28
N ALA A 43 6.44 -0.86 7.57
CA ALA A 43 5.19 -0.32 8.05
C ALA A 43 4.44 -1.32 8.93
N GLY A 44 4.69 -2.61 8.72
CA GLY A 44 4.03 -3.63 9.50
C GLY A 44 2.62 -3.88 9.03
N VAL A 45 2.35 -3.58 7.77
CA VAL A 45 1.04 -3.82 7.17
C VAL A 45 1.22 -4.43 5.79
N LYS A 46 0.11 -4.72 5.14
CA LYS A 46 0.15 -5.30 3.81
C LYS A 46 -0.26 -4.27 2.75
N MET A 47 0.62 -4.08 1.79
CA MET A 47 0.36 -3.17 0.67
C MET A 47 0.38 -3.96 -0.62
N ILE A 48 -0.74 -4.03 -1.30
CA ILE A 48 -0.78 -4.75 -2.57
C ILE A 48 -0.96 -3.78 -3.73
N LEU A 49 0.06 -3.68 -4.55
CA LEU A 49 -0.01 -2.88 -5.76
C LEU A 49 -0.57 -3.71 -6.90
N ILE A 50 -1.84 -3.50 -7.21
CA ILE A 50 -2.48 -4.24 -8.28
C ILE A 50 -2.03 -3.70 -9.63
N GLN A 51 -1.02 -4.35 -10.19
CA GLN A 51 -0.42 -3.91 -11.45
C GLN A 51 -0.90 -4.78 -12.60
N ASP A 52 -0.95 -6.09 -12.36
CA ASP A 52 -1.36 -7.03 -13.39
C ASP A 52 -2.84 -7.34 -13.28
N GLY A 53 -3.49 -6.78 -12.26
CA GLY A 53 -4.92 -6.96 -12.10
C GLY A 53 -5.69 -6.22 -13.17
N SER A 54 -6.79 -6.80 -13.62
CA SER A 54 -7.57 -6.21 -14.69
C SER A 54 -8.32 -4.97 -14.23
N GLN A 55 -9.15 -4.41 -15.12
CA GLN A 55 -9.85 -3.15 -14.88
C GLN A 55 -8.87 -1.99 -14.84
N ASN A 56 -8.10 -1.92 -13.76
CA ASN A 56 -7.22 -0.79 -13.56
C ASN A 56 -5.80 -1.11 -14.03
N THR A 57 -5.66 -2.17 -14.81
CA THR A 57 -4.37 -2.50 -15.41
C THR A 57 -3.98 -1.42 -16.41
N ASN A 58 -4.98 -0.79 -17.02
CA ASN A 58 -4.73 0.28 -18.00
C ASN A 58 -4.93 1.67 -17.40
N VAL A 59 -5.21 1.74 -16.10
CA VAL A 59 -5.47 3.03 -15.46
C VAL A 59 -4.77 3.14 -14.10
N ASP A 60 -5.30 4.01 -13.23
CA ASP A 60 -4.78 4.19 -11.88
C ASP A 60 -4.76 2.86 -11.14
N LYS A 61 -3.77 2.69 -10.27
CA LYS A 61 -3.51 1.40 -9.66
C LYS A 61 -4.18 1.28 -8.30
N PRO A 62 -4.96 0.21 -8.10
CA PRO A 62 -5.60 -0.09 -6.84
C PRO A 62 -4.58 -0.55 -5.80
N LEU A 63 -4.33 0.31 -4.82
CA LEU A 63 -3.40 -0.02 -3.75
C LEU A 63 -4.18 -0.32 -2.48
N ARG A 64 -4.35 -1.59 -2.18
CA ARG A 64 -5.01 -1.99 -0.95
C ARG A 64 -4.01 -2.04 0.19
N ILE A 65 -4.07 -1.05 1.05
CA ILE A 65 -3.31 -1.06 2.28
C ILE A 65 -4.18 -1.66 3.37
N ILE A 66 -3.88 -2.89 3.73
CA ILE A 66 -4.75 -3.64 4.62
C ILE A 66 -4.06 -3.86 5.97
N GLY A 67 -4.76 -3.54 7.04
CA GLY A 67 -4.26 -3.89 8.34
C GLY A 67 -4.66 -2.91 9.44
N ASP A 68 -3.65 -2.41 10.13
CA ASP A 68 -3.85 -1.59 11.32
C ASP A 68 -4.06 -0.13 10.96
N PRO A 69 -5.14 0.47 11.52
CA PRO A 69 -5.58 1.84 11.24
C PRO A 69 -4.46 2.88 11.25
N TYR A 70 -3.46 2.67 12.11
CA TYR A 70 -2.35 3.61 12.20
C TYR A 70 -1.42 3.46 11.01
N LYS A 71 -0.86 2.27 10.87
CA LYS A 71 0.15 2.02 9.84
C LYS A 71 -0.44 1.93 8.45
N VAL A 72 -1.75 1.73 8.34
CA VAL A 72 -2.41 1.84 7.04
C VAL A 72 -2.32 3.27 6.55
N GLN A 73 -2.59 4.20 7.45
CA GLN A 73 -2.58 5.62 7.13
C GLN A 73 -1.14 6.09 6.98
N GLN A 74 -0.29 5.63 7.90
CA GLN A 74 1.14 5.91 7.83
C GLN A 74 1.72 5.43 6.51
N ALA A 75 1.21 4.31 6.03
CA ALA A 75 1.62 3.75 4.76
C ALA A 75 1.19 4.63 3.60
N CYS A 76 -0.06 5.07 3.66
CA CYS A 76 -0.64 5.95 2.64
C CYS A 76 0.22 7.20 2.47
N GLU A 77 0.43 7.93 3.55
CA GLU A 77 1.23 9.16 3.48
C GLU A 77 2.66 8.86 3.06
N MET A 78 3.13 7.66 3.37
CA MET A 78 4.48 7.23 3.03
C MET A 78 4.62 6.95 1.53
N VAL A 79 3.71 6.16 0.99
CA VAL A 79 3.80 5.75 -0.41
C VAL A 79 3.39 6.89 -1.33
N MET A 80 2.44 7.70 -0.87
CA MET A 80 2.01 8.86 -1.62
C MET A 80 3.12 9.90 -1.67
N ASP A 81 3.92 9.94 -0.60
CA ASP A 81 5.04 10.87 -0.53
C ASP A 81 6.06 10.58 -1.63
N ILE A 82 6.31 9.30 -1.86
CA ILE A 82 7.25 8.88 -2.90
C ILE A 82 6.79 9.37 -4.27
N LEU A 83 5.48 9.50 -4.44
CA LEU A 83 4.90 9.91 -5.71
C LEU A 83 5.01 11.41 -5.91
N ARG A 84 5.18 12.15 -4.82
CA ARG A 84 5.30 13.61 -4.89
C ARG A 84 6.65 14.08 -4.38
N GLU A 85 7.64 13.21 -4.51
CA GLU A 85 9.00 13.53 -4.08
C GLU A 85 9.89 13.79 -5.29
N GLY A 1 -4.70 -12.61 11.39
CA GLY A 1 -4.55 -11.20 11.68
C GLY A 1 -3.93 -10.44 10.52
N GLN A 2 -4.63 -9.40 10.09
CA GLN A 2 -4.08 -8.48 9.10
C GLN A 2 -3.68 -7.20 9.82
N PHE A 3 -3.34 -7.37 11.09
CA PHE A 3 -3.00 -6.28 11.99
C PHE A 3 -2.12 -6.84 13.10
N HIS A 4 -2.30 -6.33 14.33
CA HIS A 4 -1.53 -6.76 15.50
C HIS A 4 -0.15 -6.11 15.51
N ASP A 5 -0.03 -5.06 16.30
CA ASP A 5 1.21 -4.32 16.43
C ASP A 5 1.02 -3.18 17.40
N ASN A 6 0.00 -2.37 17.14
CA ASN A 6 -0.32 -1.24 18.00
C ASN A 6 -1.81 -0.92 17.99
N ALA A 7 -2.58 -1.62 17.15
CA ALA A 7 -4.02 -1.41 17.10
C ALA A 7 -4.76 -2.69 16.68
N ASN A 8 -5.44 -3.30 17.62
CA ASN A 8 -6.20 -4.50 17.35
C ASN A 8 -7.58 -4.41 18.02
N GLY A 9 -7.99 -3.19 18.33
CA GLY A 9 -9.28 -2.97 18.95
C GLY A 9 -10.11 -1.97 18.17
N GLY A 10 -11.42 -2.19 18.15
CA GLY A 10 -12.31 -1.31 17.42
C GLY A 10 -12.34 -1.67 15.95
N GLN A 11 -11.25 -1.39 15.25
CA GLN A 11 -11.13 -1.75 13.85
C GLN A 11 -10.06 -2.82 13.67
N ASN A 12 -10.50 -4.03 13.36
CA ASN A 12 -9.60 -5.17 13.21
C ASN A 12 -9.06 -5.21 11.80
N GLY A 13 -8.20 -4.26 11.46
CA GLY A 13 -7.63 -4.21 10.13
C GLY A 13 -8.23 -3.10 9.30
N THR A 14 -7.46 -2.04 9.13
CA THR A 14 -7.87 -0.93 8.31
C THR A 14 -7.27 -1.08 6.91
N VAL A 15 -8.07 -0.78 5.89
CA VAL A 15 -7.61 -0.88 4.52
C VAL A 15 -7.96 0.39 3.72
N GLN A 16 -6.94 0.97 3.10
CA GLN A 16 -7.15 2.15 2.26
C GLN A 16 -6.81 1.82 0.81
N GLU A 17 -7.79 1.97 -0.06
CA GLU A 17 -7.59 1.75 -1.49
C GLU A 17 -7.20 3.06 -2.18
N ILE A 18 -5.97 3.12 -2.64
CA ILE A 18 -5.44 4.31 -3.29
C ILE A 18 -5.38 4.09 -4.79
N MET A 19 -5.42 5.17 -5.55
CA MET A 19 -5.28 5.10 -7.00
C MET A 19 -3.92 5.64 -7.40
N ILE A 20 -3.02 4.74 -7.76
CA ILE A 20 -1.64 5.11 -8.05
C ILE A 20 -1.46 5.43 -9.52
N PRO A 21 -0.94 6.62 -9.85
CA PRO A 21 -0.71 7.04 -11.23
C PRO A 21 0.07 5.99 -12.05
N ALA A 22 -0.33 5.83 -13.31
CA ALA A 22 0.16 4.74 -14.17
C ALA A 22 1.68 4.60 -14.18
N GLY A 23 2.37 5.64 -14.62
CA GLY A 23 3.82 5.58 -14.72
C GLY A 23 4.48 5.78 -13.37
N LYS A 24 3.78 6.47 -12.49
CA LYS A 24 4.27 6.73 -11.14
C LYS A 24 4.34 5.43 -10.33
N ALA A 25 3.61 4.42 -10.79
CA ALA A 25 3.59 3.12 -10.13
C ALA A 25 4.98 2.49 -10.07
N GLY A 26 5.86 2.91 -10.97
CA GLY A 26 7.23 2.44 -10.96
C GLY A 26 7.94 2.80 -9.67
N LEU A 27 7.50 3.88 -9.03
CA LEU A 27 8.10 4.32 -7.78
C LEU A 27 7.45 3.63 -6.59
N VAL A 28 6.15 3.37 -6.71
CA VAL A 28 5.39 2.75 -5.65
C VAL A 28 5.74 1.25 -5.53
N ILE A 29 6.08 0.65 -6.65
CA ILE A 29 6.51 -0.74 -6.66
C ILE A 29 8.01 -0.83 -6.35
N GLY A 30 8.77 0.05 -6.98
CA GLY A 30 10.18 0.13 -6.68
C GLY A 30 11.05 0.16 -7.90
N LYS A 31 12.33 0.42 -7.69
CA LYS A 31 13.29 0.51 -8.78
C LYS A 31 13.53 -0.89 -9.35
N GLY A 32 13.37 -1.90 -8.51
CA GLY A 32 13.47 -3.27 -8.96
C GLY A 32 12.37 -4.13 -8.37
N GLY A 33 11.31 -3.48 -7.91
CA GLY A 33 10.23 -4.19 -7.26
C GLY A 33 10.56 -4.56 -5.83
N GLU A 34 11.71 -4.08 -5.37
CA GLU A 34 12.18 -4.38 -4.02
C GLU A 34 11.61 -3.40 -3.00
N THR A 35 11.21 -2.23 -3.46
CA THR A 35 10.72 -1.18 -2.59
C THR A 35 9.41 -1.61 -1.91
N ILE A 36 8.47 -2.11 -2.69
CA ILE A 36 7.17 -2.56 -2.19
C ILE A 36 7.34 -3.61 -1.08
N LYS A 37 8.41 -4.39 -1.17
CA LYS A 37 8.68 -5.44 -0.21
C LYS A 37 9.17 -4.82 1.11
N GLN A 38 9.99 -3.79 0.99
CA GLN A 38 10.54 -3.11 2.16
C GLN A 38 9.45 -2.38 2.92
N LEU A 39 8.49 -1.84 2.17
CA LEU A 39 7.38 -1.09 2.76
C LEU A 39 6.61 -1.96 3.74
N GLN A 40 6.39 -3.21 3.33
CA GLN A 40 5.66 -4.16 4.16
C GLN A 40 6.42 -4.44 5.46
N GLU A 41 7.74 -4.53 5.35
CA GLU A 41 8.58 -4.85 6.48
C GLU A 41 8.71 -3.66 7.44
N ARG A 42 9.06 -2.51 6.89
CA ARG A 42 9.39 -1.35 7.70
C ARG A 42 8.18 -0.81 8.46
N ALA A 43 7.01 -0.84 7.84
CA ALA A 43 5.82 -0.29 8.46
C ALA A 43 5.01 -1.37 9.17
N GLY A 44 5.34 -2.62 8.89
CA GLY A 44 4.60 -3.74 9.43
C GLY A 44 3.21 -3.82 8.84
N VAL A 45 3.10 -3.39 7.59
CA VAL A 45 1.83 -3.31 6.90
C VAL A 45 1.77 -4.32 5.76
N LYS A 46 0.60 -4.55 5.23
CA LYS A 46 0.46 -5.33 4.03
C LYS A 46 0.01 -4.43 2.89
N MET A 47 0.77 -4.40 1.82
CA MET A 47 0.42 -3.59 0.66
C MET A 47 0.35 -4.47 -0.56
N ILE A 48 -0.84 -4.57 -1.12
CA ILE A 48 -1.03 -5.35 -2.33
C ILE A 48 -1.19 -4.42 -3.53
N LEU A 49 -0.16 -4.36 -4.34
CA LEU A 49 -0.19 -3.57 -5.55
C LEU A 49 -0.96 -4.32 -6.63
N ILE A 50 -2.21 -3.91 -6.85
CA ILE A 50 -3.06 -4.57 -7.82
C ILE A 50 -2.83 -3.95 -9.19
N GLN A 51 -1.84 -4.44 -9.89
CA GLN A 51 -1.49 -3.90 -11.19
C GLN A 51 -1.84 -4.87 -12.30
N ASP A 52 -2.05 -6.12 -11.94
CA ASP A 52 -2.51 -7.13 -12.89
C ASP A 52 -4.00 -7.35 -12.76
N GLY A 53 -4.50 -7.24 -11.52
CA GLY A 53 -5.91 -7.48 -11.27
C GLY A 53 -6.76 -6.24 -11.49
N SER A 54 -6.44 -5.49 -12.53
CA SER A 54 -7.15 -4.28 -12.84
C SER A 54 -7.42 -4.17 -14.33
N GLN A 55 -8.56 -3.58 -14.68
CA GLN A 55 -8.93 -3.39 -16.07
C GLN A 55 -8.61 -1.96 -16.47
N ASN A 56 -8.41 -1.14 -15.45
CA ASN A 56 -7.83 0.18 -15.61
C ASN A 56 -6.34 0.07 -15.34
N THR A 57 -5.79 -1.11 -15.65
CA THR A 57 -4.38 -1.40 -15.43
C THR A 57 -3.49 -0.45 -16.22
N ASN A 58 -4.05 0.19 -17.23
CA ASN A 58 -3.28 1.10 -18.07
C ASN A 58 -3.26 2.51 -17.49
N VAL A 59 -3.94 2.69 -16.37
CA VAL A 59 -3.99 4.00 -15.71
C VAL A 59 -3.74 3.82 -14.21
N ASP A 60 -4.50 4.58 -13.42
CA ASP A 60 -4.43 4.54 -11.97
C ASP A 60 -4.52 3.12 -11.42
N LYS A 61 -3.68 2.82 -10.44
CA LYS A 61 -3.52 1.49 -9.88
C LYS A 61 -4.29 1.35 -8.59
N PRO A 62 -5.14 0.32 -8.48
CA PRO A 62 -5.77 -0.08 -7.21
C PRO A 62 -4.74 -0.56 -6.19
N LEU A 63 -4.58 0.18 -5.11
CA LEU A 63 -3.63 -0.20 -4.06
C LEU A 63 -4.32 -0.34 -2.71
N ARG A 64 -4.14 -1.48 -2.07
CA ARG A 64 -4.69 -1.69 -0.73
C ARG A 64 -3.59 -1.72 0.32
N ILE A 65 -3.63 -0.75 1.22
CA ILE A 65 -2.77 -0.76 2.39
C ILE A 65 -3.56 -1.31 3.57
N ILE A 66 -3.13 -2.45 4.08
CA ILE A 66 -3.86 -3.14 5.12
C ILE A 66 -3.01 -3.28 6.39
N GLY A 67 -3.63 -3.11 7.54
CA GLY A 67 -2.93 -3.29 8.80
C GLY A 67 -3.60 -2.55 9.94
N ASP A 68 -2.86 -2.30 11.01
CA ASP A 68 -3.34 -1.50 12.11
C ASP A 68 -3.64 -0.09 11.60
N PRO A 69 -4.76 0.51 12.01
CA PRO A 69 -5.22 1.80 11.48
C PRO A 69 -4.10 2.83 11.31
N TYR A 70 -3.20 2.89 12.28
CA TYR A 70 -2.14 3.90 12.30
C TYR A 70 -1.11 3.66 11.20
N LYS A 71 -0.58 2.44 11.13
CA LYS A 71 0.44 2.12 10.14
C LYS A 71 -0.12 2.26 8.73
N VAL A 72 -1.42 1.98 8.57
CA VAL A 72 -2.06 2.12 7.27
C VAL A 72 -1.90 3.55 6.75
N GLN A 73 -2.18 4.53 7.62
CA GLN A 73 -2.02 5.92 7.24
C GLN A 73 -0.55 6.30 7.12
N GLN A 74 0.27 5.83 8.06
CA GLN A 74 1.71 6.12 8.02
C GLN A 74 2.33 5.58 6.74
N ALA A 75 1.95 4.37 6.37
CA ALA A 75 2.45 3.74 5.16
C ALA A 75 1.88 4.43 3.92
N CYS A 76 0.63 4.83 4.00
CA CYS A 76 -0.03 5.56 2.92
C CYS A 76 0.71 6.87 2.65
N GLU A 77 0.87 7.69 3.70
CA GLU A 77 1.57 8.95 3.57
C GLU A 77 3.01 8.73 3.14
N MET A 78 3.56 7.59 3.53
CA MET A 78 4.92 7.22 3.18
C MET A 78 5.05 7.02 1.66
N VAL A 79 4.19 6.18 1.10
CA VAL A 79 4.27 5.86 -0.31
C VAL A 79 3.69 6.97 -1.16
N MET A 80 2.66 7.63 -0.63
CA MET A 80 2.03 8.74 -1.33
C MET A 80 2.99 9.91 -1.45
N ASP A 81 3.82 10.09 -0.42
CA ASP A 81 4.83 11.15 -0.44
C ASP A 81 5.81 10.92 -1.60
N ILE A 82 6.14 9.66 -1.84
CA ILE A 82 7.04 9.30 -2.93
C ILE A 82 6.39 9.61 -4.28
N LEU A 83 5.06 9.59 -4.31
CA LEU A 83 4.31 9.79 -5.53
C LEU A 83 3.95 11.26 -5.73
N ARG A 84 3.83 11.99 -4.62
CA ARG A 84 3.47 13.41 -4.65
C ARG A 84 4.71 14.27 -4.83
N GLU A 85 5.85 13.66 -4.65
CA GLU A 85 7.13 14.36 -4.74
C GLU A 85 7.63 14.34 -6.17
N GLY A 1 -13.89 -3.24 16.19
CA GLY A 1 -12.51 -3.69 16.18
C GLY A 1 -11.80 -3.25 14.92
N GLN A 2 -10.88 -2.31 15.07
CA GLN A 2 -10.10 -1.81 13.93
C GLN A 2 -9.00 -2.80 13.58
N PHE A 3 -8.64 -3.63 14.55
CA PHE A 3 -7.70 -4.70 14.35
C PHE A 3 -8.31 -6.00 14.81
N HIS A 4 -7.82 -7.10 14.25
CA HIS A 4 -8.39 -8.41 14.55
C HIS A 4 -7.78 -8.96 15.84
N ASP A 5 -8.15 -8.34 16.96
CA ASP A 5 -7.71 -8.73 18.32
C ASP A 5 -6.27 -9.24 18.36
N ASN A 6 -6.11 -10.55 18.43
CA ASN A 6 -4.79 -11.17 18.46
C ASN A 6 -4.57 -12.00 17.21
N ALA A 7 -5.67 -12.43 16.61
CA ALA A 7 -5.62 -13.27 15.42
C ALA A 7 -5.45 -12.43 14.16
N ASN A 8 -4.32 -11.75 14.07
CA ASN A 8 -4.01 -10.90 12.93
C ASN A 8 -2.53 -11.00 12.59
N GLY A 9 -2.20 -10.75 11.34
CA GLY A 9 -0.82 -10.82 10.89
C GLY A 9 -0.60 -9.95 9.67
N GLY A 10 -0.11 -8.75 9.90
CA GLY A 10 -0.04 -7.76 8.83
C GLY A 10 -1.40 -7.15 8.58
N GLN A 11 -2.32 -7.99 8.12
CA GLN A 11 -3.72 -7.61 7.95
C GLN A 11 -4.41 -7.61 9.32
N ASN A 12 -4.86 -6.44 9.76
CA ASN A 12 -5.52 -6.31 11.05
C ASN A 12 -7.03 -6.25 10.87
N GLY A 13 -7.50 -5.20 10.21
CA GLY A 13 -8.93 -5.08 9.94
C GLY A 13 -9.27 -3.75 9.30
N THR A 14 -8.39 -3.26 8.44
CA THR A 14 -8.58 -1.97 7.79
C THR A 14 -7.85 -1.93 6.46
N VAL A 15 -8.56 -1.52 5.42
CA VAL A 15 -8.00 -1.41 4.08
C VAL A 15 -8.33 -0.07 3.46
N GLN A 16 -7.32 0.59 2.90
CA GLN A 16 -7.53 1.82 2.16
C GLN A 16 -7.05 1.65 0.73
N GLU A 17 -7.98 1.72 -0.21
CA GLU A 17 -7.66 1.61 -1.63
C GLU A 17 -7.28 2.97 -2.22
N ILE A 18 -6.06 3.04 -2.72
CA ILE A 18 -5.53 4.28 -3.29
C ILE A 18 -5.50 4.19 -4.81
N MET A 19 -5.36 5.33 -5.47
CA MET A 19 -5.23 5.40 -6.92
C MET A 19 -3.82 5.82 -7.27
N ILE A 20 -2.97 4.85 -7.52
CA ILE A 20 -1.57 5.11 -7.74
C ILE A 20 -1.30 5.52 -9.19
N PRO A 21 -0.64 6.68 -9.39
CA PRO A 21 -0.29 7.18 -10.72
C PRO A 21 0.32 6.11 -11.61
N ALA A 22 -0.28 5.91 -12.78
CA ALA A 22 0.11 4.84 -13.70
C ALA A 22 1.53 5.02 -14.20
N GLY A 23 1.94 6.27 -14.40
CA GLY A 23 3.27 6.55 -14.90
C GLY A 23 4.30 6.70 -13.80
N LYS A 24 3.86 6.66 -12.56
CA LYS A 24 4.76 6.87 -11.43
C LYS A 24 4.75 5.66 -10.50
N ALA A 25 4.26 4.54 -11.01
CA ALA A 25 4.15 3.30 -10.23
C ALA A 25 5.53 2.72 -9.95
N GLY A 26 6.50 3.09 -10.77
CA GLY A 26 7.86 2.61 -10.58
C GLY A 26 8.49 3.10 -9.29
N LEU A 27 7.91 4.16 -8.72
CA LEU A 27 8.40 4.70 -7.47
C LEU A 27 7.74 4.02 -6.27
N VAL A 28 6.44 3.77 -6.38
CA VAL A 28 5.68 3.15 -5.32
C VAL A 28 6.07 1.69 -5.15
N ILE A 29 6.41 1.06 -6.27
CA ILE A 29 6.83 -0.34 -6.27
C ILE A 29 8.33 -0.45 -6.10
N GLY A 30 9.05 0.44 -6.76
CA GLY A 30 10.50 0.43 -6.69
C GLY A 30 11.11 -0.04 -7.99
N LYS A 31 12.32 0.43 -8.28
CA LYS A 31 13.00 0.08 -9.51
C LYS A 31 13.42 -1.39 -9.53
N GLY A 32 13.31 -2.03 -8.37
CA GLY A 32 13.61 -3.45 -8.28
C GLY A 32 12.60 -4.18 -7.44
N GLY A 33 11.45 -3.55 -7.22
CA GLY A 33 10.42 -4.13 -6.37
C GLY A 33 10.81 -4.15 -4.90
N GLU A 34 11.99 -3.63 -4.60
CA GLU A 34 12.50 -3.62 -3.24
C GLU A 34 11.71 -2.67 -2.35
N THR A 35 11.29 -1.55 -2.94
CA THR A 35 10.54 -0.54 -2.23
C THR A 35 9.26 -1.12 -1.63
N ILE A 36 8.39 -1.63 -2.49
CA ILE A 36 7.08 -2.13 -2.07
C ILE A 36 7.19 -3.28 -1.08
N LYS A 37 8.27 -4.05 -1.18
CA LYS A 37 8.49 -5.19 -0.31
C LYS A 37 8.91 -4.70 1.08
N GLN A 38 9.79 -3.70 1.12
CA GLN A 38 10.28 -3.16 2.38
C GLN A 38 9.15 -2.47 3.13
N LEU A 39 8.22 -1.91 2.38
CA LEU A 39 7.08 -1.21 2.97
C LEU A 39 6.24 -2.17 3.80
N GLN A 40 6.18 -3.42 3.36
CA GLN A 40 5.42 -4.45 4.06
C GLN A 40 6.10 -4.83 5.37
N GLU A 41 7.40 -4.58 5.44
CA GLU A 41 8.19 -4.89 6.62
C GLU A 41 8.18 -3.73 7.60
N ARG A 42 8.56 -2.55 7.12
CA ARG A 42 8.76 -1.37 7.96
C ARG A 42 7.45 -0.82 8.52
N ALA A 43 6.36 -0.96 7.77
CA ALA A 43 5.09 -0.40 8.19
C ALA A 43 4.23 -1.41 8.93
N GLY A 44 4.56 -2.69 8.74
CA GLY A 44 3.80 -3.75 9.39
C GLY A 44 2.46 -3.99 8.71
N VAL A 45 2.34 -3.50 7.49
CA VAL A 45 1.12 -3.65 6.71
C VAL A 45 1.38 -4.47 5.47
N LYS A 46 0.33 -4.92 4.83
CA LYS A 46 0.45 -5.52 3.53
C LYS A 46 -0.10 -4.56 2.50
N MET A 47 0.70 -4.16 1.55
CA MET A 47 0.23 -3.29 0.50
C MET A 47 0.26 -4.03 -0.81
N ILE A 48 -0.89 -4.27 -1.38
CA ILE A 48 -0.96 -4.96 -2.64
C ILE A 48 -1.16 -3.96 -3.77
N LEU A 49 -0.10 -3.77 -4.55
CA LEU A 49 -0.18 -3.01 -5.77
C LEU A 49 -0.92 -3.85 -6.78
N ILE A 50 -2.20 -3.56 -6.98
CA ILE A 50 -3.05 -4.43 -7.77
C ILE A 50 -2.72 -4.30 -9.25
N GLN A 51 -1.75 -5.09 -9.66
CA GLN A 51 -1.42 -5.29 -11.06
C GLN A 51 -1.91 -6.68 -11.46
N ASP A 52 -1.93 -7.55 -10.46
CA ASP A 52 -2.48 -8.89 -10.60
C ASP A 52 -3.93 -8.82 -11.05
N GLY A 53 -4.64 -7.82 -10.54
CA GLY A 53 -5.97 -7.54 -11.01
C GLY A 53 -5.95 -6.47 -12.08
N SER A 54 -5.92 -6.90 -13.34
CA SER A 54 -5.79 -5.99 -14.46
C SER A 54 -7.10 -5.25 -14.75
N GLN A 55 -7.61 -4.57 -13.73
CA GLN A 55 -8.84 -3.80 -13.86
C GLN A 55 -8.51 -2.33 -14.10
N ASN A 56 -7.58 -1.80 -13.31
CA ASN A 56 -7.18 -0.41 -13.44
C ASN A 56 -5.69 -0.34 -13.74
N THR A 57 -5.23 -1.28 -14.55
CA THR A 57 -3.83 -1.34 -14.94
C THR A 57 -3.49 -0.30 -16.00
N ASN A 58 -4.50 0.12 -16.74
CA ASN A 58 -4.33 1.14 -17.78
C ASN A 58 -4.35 2.54 -17.16
N VAL A 59 -4.94 2.65 -15.99
CA VAL A 59 -5.08 3.92 -15.31
C VAL A 59 -4.41 3.87 -13.94
N ASP A 60 -4.87 4.72 -13.04
CA ASP A 60 -4.39 4.73 -11.66
C ASP A 60 -4.56 3.35 -11.02
N LYS A 61 -3.58 2.95 -10.24
CA LYS A 61 -3.49 1.59 -9.73
C LYS A 61 -4.20 1.46 -8.40
N PRO A 62 -5.03 0.44 -8.26
CA PRO A 62 -5.67 0.12 -6.99
C PRO A 62 -4.65 -0.36 -5.96
N LEU A 63 -4.41 0.45 -4.95
CA LEU A 63 -3.48 0.07 -3.89
C LEU A 63 -4.25 -0.22 -2.61
N ARG A 64 -4.21 -1.46 -2.18
CA ARG A 64 -4.83 -1.84 -0.94
C ARG A 64 -3.81 -1.93 0.16
N ILE A 65 -3.80 -0.96 1.06
CA ILE A 65 -3.01 -1.05 2.26
C ILE A 65 -3.82 -1.79 3.31
N ILE A 66 -3.48 -3.04 3.51
CA ILE A 66 -4.24 -3.91 4.39
C ILE A 66 -3.54 -4.04 5.73
N GLY A 67 -4.19 -3.57 6.77
CA GLY A 67 -3.62 -3.67 8.10
C GLY A 67 -4.50 -3.02 9.15
N ASP A 68 -3.91 -2.09 9.87
CA ASP A 68 -4.59 -1.38 10.96
C ASP A 68 -4.63 0.10 10.63
N PRO A 69 -5.73 0.82 10.95
CA PRO A 69 -5.91 2.22 10.54
C PRO A 69 -4.66 3.08 10.73
N TYR A 70 -3.95 2.82 11.82
CA TYR A 70 -2.76 3.57 12.17
C TYR A 70 -1.65 3.36 11.15
N LYS A 71 -1.16 2.13 11.01
CA LYS A 71 -0.10 1.83 10.07
C LYS A 71 -0.57 1.99 8.63
N VAL A 72 -1.83 1.69 8.36
CA VAL A 72 -2.37 1.88 7.02
C VAL A 72 -2.23 3.32 6.57
N GLN A 73 -2.46 4.25 7.50
CA GLN A 73 -2.32 5.66 7.19
C GLN A 73 -0.85 6.05 7.07
N GLN A 74 -0.03 5.59 8.02
CA GLN A 74 1.40 5.91 7.99
C GLN A 74 2.02 5.44 6.68
N ALA A 75 1.65 4.24 6.30
CA ALA A 75 2.16 3.64 5.08
C ALA A 75 1.66 4.39 3.86
N CYS A 76 0.38 4.80 3.90
CA CYS A 76 -0.23 5.54 2.80
C CYS A 76 0.46 6.89 2.59
N GLU A 77 0.50 7.72 3.64
CA GLU A 77 1.10 9.05 3.52
C GLU A 77 2.59 8.96 3.20
N MET A 78 3.17 7.80 3.48
CA MET A 78 4.58 7.55 3.17
C MET A 78 4.75 7.31 1.67
N VAL A 79 3.96 6.38 1.14
CA VAL A 79 4.12 5.98 -0.26
C VAL A 79 3.47 6.98 -1.20
N MET A 80 2.42 7.63 -0.71
CA MET A 80 1.75 8.66 -1.49
C MET A 80 2.67 9.84 -1.69
N ASP A 81 3.54 10.09 -0.71
CA ASP A 81 4.54 11.16 -0.83
C ASP A 81 5.48 10.91 -1.99
N ILE A 82 5.85 9.64 -2.16
CA ILE A 82 6.73 9.23 -3.24
C ILE A 82 6.08 9.50 -4.60
N LEU A 83 4.77 9.66 -4.59
CA LEU A 83 4.00 9.82 -5.81
C LEU A 83 3.62 11.28 -6.04
N ARG A 84 3.24 11.99 -4.98
CA ARG A 84 2.82 13.38 -5.13
C ARG A 84 4.02 14.33 -5.27
N GLU A 85 5.21 13.76 -5.15
CA GLU A 85 6.43 14.54 -5.32
C GLU A 85 7.06 14.18 -6.66
N GLY A 1 -11.56 3.19 19.05
CA GLY A 1 -10.99 2.78 17.78
C GLY A 1 -9.79 1.87 17.95
N GLN A 2 -8.60 2.48 17.97
CA GLN A 2 -7.33 1.74 18.01
C GLN A 2 -7.13 0.96 16.72
N PHE A 3 -7.86 -0.13 16.57
CA PHE A 3 -7.78 -0.96 15.40
C PHE A 3 -9.17 -1.23 14.85
N HIS A 4 -10.15 -0.58 15.46
CA HIS A 4 -11.55 -0.83 15.19
C HIS A 4 -11.93 -2.23 15.66
N ASP A 5 -12.51 -2.30 16.85
CA ASP A 5 -12.94 -3.58 17.42
C ASP A 5 -13.95 -4.25 16.50
N ASN A 6 -13.84 -5.57 16.39
CA ASN A 6 -14.65 -6.35 15.45
C ASN A 6 -14.25 -6.00 14.02
N ALA A 7 -12.95 -6.15 13.74
CA ALA A 7 -12.39 -5.89 12.42
C ALA A 7 -10.93 -6.33 12.35
N ASN A 8 -10.06 -5.63 13.09
CA ASN A 8 -8.63 -5.91 13.06
C ASN A 8 -8.24 -6.75 14.28
N GLY A 9 -8.22 -8.06 14.09
CA GLY A 9 -7.83 -8.96 15.16
C GLY A 9 -6.95 -10.07 14.63
N GLY A 10 -5.65 -9.82 14.60
CA GLY A 10 -4.73 -10.76 13.96
C GLY A 10 -4.73 -10.56 12.46
N GLN A 11 -5.93 -10.62 11.90
CA GLN A 11 -6.15 -10.26 10.52
C GLN A 11 -6.29 -8.76 10.42
N ASN A 12 -5.41 -8.12 9.65
CA ASN A 12 -5.43 -6.67 9.52
C ASN A 12 -6.70 -6.23 8.81
N GLY A 13 -7.49 -5.40 9.49
CA GLY A 13 -8.83 -5.10 9.03
C GLY A 13 -8.95 -3.77 8.31
N THR A 14 -8.20 -2.77 8.75
CA THR A 14 -8.30 -1.43 8.17
C THR A 14 -7.63 -1.41 6.79
N VAL A 15 -8.37 -0.92 5.80
CA VAL A 15 -7.88 -0.89 4.42
C VAL A 15 -8.23 0.42 3.74
N GLN A 16 -7.22 1.13 3.27
CA GLN A 16 -7.45 2.32 2.46
C GLN A 16 -7.10 2.03 1.01
N GLU A 17 -8.09 2.14 0.14
CA GLU A 17 -7.88 1.98 -1.30
C GLU A 17 -7.55 3.30 -1.96
N ILE A 18 -6.35 3.39 -2.49
CA ILE A 18 -5.89 4.58 -3.19
C ILE A 18 -5.79 4.28 -4.68
N MET A 19 -5.96 5.28 -5.51
CA MET A 19 -5.77 5.13 -6.94
C MET A 19 -4.45 5.78 -7.33
N ILE A 20 -3.43 4.96 -7.46
CA ILE A 20 -2.09 5.46 -7.73
C ILE A 20 -1.93 5.74 -9.22
N PRO A 21 -1.43 6.94 -9.58
CA PRO A 21 -1.18 7.34 -10.96
C PRO A 21 -0.44 6.26 -11.74
N ALA A 22 -0.99 5.89 -12.90
CA ALA A 22 -0.53 4.74 -13.67
C ALA A 22 0.99 4.67 -13.81
N GLY A 23 1.58 5.75 -14.32
CA GLY A 23 3.01 5.76 -14.60
C GLY A 23 3.85 6.04 -13.36
N LYS A 24 3.20 6.34 -12.26
CA LYS A 24 3.89 6.68 -11.02
C LYS A 24 4.03 5.44 -10.14
N ALA A 25 3.35 4.36 -10.54
CA ALA A 25 3.39 3.11 -9.77
C ALA A 25 4.80 2.52 -9.76
N GLY A 26 5.60 2.89 -10.76
CA GLY A 26 6.97 2.39 -10.82
C GLY A 26 7.78 2.78 -9.60
N LEU A 27 7.41 3.88 -8.97
CA LEU A 27 8.12 4.37 -7.80
C LEU A 27 7.66 3.66 -6.54
N VAL A 28 6.38 3.32 -6.48
CA VAL A 28 5.84 2.60 -5.33
C VAL A 28 6.27 1.15 -5.36
N ILE A 29 6.37 0.58 -6.56
CA ILE A 29 6.80 -0.80 -6.71
C ILE A 29 8.32 -0.87 -6.58
N GLY A 30 8.98 0.07 -7.22
CA GLY A 30 10.42 0.14 -7.16
C GLY A 30 11.06 -0.20 -8.47
N LYS A 31 12.37 -0.03 -8.55
CA LYS A 31 13.10 -0.29 -9.78
C LYS A 31 13.25 -1.80 -9.98
N GLY A 32 13.15 -2.56 -8.89
CA GLY A 32 13.27 -4.00 -8.98
C GLY A 32 12.14 -4.70 -8.26
N GLY A 33 11.30 -3.94 -7.59
CA GLY A 33 10.21 -4.51 -6.83
C GLY A 33 10.52 -4.59 -5.35
N GLU A 34 11.72 -4.15 -4.99
CA GLU A 34 12.16 -4.19 -3.61
C GLU A 34 11.55 -3.06 -2.80
N THR A 35 11.11 -2.01 -3.49
CA THR A 35 10.54 -0.85 -2.82
C THR A 35 9.19 -1.21 -2.19
N ILE A 36 8.30 -1.80 -2.98
CA ILE A 36 6.99 -2.22 -2.45
C ILE A 36 7.18 -3.36 -1.44
N LYS A 37 8.28 -4.10 -1.59
CA LYS A 37 8.64 -5.15 -0.66
C LYS A 37 8.91 -4.58 0.74
N GLN A 38 9.78 -3.59 0.79
CA GLN A 38 10.22 -3.02 2.06
C GLN A 38 9.09 -2.26 2.74
N LEU A 39 8.28 -1.58 1.94
CA LEU A 39 7.15 -0.81 2.43
C LEU A 39 6.24 -1.67 3.32
N GLN A 40 6.03 -2.91 2.92
CA GLN A 40 5.17 -3.82 3.66
C GLN A 40 5.82 -4.22 4.98
N GLU A 41 7.13 -4.46 4.94
CA GLU A 41 7.86 -4.93 6.10
C GLU A 41 8.05 -3.83 7.13
N ARG A 42 8.32 -2.62 6.68
CA ARG A 42 8.63 -1.51 7.58
C ARG A 42 7.40 -1.03 8.36
N ALA A 43 6.24 -1.08 7.72
CA ALA A 43 5.04 -0.51 8.32
C ALA A 43 4.17 -1.57 8.99
N GLY A 44 4.56 -2.83 8.81
CA GLY A 44 3.79 -3.93 9.37
C GLY A 44 2.42 -4.05 8.73
N VAL A 45 2.36 -3.68 7.46
CA VAL A 45 1.11 -3.70 6.70
C VAL A 45 1.30 -4.51 5.45
N LYS A 46 0.24 -4.61 4.67
CA LYS A 46 0.38 -5.13 3.32
C LYS A 46 -0.15 -4.10 2.34
N MET A 47 0.68 -3.76 1.38
CA MET A 47 0.30 -2.85 0.32
C MET A 47 0.22 -3.63 -0.97
N ILE A 48 -0.97 -3.74 -1.53
CA ILE A 48 -1.12 -4.43 -2.79
C ILE A 48 -1.36 -3.43 -3.91
N LEU A 49 -0.33 -3.21 -4.70
CA LEU A 49 -0.44 -2.36 -5.87
C LEU A 49 -0.88 -3.22 -7.05
N ILE A 50 -2.16 -3.13 -7.39
CA ILE A 50 -2.67 -3.88 -8.53
C ILE A 50 -2.29 -3.16 -9.82
N GLN A 51 -1.10 -3.46 -10.31
CA GLN A 51 -0.57 -2.75 -11.47
C GLN A 51 -0.39 -3.69 -12.64
N ASP A 52 -0.27 -4.97 -12.36
CA ASP A 52 -0.10 -5.97 -13.42
C ASP A 52 -1.20 -7.02 -13.32
N GLY A 53 -1.90 -7.04 -12.18
CA GLY A 53 -2.95 -8.02 -11.96
C GLY A 53 -4.26 -7.66 -12.64
N SER A 54 -4.16 -6.90 -13.72
CA SER A 54 -5.31 -6.45 -14.50
C SER A 54 -6.29 -5.64 -13.65
N GLN A 55 -7.57 -5.63 -14.07
CA GLN A 55 -8.64 -4.89 -13.40
C GLN A 55 -8.48 -3.39 -13.65
N ASN A 56 -7.37 -2.84 -13.19
CA ASN A 56 -7.03 -1.45 -13.45
C ASN A 56 -5.59 -1.36 -13.93
N THR A 57 -5.24 -2.23 -14.86
CA THR A 57 -3.88 -2.33 -15.36
C THR A 57 -3.49 -1.10 -16.18
N ASN A 58 -4.34 -0.74 -17.12
CA ASN A 58 -4.02 0.35 -18.04
C ASN A 58 -4.44 1.71 -17.50
N VAL A 59 -4.85 1.74 -16.24
CA VAL A 59 -5.30 2.97 -15.60
C VAL A 59 -4.66 3.16 -14.24
N ASP A 60 -5.31 3.95 -13.38
CA ASP A 60 -4.83 4.17 -12.02
C ASP A 60 -4.78 2.86 -11.25
N LYS A 61 -3.92 2.80 -10.25
CA LYS A 61 -3.61 1.57 -9.56
C LYS A 61 -4.37 1.44 -8.26
N PRO A 62 -5.17 0.37 -8.13
CA PRO A 62 -5.85 0.04 -6.88
C PRO A 62 -4.84 -0.35 -5.80
N LEU A 63 -4.66 0.55 -4.84
CA LEU A 63 -3.73 0.31 -3.75
C LEU A 63 -4.48 0.07 -2.46
N ARG A 64 -4.41 -1.15 -1.96
CA ARG A 64 -4.99 -1.46 -0.68
C ARG A 64 -3.92 -1.53 0.39
N ILE A 65 -3.90 -0.53 1.26
CA ILE A 65 -3.04 -0.58 2.43
C ILE A 65 -3.80 -1.29 3.54
N ILE A 66 -3.43 -2.54 3.79
CA ILE A 66 -4.12 -3.39 4.74
C ILE A 66 -3.38 -3.43 6.07
N GLY A 67 -4.05 -3.02 7.14
CA GLY A 67 -3.45 -3.04 8.45
C GLY A 67 -4.32 -2.39 9.52
N ASP A 68 -3.69 -1.58 10.35
CA ASP A 68 -4.37 -0.88 11.43
C ASP A 68 -4.56 0.57 11.02
N PRO A 69 -5.51 1.29 11.61
CA PRO A 69 -5.76 2.71 11.28
C PRO A 69 -4.47 3.52 11.27
N TYR A 70 -3.59 3.24 12.23
CA TYR A 70 -2.32 3.97 12.35
C TYR A 70 -1.41 3.69 11.16
N LYS A 71 -1.00 2.42 11.02
CA LYS A 71 -0.02 2.05 10.01
C LYS A 71 -0.57 2.21 8.60
N VAL A 72 -1.88 2.12 8.44
CA VAL A 72 -2.49 2.29 7.12
C VAL A 72 -2.42 3.76 6.72
N GLN A 73 -2.55 4.65 7.70
CA GLN A 73 -2.47 6.07 7.47
C GLN A 73 -1.01 6.44 7.22
N GLN A 74 -0.15 6.02 8.14
CA GLN A 74 1.27 6.31 8.04
C GLN A 74 1.88 5.75 6.76
N ALA A 75 1.45 4.56 6.38
CA ALA A 75 1.94 3.93 5.16
C ALA A 75 1.46 4.68 3.93
N CYS A 76 0.23 5.18 4.00
CA CYS A 76 -0.36 5.90 2.87
C CYS A 76 0.36 7.22 2.64
N GLU A 77 0.61 7.98 3.69
CA GLU A 77 1.33 9.23 3.54
C GLU A 77 2.80 8.96 3.21
N MET A 78 3.26 7.75 3.49
CA MET A 78 4.61 7.35 3.13
C MET A 78 4.70 7.06 1.64
N VAL A 79 3.75 6.28 1.12
CA VAL A 79 3.75 5.95 -0.30
C VAL A 79 3.37 7.16 -1.15
N MET A 80 2.49 8.00 -0.61
CA MET A 80 2.14 9.25 -1.29
C MET A 80 3.32 10.19 -1.31
N ASP A 81 4.20 10.05 -0.33
CA ASP A 81 5.44 10.83 -0.29
C ASP A 81 6.34 10.47 -1.45
N ILE A 82 6.48 9.17 -1.70
CA ILE A 82 7.31 8.69 -2.79
C ILE A 82 6.74 9.14 -4.15
N LEU A 83 5.46 9.46 -4.15
CA LEU A 83 4.78 9.84 -5.39
C LEU A 83 4.69 11.35 -5.55
N ARG A 84 4.99 12.09 -4.48
CA ARG A 84 4.88 13.55 -4.50
C ARG A 84 6.25 14.16 -4.68
N GLU A 85 7.26 13.40 -4.29
CA GLU A 85 8.62 13.89 -4.21
C GLU A 85 9.46 13.25 -5.30
N GLY A 1 -3.57 2.19 18.94
CA GLY A 1 -3.85 1.40 17.76
C GLY A 1 -4.73 0.20 18.03
N GLN A 2 -5.31 -0.34 16.98
CA GLN A 2 -6.15 -1.51 17.06
C GLN A 2 -5.47 -2.64 16.31
N PHE A 3 -4.15 -2.72 16.49
CA PHE A 3 -3.30 -3.65 15.75
C PHE A 3 -3.55 -5.10 16.15
N HIS A 4 -4.58 -5.35 16.96
CA HIS A 4 -4.80 -6.68 17.50
C HIS A 4 -6.27 -7.06 17.46
N ASP A 5 -6.68 -7.63 16.33
CA ASP A 5 -8.04 -8.14 16.19
C ASP A 5 -7.97 -9.61 15.79
N ASN A 6 -9.07 -10.16 15.30
CA ASN A 6 -9.12 -11.55 14.84
C ASN A 6 -8.06 -11.78 13.78
N ALA A 7 -8.14 -10.98 12.73
CA ALA A 7 -7.11 -10.96 11.71
C ALA A 7 -6.15 -9.82 12.00
N ASN A 8 -5.00 -10.14 12.55
CA ASN A 8 -4.04 -9.13 12.95
C ASN A 8 -2.67 -9.42 12.33
N GLY A 9 -1.70 -8.58 12.65
CA GLY A 9 -0.38 -8.74 12.07
C GLY A 9 -0.21 -7.84 10.86
N GLY A 10 -0.14 -8.46 9.68
CA GLY A 10 -0.03 -7.69 8.46
C GLY A 10 -1.34 -7.02 8.09
N GLN A 11 -2.28 -7.82 7.60
CA GLN A 11 -3.62 -7.32 7.31
C GLN A 11 -4.44 -7.31 8.59
N ASN A 12 -5.17 -6.22 8.82
CA ASN A 12 -5.89 -6.07 10.09
C ASN A 12 -7.22 -5.35 9.86
N GLY A 13 -7.92 -5.71 8.81
CA GLY A 13 -9.25 -5.18 8.56
C GLY A 13 -9.25 -3.90 7.73
N THR A 14 -8.60 -2.85 8.25
CA THR A 14 -8.61 -1.56 7.60
C THR A 14 -7.87 -1.60 6.27
N VAL A 15 -8.54 -1.13 5.22
CA VAL A 15 -7.98 -1.12 3.88
C VAL A 15 -8.31 0.20 3.17
N GLN A 16 -7.29 0.84 2.63
CA GLN A 16 -7.46 2.03 1.82
C GLN A 16 -6.95 1.78 0.41
N GLU A 17 -7.85 1.82 -0.56
CA GLU A 17 -7.46 1.63 -1.95
C GLU A 17 -7.03 2.95 -2.57
N ILE A 18 -5.73 3.07 -2.80
CA ILE A 18 -5.16 4.29 -3.37
C ILE A 18 -5.18 4.22 -4.88
N MET A 19 -5.17 5.38 -5.52
CA MET A 19 -5.11 5.48 -6.97
C MET A 19 -3.72 5.92 -7.39
N ILE A 20 -2.86 4.96 -7.66
CA ILE A 20 -1.48 5.25 -8.01
C ILE A 20 -1.36 5.64 -9.47
N PRO A 21 -0.78 6.80 -9.76
CA PRO A 21 -0.54 7.26 -11.13
C PRO A 21 0.20 6.20 -11.96
N ALA A 22 -0.33 5.91 -13.14
CA ALA A 22 0.22 4.88 -14.02
C ALA A 22 1.67 5.16 -14.37
N GLY A 23 2.00 6.43 -14.58
CA GLY A 23 3.36 6.81 -14.89
C GLY A 23 4.17 7.13 -13.64
N LYS A 24 3.72 6.59 -12.50
CA LYS A 24 4.42 6.78 -11.24
C LYS A 24 4.55 5.42 -10.53
N ALA A 25 4.04 4.39 -11.18
CA ALA A 25 3.98 3.05 -10.60
C ALA A 25 5.36 2.50 -10.27
N GLY A 26 6.34 2.86 -11.10
CA GLY A 26 7.70 2.39 -10.89
C GLY A 26 8.27 2.79 -9.55
N LEU A 27 7.71 3.83 -8.96
CA LEU A 27 8.18 4.32 -7.66
C LEU A 27 7.48 3.60 -6.52
N VAL A 28 6.17 3.42 -6.66
CA VAL A 28 5.36 2.78 -5.64
C VAL A 28 5.74 1.30 -5.52
N ILE A 29 6.18 0.72 -6.63
CA ILE A 29 6.71 -0.64 -6.64
C ILE A 29 8.16 -0.61 -6.17
N GLY A 30 8.89 0.35 -6.69
CA GLY A 30 10.25 0.54 -6.25
C GLY A 30 11.25 0.32 -7.34
N LYS A 31 12.46 0.80 -7.13
CA LYS A 31 13.53 0.69 -8.11
C LYS A 31 14.13 -0.72 -8.08
N GLY A 32 13.27 -1.71 -8.28
CA GLY A 32 13.68 -3.10 -8.27
C GLY A 32 12.73 -3.96 -7.47
N GLY A 33 11.55 -3.40 -7.17
CA GLY A 33 10.56 -4.11 -6.36
C GLY A 33 10.98 -4.21 -4.91
N GLU A 34 12.06 -3.55 -4.55
CA GLU A 34 12.58 -3.59 -3.20
C GLU A 34 11.88 -2.58 -2.32
N THR A 35 11.31 -1.56 -2.93
CA THR A 35 10.59 -0.55 -2.20
C THR A 35 9.27 -1.12 -1.68
N ILE A 36 8.48 -1.73 -2.55
CA ILE A 36 7.22 -2.36 -2.16
C ILE A 36 7.46 -3.44 -1.09
N LYS A 37 8.61 -4.10 -1.20
CA LYS A 37 9.01 -5.11 -0.24
C LYS A 37 9.22 -4.48 1.13
N GLN A 38 9.77 -3.27 1.14
CA GLN A 38 10.05 -2.56 2.39
C GLN A 38 8.80 -1.91 2.94
N LEU A 39 7.99 -1.30 2.07
CA LEU A 39 6.80 -0.56 2.49
C LEU A 39 5.93 -1.37 3.45
N GLN A 40 5.72 -2.63 3.11
CA GLN A 40 4.93 -3.53 3.94
C GLN A 40 5.59 -3.72 5.31
N GLU A 41 6.90 -3.91 5.31
CA GLU A 41 7.66 -4.13 6.54
C GLU A 41 7.70 -2.85 7.38
N ARG A 42 7.92 -1.72 6.71
CA ARG A 42 8.09 -0.42 7.37
C ARG A 42 6.94 -0.13 8.33
N ALA A 43 5.72 -0.38 7.88
CA ALA A 43 4.55 -0.05 8.67
C ALA A 43 3.96 -1.27 9.35
N GLY A 44 4.45 -2.44 8.96
CA GLY A 44 3.89 -3.69 9.46
C GLY A 44 2.52 -3.94 8.88
N VAL A 45 2.38 -3.64 7.60
CA VAL A 45 1.10 -3.74 6.90
C VAL A 45 1.21 -4.67 5.70
N LYS A 46 0.11 -4.86 5.00
CA LYS A 46 0.11 -5.64 3.78
C LYS A 46 -0.27 -4.74 2.62
N MET A 47 0.58 -4.69 1.61
CA MET A 47 0.30 -3.89 0.42
C MET A 47 0.21 -4.78 -0.80
N ILE A 48 -0.93 -4.73 -1.47
CA ILE A 48 -1.11 -5.46 -2.69
C ILE A 48 -1.17 -4.49 -3.87
N LEU A 49 -0.20 -4.60 -4.76
CA LEU A 49 -0.13 -3.75 -5.93
C LEU A 49 -0.76 -4.45 -7.13
N ILE A 50 -1.95 -4.01 -7.51
CA ILE A 50 -2.65 -4.60 -8.65
C ILE A 50 -2.04 -4.12 -9.95
N GLN A 51 -1.15 -4.94 -10.50
CA GLN A 51 -0.47 -4.61 -11.74
C GLN A 51 -1.02 -5.47 -12.86
N ASP A 52 -1.10 -6.77 -12.60
CA ASP A 52 -1.60 -7.73 -13.58
C ASP A 52 -3.12 -7.76 -13.58
N GLY A 53 -3.71 -7.46 -12.44
CA GLY A 53 -5.14 -7.52 -12.30
C GLY A 53 -5.85 -6.47 -13.14
N SER A 54 -6.84 -6.89 -13.91
CA SER A 54 -7.59 -5.95 -14.74
C SER A 54 -8.66 -5.22 -13.91
N GLN A 55 -8.18 -4.46 -12.94
CA GLN A 55 -9.01 -3.56 -12.16
C GLN A 55 -8.32 -2.21 -12.15
N ASN A 56 -8.79 -1.31 -13.02
CA ASN A 56 -8.14 -0.01 -13.21
C ASN A 56 -6.69 -0.20 -13.65
N THR A 57 -6.44 -1.28 -14.38
CA THR A 57 -5.08 -1.65 -14.75
C THR A 57 -4.51 -0.72 -15.81
N ASN A 58 -5.37 -0.03 -16.53
CA ASN A 58 -4.91 0.89 -17.58
C ASN A 58 -5.02 2.34 -17.13
N VAL A 59 -5.36 2.52 -15.87
CA VAL A 59 -5.47 3.86 -15.29
C VAL A 59 -4.73 3.90 -13.95
N ASP A 60 -5.26 4.66 -13.00
CA ASP A 60 -4.69 4.72 -11.65
C ASP A 60 -4.73 3.34 -11.02
N LYS A 61 -3.66 3.00 -10.32
CA LYS A 61 -3.48 1.65 -9.81
C LYS A 61 -4.08 1.51 -8.43
N PRO A 62 -5.03 0.59 -8.27
CA PRO A 62 -5.63 0.26 -6.97
C PRO A 62 -4.62 -0.38 -6.03
N LEU A 63 -4.16 0.40 -5.07
CA LEU A 63 -3.27 -0.12 -4.04
C LEU A 63 -4.03 -0.33 -2.74
N ARG A 64 -4.08 -1.57 -2.29
CA ARG A 64 -4.72 -1.88 -1.03
C ARG A 64 -3.71 -1.99 0.09
N ILE A 65 -3.74 -1.03 1.00
CA ILE A 65 -2.95 -1.11 2.21
C ILE A 65 -3.82 -1.67 3.33
N ILE A 66 -3.62 -2.92 3.68
CA ILE A 66 -4.43 -3.56 4.70
C ILE A 66 -3.67 -3.59 6.02
N GLY A 67 -4.35 -3.23 7.10
CA GLY A 67 -3.73 -3.25 8.40
C GLY A 67 -4.55 -2.46 9.40
N ASP A 68 -3.85 -1.76 10.29
CA ASP A 68 -4.48 -0.96 11.32
C ASP A 68 -4.62 0.47 10.81
N PRO A 69 -5.72 1.18 11.09
CA PRO A 69 -5.94 2.55 10.60
C PRO A 69 -4.68 3.42 10.69
N TYR A 70 -3.96 3.28 11.80
CA TYR A 70 -2.76 4.07 12.04
C TYR A 70 -1.68 3.76 11.01
N LYS A 71 -1.27 2.49 10.92
CA LYS A 71 -0.21 2.12 9.99
C LYS A 71 -0.69 2.16 8.55
N VAL A 72 -1.98 1.96 8.32
CA VAL A 72 -2.53 2.05 6.98
C VAL A 72 -2.38 3.47 6.47
N GLN A 73 -2.60 4.43 7.36
CA GLN A 73 -2.50 5.83 7.01
C GLN A 73 -1.04 6.25 6.90
N GLN A 74 -0.22 5.84 7.86
CA GLN A 74 1.20 6.22 7.83
C GLN A 74 1.89 5.60 6.64
N ALA A 75 1.50 4.39 6.28
CA ALA A 75 2.03 3.74 5.11
C ALA A 75 1.50 4.41 3.84
N CYS A 76 0.25 4.87 3.91
CA CYS A 76 -0.37 5.57 2.79
C CYS A 76 0.33 6.90 2.52
N GLU A 77 0.58 7.68 3.55
CA GLU A 77 1.26 8.95 3.38
C GLU A 77 2.72 8.71 3.02
N MET A 78 3.23 7.53 3.36
CA MET A 78 4.60 7.15 3.00
C MET A 78 4.69 6.82 1.51
N VAL A 79 3.73 6.04 1.01
CA VAL A 79 3.73 5.68 -0.41
C VAL A 79 3.33 6.89 -1.27
N MET A 80 2.40 7.69 -0.75
CA MET A 80 2.01 8.93 -1.41
C MET A 80 3.19 9.90 -1.44
N ASP A 81 4.02 9.83 -0.40
CA ASP A 81 5.24 10.64 -0.33
C ASP A 81 6.14 10.37 -1.52
N ILE A 82 6.37 9.09 -1.79
CA ILE A 82 7.21 8.68 -2.92
C ILE A 82 6.62 9.18 -4.24
N LEU A 83 5.30 9.30 -4.27
CA LEU A 83 4.59 9.65 -5.48
C LEU A 83 4.38 11.17 -5.61
N ARG A 84 4.84 11.92 -4.62
CA ARG A 84 4.69 13.37 -4.67
C ARG A 84 6.01 14.07 -4.38
N GLU A 85 7.09 13.33 -4.48
CA GLU A 85 8.41 13.88 -4.24
C GLU A 85 9.41 13.30 -5.24
N GLY A 1 -10.88 -3.87 17.66
CA GLY A 1 -10.90 -2.65 16.87
C GLY A 1 -9.93 -1.62 17.39
N GLN A 2 -9.40 -1.86 18.58
CA GLN A 2 -8.45 -0.96 19.21
C GLN A 2 -7.04 -1.19 18.66
N PHE A 3 -6.98 -1.52 17.37
CA PHE A 3 -5.74 -1.89 16.69
C PHE A 3 -5.21 -3.22 17.22
N HIS A 4 -4.46 -3.93 16.38
CA HIS A 4 -3.73 -5.10 16.81
C HIS A 4 -2.59 -5.34 15.83
N ASP A 5 -2.93 -5.89 14.64
CA ASP A 5 -1.99 -6.03 13.54
C ASP A 5 -2.62 -6.80 12.38
N ASN A 6 -2.54 -6.21 11.18
CA ASN A 6 -2.99 -6.84 9.93
C ASN A 6 -4.51 -6.95 9.87
N ALA A 7 -5.07 -7.81 10.72
CA ALA A 7 -6.50 -8.04 10.75
C ALA A 7 -7.10 -7.53 12.04
N ASN A 8 -7.87 -6.46 11.95
CA ASN A 8 -8.46 -5.84 13.12
C ASN A 8 -9.91 -5.49 12.86
N GLY A 9 -10.58 -4.95 13.88
CA GLY A 9 -11.96 -4.54 13.73
C GLY A 9 -12.92 -5.72 13.78
N GLY A 10 -13.23 -6.25 12.61
CA GLY A 10 -14.16 -7.36 12.53
C GLY A 10 -14.14 -8.02 11.17
N GLN A 11 -14.43 -7.26 10.12
CA GLN A 11 -14.41 -7.77 8.77
C GLN A 11 -13.09 -7.47 8.11
N ASN A 12 -12.26 -8.50 7.95
CA ASN A 12 -10.96 -8.39 7.27
C ASN A 12 -9.96 -7.55 8.05
N GLY A 13 -10.22 -6.26 8.12
CA GLY A 13 -9.31 -5.34 8.77
C GLY A 13 -9.52 -3.94 8.24
N THR A 14 -8.54 -3.07 8.41
CA THR A 14 -8.61 -1.73 7.86
C THR A 14 -7.81 -1.64 6.57
N VAL A 15 -8.46 -1.19 5.50
CA VAL A 15 -7.83 -1.14 4.20
C VAL A 15 -8.24 0.12 3.43
N GLN A 16 -7.26 0.75 2.80
CA GLN A 16 -7.54 1.86 1.89
C GLN A 16 -7.20 1.47 0.46
N GLU A 17 -7.78 2.16 -0.50
CA GLU A 17 -7.52 1.90 -1.91
C GLU A 17 -7.07 3.18 -2.60
N ILE A 18 -5.82 3.20 -3.03
CA ILE A 18 -5.27 4.38 -3.66
C ILE A 18 -5.17 4.18 -5.17
N MET A 19 -5.53 5.20 -5.93
CA MET A 19 -5.34 5.19 -7.36
C MET A 19 -3.93 5.69 -7.69
N ILE A 20 -3.00 4.76 -7.78
CA ILE A 20 -1.62 5.11 -8.03
C ILE A 20 -1.39 5.39 -9.51
N PRO A 21 -0.82 6.57 -9.82
CA PRO A 21 -0.45 6.93 -11.20
C PRO A 21 0.40 5.85 -11.84
N ALA A 22 0.06 5.52 -13.09
CA ALA A 22 0.68 4.40 -13.81
C ALA A 22 2.20 4.52 -13.91
N GLY A 23 2.70 5.75 -14.01
CA GLY A 23 4.13 5.97 -14.05
C GLY A 23 4.74 5.98 -12.67
N LYS A 24 3.94 6.40 -11.69
CA LYS A 24 4.38 6.46 -10.30
C LYS A 24 4.31 5.08 -9.66
N ALA A 25 3.74 4.13 -10.38
CA ALA A 25 3.66 2.76 -9.91
C ALA A 25 5.07 2.18 -9.73
N GLY A 26 6.02 2.72 -10.49
CA GLY A 26 7.39 2.28 -10.37
C GLY A 26 8.01 2.70 -9.04
N LEU A 27 7.40 3.65 -8.37
CA LEU A 27 7.91 4.14 -7.09
C LEU A 27 7.34 3.32 -5.94
N VAL A 28 6.06 2.95 -6.05
CA VAL A 28 5.44 2.11 -5.03
C VAL A 28 5.98 0.68 -5.11
N ILE A 29 6.29 0.24 -6.33
CA ILE A 29 6.93 -1.05 -6.52
C ILE A 29 8.41 -0.95 -6.18
N GLY A 30 9.01 0.16 -6.60
CA GLY A 30 10.39 0.41 -6.27
C GLY A 30 11.32 0.17 -7.43
N LYS A 31 12.60 0.44 -7.23
CA LYS A 31 13.60 0.28 -8.26
C LYS A 31 13.95 -1.19 -8.46
N GLY A 32 12.96 -1.97 -8.85
CA GLY A 32 13.18 -3.38 -9.10
C GLY A 32 12.35 -4.25 -8.17
N GLY A 33 11.30 -3.66 -7.60
CA GLY A 33 10.42 -4.39 -6.72
C GLY A 33 10.96 -4.48 -5.30
N GLU A 34 12.08 -3.82 -5.06
CA GLU A 34 12.72 -3.86 -3.76
C GLU A 34 12.00 -2.93 -2.78
N THR A 35 11.55 -1.78 -3.26
CA THR A 35 10.91 -0.80 -2.40
C THR A 35 9.56 -1.30 -1.87
N ILE A 36 8.79 -1.97 -2.72
CA ILE A 36 7.49 -2.50 -2.30
C ILE A 36 7.67 -3.56 -1.20
N LYS A 37 8.81 -4.24 -1.22
CA LYS A 37 9.15 -5.19 -0.18
C LYS A 37 9.38 -4.46 1.14
N GLN A 38 10.03 -3.31 1.04
CA GLN A 38 10.40 -2.51 2.20
C GLN A 38 9.17 -1.88 2.83
N LEU A 39 8.28 -1.37 1.97
CA LEU A 39 7.09 -0.67 2.43
C LEU A 39 6.25 -1.54 3.35
N GLN A 40 6.02 -2.78 2.93
CA GLN A 40 5.18 -3.69 3.67
C GLN A 40 5.75 -3.97 5.06
N GLU A 41 6.99 -4.38 5.12
CA GLU A 41 7.62 -4.76 6.39
C GLU A 41 7.81 -3.57 7.31
N ARG A 42 8.20 -2.42 6.76
CA ARG A 42 8.51 -1.25 7.58
C ARG A 42 7.27 -0.67 8.22
N ALA A 43 6.14 -0.81 7.52
CA ALA A 43 4.90 -0.24 8.01
C ALA A 43 4.10 -1.25 8.81
N GLY A 44 4.47 -2.51 8.68
CA GLY A 44 3.77 -3.58 9.38
C GLY A 44 2.41 -3.86 8.77
N VAL A 45 2.28 -3.54 7.49
CA VAL A 45 1.02 -3.70 6.79
C VAL A 45 1.22 -4.58 5.56
N LYS A 46 0.12 -4.91 4.89
CA LYS A 46 0.21 -5.64 3.65
C LYS A 46 -0.19 -4.73 2.50
N MET A 47 0.70 -4.58 1.53
CA MET A 47 0.45 -3.72 0.40
C MET A 47 0.36 -4.54 -0.87
N ILE A 48 -0.80 -4.54 -1.49
CA ILE A 48 -0.98 -5.22 -2.75
C ILE A 48 -1.06 -4.21 -3.89
N LEU A 49 0.01 -4.11 -4.64
CA LEU A 49 0.02 -3.29 -5.84
C LEU A 49 -0.61 -4.08 -6.98
N ILE A 50 -1.85 -3.76 -7.29
CA ILE A 50 -2.58 -4.49 -8.31
C ILE A 50 -2.17 -4.01 -9.70
N GLN A 51 -1.11 -4.64 -10.21
CA GLN A 51 -0.59 -4.30 -11.53
C GLN A 51 -1.10 -5.30 -12.55
N ASP A 52 -1.43 -6.48 -12.07
CA ASP A 52 -1.91 -7.56 -12.92
C ASP A 52 -3.43 -7.61 -12.94
N GLY A 53 -4.04 -7.23 -11.82
CA GLY A 53 -5.50 -7.27 -11.70
C GLY A 53 -6.16 -6.22 -12.56
N SER A 54 -7.27 -6.60 -13.19
CA SER A 54 -7.98 -5.72 -14.10
C SER A 54 -8.95 -4.81 -13.34
N GLN A 55 -8.39 -3.92 -12.54
CA GLN A 55 -9.19 -2.99 -11.77
C GLN A 55 -8.76 -1.56 -12.07
N ASN A 56 -9.02 -1.13 -13.31
CA ASN A 56 -8.59 0.19 -13.77
C ASN A 56 -7.06 0.27 -13.76
N THR A 57 -6.42 -0.81 -14.18
CA THR A 57 -4.97 -0.90 -14.14
C THR A 57 -4.33 -0.17 -15.32
N ASN A 58 -5.04 -0.08 -16.43
CA ASN A 58 -4.49 0.56 -17.61
C ASN A 58 -4.70 2.07 -17.57
N VAL A 59 -4.92 2.57 -16.37
CA VAL A 59 -5.03 4.00 -16.12
C VAL A 59 -4.30 4.36 -14.85
N ASP A 60 -4.73 3.72 -13.79
CA ASP A 60 -4.16 3.92 -12.48
C ASP A 60 -3.83 2.55 -11.90
N LYS A 61 -3.56 2.50 -10.61
CA LYS A 61 -3.16 1.26 -9.98
C LYS A 61 -3.78 1.15 -8.60
N PRO A 62 -4.64 0.14 -8.40
CA PRO A 62 -5.25 -0.15 -7.12
C PRO A 62 -4.21 -0.55 -6.07
N LEU A 63 -4.21 0.18 -4.97
CA LEU A 63 -3.29 -0.11 -3.87
C LEU A 63 -4.09 -0.31 -2.59
N ARG A 64 -4.19 -1.56 -2.16
CA ARG A 64 -4.88 -1.86 -0.92
C ARG A 64 -3.89 -1.99 0.22
N ILE A 65 -3.85 -0.98 1.07
CA ILE A 65 -3.04 -1.02 2.27
C ILE A 65 -3.85 -1.66 3.38
N ILE A 66 -3.54 -2.91 3.69
CA ILE A 66 -4.32 -3.69 4.64
C ILE A 66 -3.61 -3.80 5.97
N GLY A 67 -4.31 -3.43 7.04
CA GLY A 67 -3.77 -3.52 8.38
C GLY A 67 -4.61 -2.78 9.38
N ASP A 68 -3.97 -2.13 10.34
CA ASP A 68 -4.68 -1.30 11.31
C ASP A 68 -4.75 0.12 10.81
N PRO A 69 -5.80 0.89 11.17
CA PRO A 69 -5.97 2.26 10.66
C PRO A 69 -4.71 3.10 10.82
N TYR A 70 -4.04 2.92 11.95
CA TYR A 70 -2.86 3.69 12.28
C TYR A 70 -1.72 3.41 11.30
N LYS A 71 -1.34 2.15 11.16
CA LYS A 71 -0.27 1.80 10.23
C LYS A 71 -0.71 2.00 8.79
N VAL A 72 -1.99 1.82 8.50
CA VAL A 72 -2.51 2.03 7.15
C VAL A 72 -2.38 3.50 6.77
N GLN A 73 -2.67 4.37 7.73
CA GLN A 73 -2.54 5.80 7.54
C GLN A 73 -1.07 6.15 7.33
N GLN A 74 -0.21 5.71 8.23
CA GLN A 74 1.22 6.01 8.14
C GLN A 74 1.81 5.44 6.87
N ALA A 75 1.33 4.28 6.47
CA ALA A 75 1.82 3.63 5.28
C ALA A 75 1.34 4.36 4.02
N CYS A 76 0.12 4.88 4.08
CA CYS A 76 -0.45 5.60 2.95
C CYS A 76 0.22 6.95 2.74
N GLU A 77 0.41 7.70 3.83
CA GLU A 77 1.09 8.98 3.73
C GLU A 77 2.55 8.78 3.34
N MET A 78 3.05 7.58 3.61
CA MET A 78 4.40 7.20 3.22
C MET A 78 4.48 7.00 1.71
N VAL A 79 3.62 6.13 1.17
CA VAL A 79 3.62 5.86 -0.27
C VAL A 79 3.18 7.09 -1.06
N MET A 80 2.25 7.86 -0.49
CA MET A 80 1.81 9.09 -1.12
C MET A 80 2.96 10.07 -1.22
N ASP A 81 3.82 10.10 -0.22
CA ASP A 81 4.97 11.00 -0.21
C ASP A 81 5.94 10.64 -1.31
N ILE A 82 6.22 9.35 -1.46
CA ILE A 82 7.14 8.87 -2.48
C ILE A 82 6.64 9.24 -3.88
N LEU A 83 5.33 9.31 -4.03
CA LEU A 83 4.70 9.60 -5.31
C LEU A 83 4.68 11.09 -5.61
N ARG A 84 4.58 11.91 -4.58
CA ARG A 84 4.48 13.35 -4.78
C ARG A 84 5.84 14.02 -4.66
N GLU A 85 6.82 13.24 -4.29
CA GLU A 85 8.19 13.72 -4.15
C GLU A 85 8.95 13.48 -5.45
N GLY A 1 -7.10 -7.34 19.75
CA GLY A 1 -7.00 -6.42 18.64
C GLY A 1 -6.86 -4.99 19.10
N GLN A 2 -7.96 -4.23 18.97
CA GLN A 2 -7.97 -2.81 19.33
C GLN A 2 -6.87 -2.08 18.58
N PHE A 3 -6.94 -2.14 17.24
CA PHE A 3 -5.92 -1.57 16.36
C PHE A 3 -4.57 -2.24 16.62
N HIS A 4 -3.74 -1.57 17.43
CA HIS A 4 -2.49 -2.15 17.92
C HIS A 4 -1.50 -2.42 16.78
N ASP A 5 -0.30 -2.88 17.13
CA ASP A 5 0.72 -3.19 16.14
C ASP A 5 0.89 -4.69 15.97
N ASN A 6 0.07 -5.28 15.12
CA ASN A 6 0.13 -6.71 14.82
C ASN A 6 -0.95 -7.08 13.82
N ALA A 7 -2.18 -7.18 14.31
CA ALA A 7 -3.32 -7.55 13.50
C ALA A 7 -4.60 -7.39 14.31
N ASN A 8 -5.29 -6.29 14.09
CA ASN A 8 -6.54 -6.02 14.79
C ASN A 8 -7.62 -7.03 14.38
N GLY A 9 -8.02 -7.85 15.33
CA GLY A 9 -9.02 -8.87 15.06
C GLY A 9 -8.41 -10.17 14.61
N GLY A 10 -8.34 -10.36 13.30
CA GLY A 10 -7.73 -11.55 12.74
C GLY A 10 -6.46 -11.24 11.98
N GLN A 11 -6.62 -10.85 10.72
CA GLN A 11 -5.48 -10.41 9.92
C GLN A 11 -5.81 -9.08 9.28
N ASN A 12 -5.17 -8.01 9.75
CA ASN A 12 -5.39 -6.66 9.23
C ASN A 12 -6.82 -6.20 9.51
N GLY A 13 -7.17 -5.01 9.01
CA GLY A 13 -8.50 -4.49 9.21
C GLY A 13 -8.79 -3.30 8.32
N THR A 14 -8.16 -2.18 8.62
CA THR A 14 -8.34 -0.98 7.84
C THR A 14 -7.63 -1.10 6.49
N VAL A 15 -8.31 -0.69 5.44
CA VAL A 15 -7.74 -0.72 4.11
C VAL A 15 -7.92 0.63 3.41
N GLN A 16 -6.82 1.21 2.97
CA GLN A 16 -6.85 2.44 2.19
C GLN A 16 -6.45 2.15 0.76
N GLU A 17 -7.38 2.32 -0.17
CA GLU A 17 -7.08 2.16 -1.58
C GLU A 17 -6.64 3.48 -2.19
N ILE A 18 -5.41 3.51 -2.63
CA ILE A 18 -4.84 4.71 -3.23
C ILE A 18 -4.80 4.56 -4.74
N MET A 19 -5.17 5.62 -5.45
CA MET A 19 -5.10 5.64 -6.90
C MET A 19 -3.74 6.14 -7.33
N ILE A 20 -2.82 5.22 -7.56
CA ILE A 20 -1.46 5.56 -7.87
C ILE A 20 -1.32 6.04 -9.32
N PRO A 21 -0.69 7.20 -9.53
CA PRO A 21 -0.35 7.66 -10.87
C PRO A 21 0.42 6.59 -11.63
N ALA A 22 -0.08 6.22 -12.81
CA ALA A 22 0.49 5.13 -13.59
C ALA A 22 1.97 5.34 -13.90
N GLY A 23 2.38 6.60 -13.97
CA GLY A 23 3.78 6.90 -14.20
C GLY A 23 4.62 6.80 -12.94
N LYS A 24 4.00 7.09 -11.80
CA LYS A 24 4.71 7.06 -10.53
C LYS A 24 4.66 5.68 -9.89
N ALA A 25 3.93 4.77 -10.53
CA ALA A 25 3.76 3.42 -10.01
C ALA A 25 5.09 2.71 -9.82
N GLY A 26 6.08 3.09 -10.62
CA GLY A 26 7.39 2.49 -10.53
C GLY A 26 8.06 2.73 -9.18
N LEU A 27 7.69 3.81 -8.51
CA LEU A 27 8.29 4.16 -7.23
C LEU A 27 7.70 3.32 -6.11
N VAL A 28 6.39 3.10 -6.14
CA VAL A 28 5.72 2.30 -5.12
C VAL A 28 6.20 0.85 -5.18
N ILE A 29 6.42 0.38 -6.41
CA ILE A 29 6.96 -0.96 -6.61
C ILE A 29 8.44 -0.97 -6.24
N GLY A 30 9.13 0.09 -6.66
CA GLY A 30 10.52 0.25 -6.33
C GLY A 30 11.44 -0.14 -7.45
N LYS A 31 11.03 0.20 -8.66
CA LYS A 31 11.79 -0.08 -9.86
C LYS A 31 12.15 -1.56 -9.96
N GLY A 32 11.23 -2.42 -9.53
CA GLY A 32 11.49 -3.84 -9.56
C GLY A 32 10.60 -4.60 -8.60
N GLY A 33 10.54 -4.14 -7.36
CA GLY A 33 9.71 -4.79 -6.37
C GLY A 33 10.30 -4.76 -4.97
N GLU A 34 11.52 -4.27 -4.85
CA GLU A 34 12.17 -4.21 -3.54
C GLU A 34 11.46 -3.25 -2.59
N THR A 35 11.02 -2.11 -3.10
CA THR A 35 10.37 -1.10 -2.27
C THR A 35 9.08 -1.65 -1.67
N ILE A 36 8.17 -2.14 -2.52
CA ILE A 36 6.89 -2.67 -2.04
C ILE A 36 7.10 -3.81 -1.03
N LYS A 37 8.19 -4.54 -1.21
CA LYS A 37 8.54 -5.64 -0.31
C LYS A 37 8.98 -5.06 1.05
N GLN A 38 9.76 -3.98 1.00
CA GLN A 38 10.27 -3.33 2.20
C GLN A 38 9.14 -2.65 2.96
N LEU A 39 8.22 -2.06 2.22
CA LEU A 39 7.11 -1.31 2.80
C LEU A 39 6.30 -2.19 3.76
N GLN A 40 6.04 -3.42 3.34
CA GLN A 40 5.23 -4.35 4.12
C GLN A 40 5.95 -4.75 5.41
N GLU A 41 7.27 -4.79 5.36
CA GLU A 41 8.06 -5.19 6.51
C GLU A 41 8.22 -4.03 7.50
N ARG A 42 8.49 -2.85 6.96
CA ARG A 42 8.80 -1.68 7.79
C ARG A 42 7.56 -1.09 8.47
N ALA A 43 6.43 -1.11 7.79
CA ALA A 43 5.21 -0.54 8.34
C ALA A 43 4.34 -1.61 8.99
N GLY A 44 4.61 -2.88 8.67
CA GLY A 44 3.85 -3.97 9.22
C GLY A 44 2.52 -4.16 8.54
N VAL A 45 2.29 -3.36 7.50
CA VAL A 45 1.03 -3.40 6.76
C VAL A 45 1.17 -4.25 5.52
N LYS A 46 0.05 -4.60 4.91
CA LYS A 46 0.07 -5.27 3.65
C LYS A 46 -0.33 -4.30 2.55
N MET A 47 0.53 -4.12 1.57
CA MET A 47 0.25 -3.24 0.45
C MET A 47 0.25 -4.06 -0.82
N ILE A 48 -0.88 -4.15 -1.47
CA ILE A 48 -0.97 -4.91 -2.70
C ILE A 48 -1.05 -3.97 -3.91
N LEU A 49 0.06 -3.89 -4.62
CA LEU A 49 0.10 -3.16 -5.87
C LEU A 49 -0.52 -4.02 -6.95
N ILE A 50 -1.75 -3.72 -7.33
CA ILE A 50 -2.46 -4.51 -8.32
C ILE A 50 -1.89 -4.24 -9.72
N GLN A 51 -0.88 -5.02 -10.07
CA GLN A 51 -0.20 -4.88 -11.35
C GLN A 51 -0.69 -5.93 -12.33
N ASP A 52 -1.01 -7.11 -11.81
CA ASP A 52 -1.47 -8.22 -12.64
C ASP A 52 -2.98 -8.28 -12.67
N GLY A 53 -3.62 -7.28 -12.07
CA GLY A 53 -5.06 -7.22 -12.09
C GLY A 53 -5.58 -6.64 -13.39
N SER A 54 -6.88 -6.40 -13.47
CA SER A 54 -7.46 -5.88 -14.70
C SER A 54 -8.69 -5.01 -14.43
N GLN A 55 -8.71 -4.39 -13.26
CA GLN A 55 -9.82 -3.51 -12.90
C GLN A 55 -9.50 -2.07 -13.26
N ASN A 56 -8.33 -1.60 -12.84
CA ASN A 56 -7.90 -0.23 -13.13
C ASN A 56 -6.41 -0.22 -13.39
N THR A 57 -5.91 -1.27 -14.00
CA THR A 57 -4.48 -1.45 -14.10
C THR A 57 -3.84 -0.57 -15.16
N ASN A 58 -4.57 -0.27 -16.22
CA ASN A 58 -4.03 0.57 -17.29
C ASN A 58 -4.17 2.05 -16.94
N VAL A 59 -4.74 2.33 -15.79
CA VAL A 59 -4.92 3.70 -15.32
C VAL A 59 -4.31 3.87 -13.94
N ASP A 60 -4.91 4.71 -13.11
CA ASP A 60 -4.48 4.88 -11.73
C ASP A 60 -4.53 3.52 -11.02
N LYS A 61 -3.47 3.23 -10.28
CA LYS A 61 -3.24 1.87 -9.81
C LYS A 61 -4.00 1.58 -8.54
N PRO A 62 -4.73 0.47 -8.53
CA PRO A 62 -5.44 -0.01 -7.34
C PRO A 62 -4.46 -0.48 -6.27
N LEU A 63 -4.30 0.31 -5.23
CA LEU A 63 -3.41 -0.04 -4.13
C LEU A 63 -4.18 -0.24 -2.85
N ARG A 64 -4.37 -1.48 -2.46
CA ARG A 64 -5.05 -1.79 -1.20
C ARG A 64 -4.03 -1.91 -0.08
N ILE A 65 -4.02 -0.93 0.80
CA ILE A 65 -3.18 -0.98 1.99
C ILE A 65 -4.00 -1.51 3.14
N ILE A 66 -3.75 -2.75 3.50
CA ILE A 66 -4.55 -3.44 4.51
C ILE A 66 -3.71 -3.67 5.76
N GLY A 67 -4.23 -3.25 6.90
CA GLY A 67 -3.53 -3.46 8.15
C GLY A 67 -4.20 -2.77 9.31
N ASP A 68 -3.42 -2.32 10.28
CA ASP A 68 -3.95 -1.60 11.41
C ASP A 68 -4.10 -0.12 11.04
N PRO A 69 -5.19 0.51 11.49
CA PRO A 69 -5.59 1.86 11.03
C PRO A 69 -4.45 2.86 10.88
N TYR A 70 -3.65 3.05 11.92
CA TYR A 70 -2.64 4.12 11.90
C TYR A 70 -1.43 3.77 11.04
N LYS A 71 -1.04 2.50 10.98
CA LYS A 71 0.07 2.12 10.10
C LYS A 71 -0.34 2.18 8.65
N VAL A 72 -1.62 1.94 8.39
CA VAL A 72 -2.14 2.04 7.03
C VAL A 72 -2.01 3.47 6.55
N GLN A 73 -2.31 4.40 7.44
CA GLN A 73 -2.19 5.81 7.13
C GLN A 73 -0.73 6.25 7.06
N GLN A 74 0.08 5.84 8.04
CA GLN A 74 1.49 6.19 8.03
C GLN A 74 2.19 5.63 6.80
N ALA A 75 1.85 4.41 6.43
CA ALA A 75 2.41 3.78 5.25
C ALA A 75 1.85 4.43 3.98
N CYS A 76 0.60 4.88 4.07
CA CYS A 76 -0.04 5.58 2.96
C CYS A 76 0.70 6.85 2.64
N GLU A 77 0.85 7.71 3.62
CA GLU A 77 1.53 8.98 3.44
C GLU A 77 2.98 8.76 3.06
N MET A 78 3.54 7.65 3.52
CA MET A 78 4.91 7.31 3.19
C MET A 78 5.07 7.09 1.70
N VAL A 79 4.20 6.27 1.12
CA VAL A 79 4.30 5.95 -0.29
C VAL A 79 3.64 7.01 -1.15
N MET A 80 2.54 7.57 -0.66
CA MET A 80 1.81 8.61 -1.38
C MET A 80 2.66 9.86 -1.52
N ASP A 81 3.44 10.16 -0.48
CA ASP A 81 4.33 11.33 -0.52
C ASP A 81 5.35 11.18 -1.63
N ILE A 82 5.91 9.98 -1.77
CA ILE A 82 6.90 9.69 -2.80
C ILE A 82 6.30 9.89 -4.19
N LEU A 83 5.00 9.65 -4.30
CA LEU A 83 4.30 9.71 -5.57
C LEU A 83 3.78 11.12 -5.84
N ARG A 84 3.40 11.80 -4.77
CA ARG A 84 2.94 13.18 -4.85
C ARG A 84 4.12 14.11 -5.02
N GLU A 85 5.28 13.55 -4.76
CA GLU A 85 6.54 14.27 -4.88
C GLU A 85 7.00 14.25 -6.33
N GLY A 1 -12.24 -6.49 11.77
CA GLY A 1 -10.94 -6.95 12.20
C GLY A 1 -10.55 -6.30 13.50
N GLN A 2 -9.55 -6.85 14.18
CA GLN A 2 -9.11 -6.29 15.46
C GLN A 2 -7.92 -5.36 15.24
N PHE A 3 -7.59 -5.12 13.99
CA PHE A 3 -6.51 -4.19 13.60
C PHE A 3 -5.21 -4.56 14.29
N HIS A 4 -4.67 -3.64 15.10
CA HIS A 4 -3.53 -3.89 15.97
C HIS A 4 -2.21 -3.92 15.20
N ASP A 5 -1.20 -3.31 15.80
CA ASP A 5 0.10 -3.13 15.17
C ASP A 5 0.87 -4.44 15.08
N ASN A 6 0.51 -5.41 15.92
CA ASN A 6 1.11 -6.74 15.84
C ASN A 6 0.36 -7.61 14.84
N ALA A 7 -0.62 -7.00 14.17
CA ALA A 7 -1.39 -7.63 13.09
C ALA A 7 -2.34 -8.71 13.60
N ASN A 8 -3.62 -8.39 13.62
CA ASN A 8 -4.66 -9.37 13.92
C ASN A 8 -4.65 -10.47 12.85
N GLY A 9 -4.75 -11.70 13.29
CA GLY A 9 -4.66 -12.83 12.36
C GLY A 9 -5.89 -12.99 11.51
N GLY A 10 -5.68 -13.34 10.24
CA GLY A 10 -6.78 -13.59 9.34
C GLY A 10 -7.29 -12.33 8.68
N GLN A 11 -7.90 -11.46 9.47
CA GLN A 11 -8.44 -10.20 8.97
C GLN A 11 -7.90 -9.05 9.77
N ASN A 12 -7.48 -8.00 9.08
CA ASN A 12 -6.89 -6.84 9.72
C ASN A 12 -7.96 -5.79 10.00
N GLY A 13 -8.84 -5.58 9.04
CA GLY A 13 -9.90 -4.61 9.22
C GLY A 13 -9.71 -3.39 8.36
N THR A 14 -8.83 -2.49 8.80
CA THR A 14 -8.61 -1.24 8.10
C THR A 14 -7.83 -1.45 6.81
N VAL A 15 -8.39 -0.95 5.71
CA VAL A 15 -7.74 -1.04 4.42
C VAL A 15 -7.96 0.26 3.64
N GLN A 16 -6.89 0.83 3.13
CA GLN A 16 -7.01 2.03 2.31
C GLN A 16 -6.73 1.71 0.85
N GLU A 17 -7.71 2.02 0.01
CA GLU A 17 -7.58 1.84 -1.43
C GLU A 17 -7.14 3.15 -2.08
N ILE A 18 -5.98 3.13 -2.69
CA ILE A 18 -5.43 4.31 -3.33
C ILE A 18 -5.41 4.11 -4.84
N MET A 19 -5.60 5.20 -5.57
CA MET A 19 -5.54 5.20 -7.01
C MET A 19 -4.19 5.71 -7.46
N ILE A 20 -3.29 4.80 -7.77
CA ILE A 20 -1.91 5.16 -8.07
C ILE A 20 -1.78 5.65 -9.51
N PRO A 21 -1.16 6.83 -9.70
CA PRO A 21 -0.90 7.37 -11.03
C PRO A 21 -0.21 6.37 -11.94
N ALA A 22 -0.80 6.13 -13.10
CA ALA A 22 -0.40 5.05 -13.99
C ALA A 22 1.12 4.99 -14.21
N GLY A 23 1.69 6.11 -14.62
CA GLY A 23 3.10 6.14 -14.97
C GLY A 23 4.01 6.24 -13.76
N LYS A 24 3.50 6.82 -12.68
CA LYS A 24 4.31 7.02 -11.48
C LYS A 24 4.21 5.82 -10.55
N ALA A 25 3.49 4.80 -10.99
CA ALA A 25 3.35 3.57 -10.22
C ALA A 25 4.68 2.85 -10.10
N GLY A 26 5.58 3.13 -11.03
CA GLY A 26 6.91 2.55 -10.97
C GLY A 26 7.60 2.85 -9.65
N LEU A 27 7.39 4.06 -9.14
CA LEU A 27 8.00 4.47 -7.88
C LEU A 27 7.38 3.77 -6.69
N VAL A 28 6.06 3.56 -6.74
CA VAL A 28 5.36 2.91 -5.65
C VAL A 28 5.78 1.44 -5.54
N ILE A 29 6.22 0.89 -6.66
CA ILE A 29 6.77 -0.45 -6.69
C ILE A 29 8.24 -0.40 -6.30
N GLY A 30 8.94 0.61 -6.79
CA GLY A 30 10.32 0.83 -6.40
C GLY A 30 11.26 0.94 -7.58
N LYS A 31 12.46 0.45 -7.39
CA LYS A 31 13.46 0.47 -8.44
C LYS A 31 13.53 -0.92 -9.10
N GLY A 32 13.22 -1.94 -8.30
CA GLY A 32 13.20 -3.29 -8.80
C GLY A 32 12.24 -4.16 -8.01
N GLY A 33 11.17 -3.55 -7.51
CA GLY A 33 10.19 -4.27 -6.72
C GLY A 33 10.64 -4.46 -5.29
N GLU A 34 11.82 -3.96 -4.98
CA GLU A 34 12.40 -4.08 -3.64
C GLU A 34 11.77 -3.06 -2.68
N THR A 35 11.33 -1.94 -3.22
CA THR A 35 10.76 -0.87 -2.41
C THR A 35 9.39 -1.28 -1.88
N ILE A 36 8.50 -1.72 -2.77
CA ILE A 36 7.16 -2.15 -2.36
C ILE A 36 7.22 -3.28 -1.34
N LYS A 37 8.19 -4.16 -1.52
CA LYS A 37 8.40 -5.28 -0.60
C LYS A 37 8.74 -4.75 0.79
N GLN A 38 9.55 -3.70 0.82
CA GLN A 38 9.98 -3.10 2.08
C GLN A 38 8.87 -2.26 2.69
N LEU A 39 8.11 -1.56 1.86
CA LEU A 39 7.03 -0.68 2.34
C LEU A 39 6.08 -1.43 3.25
N GLN A 40 5.77 -2.66 2.89
CA GLN A 40 4.90 -3.51 3.68
C GLN A 40 5.48 -3.70 5.08
N GLU A 41 6.78 -3.94 5.14
CA GLU A 41 7.46 -4.18 6.42
C GLU A 41 7.75 -2.87 7.14
N ARG A 42 7.95 -1.80 6.36
CA ARG A 42 8.19 -0.47 6.91
C ARG A 42 7.12 -0.09 7.92
N ALA A 43 5.87 -0.35 7.55
CA ALA A 43 4.74 -0.01 8.40
C ALA A 43 4.21 -1.23 9.14
N GLY A 44 4.66 -2.41 8.71
CA GLY A 44 4.17 -3.64 9.30
C GLY A 44 2.77 -3.98 8.82
N VAL A 45 2.47 -3.58 7.60
CA VAL A 45 1.16 -3.79 6.99
C VAL A 45 1.27 -4.62 5.73
N LYS A 46 0.14 -4.92 5.12
CA LYS A 46 0.13 -5.54 3.83
C LYS A 46 -0.26 -4.52 2.78
N MET A 47 0.60 -4.32 1.79
CA MET A 47 0.33 -3.39 0.73
C MET A 47 0.27 -4.16 -0.58
N ILE A 48 -0.89 -4.19 -1.21
CA ILE A 48 -1.05 -4.91 -2.45
C ILE A 48 -1.26 -3.97 -3.62
N LEU A 49 -0.27 -3.91 -4.48
CA LEU A 49 -0.35 -3.12 -5.70
C LEU A 49 -0.82 -4.01 -6.83
N ILE A 50 -2.09 -3.86 -7.20
CA ILE A 50 -2.66 -4.67 -8.27
C ILE A 50 -2.17 -4.18 -9.63
N GLN A 51 -1.03 -4.72 -10.04
CA GLN A 51 -0.42 -4.37 -11.31
C GLN A 51 -0.64 -5.50 -12.29
N ASP A 52 -0.69 -6.72 -11.76
CA ASP A 52 -0.94 -7.90 -12.58
C ASP A 52 -2.43 -8.04 -12.85
N GLY A 53 -3.24 -7.34 -12.07
CA GLY A 53 -4.67 -7.33 -12.29
C GLY A 53 -5.05 -6.42 -13.45
N SER A 54 -5.85 -6.93 -14.37
CA SER A 54 -6.12 -6.21 -15.61
C SER A 54 -7.22 -5.15 -15.46
N GLN A 55 -7.73 -4.98 -14.25
CA GLN A 55 -8.82 -4.04 -14.02
C GLN A 55 -8.36 -2.61 -14.27
N ASN A 56 -7.43 -2.15 -13.46
CA ASN A 56 -6.93 -0.80 -13.60
C ASN A 56 -5.42 -0.81 -13.82
N THR A 57 -4.94 -1.88 -14.45
CA THR A 57 -3.51 -2.03 -14.72
C THR A 57 -3.02 -0.98 -15.72
N ASN A 58 -3.95 -0.43 -16.50
CA ASN A 58 -3.59 0.55 -17.52
C ASN A 58 -3.82 1.98 -17.03
N VAL A 59 -4.60 2.11 -15.96
CA VAL A 59 -4.97 3.41 -15.42
C VAL A 59 -4.52 3.53 -13.97
N ASP A 60 -5.24 4.34 -13.19
CA ASP A 60 -4.99 4.46 -11.76
C ASP A 60 -4.96 3.09 -11.12
N LYS A 61 -3.89 2.79 -10.41
CA LYS A 61 -3.63 1.43 -9.95
C LYS A 61 -4.41 1.12 -8.68
N PRO A 62 -5.01 -0.07 -8.63
CA PRO A 62 -5.71 -0.55 -7.44
C PRO A 62 -4.74 -0.92 -6.33
N LEU A 63 -4.75 -0.13 -5.27
CA LEU A 63 -3.90 -0.36 -4.14
C LEU A 63 -4.75 -0.69 -2.92
N ARG A 64 -4.29 -1.63 -2.11
CA ARG A 64 -4.90 -1.83 -0.82
C ARG A 64 -3.85 -1.99 0.27
N ILE A 65 -3.97 -1.14 1.28
CA ILE A 65 -3.14 -1.24 2.48
C ILE A 65 -3.95 -1.85 3.61
N ILE A 66 -3.69 -3.11 3.90
CA ILE A 66 -4.47 -3.82 4.89
C ILE A 66 -3.69 -3.94 6.20
N GLY A 67 -4.30 -3.50 7.29
CA GLY A 67 -3.66 -3.60 8.58
C GLY A 67 -4.38 -2.81 9.67
N ASP A 68 -3.66 -1.90 10.29
CA ASP A 68 -4.18 -1.13 11.41
C ASP A 68 -4.25 0.35 11.03
N PRO A 69 -5.31 1.07 11.41
CA PRO A 69 -5.52 2.47 11.03
C PRO A 69 -4.24 3.29 11.09
N TYR A 70 -3.48 3.08 12.16
CA TYR A 70 -2.23 3.80 12.40
C TYR A 70 -1.21 3.54 11.28
N LYS A 71 -0.83 2.29 11.09
CA LYS A 71 0.19 1.95 10.11
C LYS A 71 -0.35 1.97 8.69
N VAL A 72 -1.65 1.80 8.53
CA VAL A 72 -2.26 1.88 7.22
C VAL A 72 -2.15 3.30 6.71
N GLN A 73 -2.36 4.25 7.61
CA GLN A 73 -2.27 5.65 7.26
C GLN A 73 -0.82 6.07 7.06
N GLN A 74 0.05 5.61 7.95
CA GLN A 74 1.48 5.91 7.83
C GLN A 74 2.03 5.36 6.52
N ALA A 75 1.65 4.13 6.20
CA ALA A 75 2.07 3.50 4.96
C ALA A 75 1.50 4.24 3.75
N CYS A 76 0.25 4.69 3.89
CA CYS A 76 -0.42 5.45 2.84
C CYS A 76 0.29 6.76 2.57
N GLU A 77 0.50 7.57 3.59
CA GLU A 77 1.14 8.85 3.39
C GLU A 77 2.61 8.67 3.02
N MET A 78 3.14 7.49 3.32
CA MET A 78 4.51 7.15 2.92
C MET A 78 4.59 6.89 1.41
N VAL A 79 3.66 6.10 0.89
CA VAL A 79 3.67 5.79 -0.55
C VAL A 79 3.08 6.93 -1.36
N MET A 80 2.16 7.67 -0.74
CA MET A 80 1.60 8.86 -1.37
C MET A 80 2.71 9.90 -1.50
N ASP A 81 3.61 9.89 -0.51
CA ASP A 81 4.80 10.73 -0.54
C ASP A 81 5.66 10.42 -1.76
N ILE A 82 5.79 9.14 -2.05
CA ILE A 82 6.56 8.69 -3.21
C ILE A 82 5.90 9.18 -4.51
N LEU A 83 4.59 9.24 -4.49
CA LEU A 83 3.84 9.68 -5.66
C LEU A 83 3.73 11.19 -5.71
N ARG A 84 4.19 11.84 -4.65
CA ARG A 84 4.22 13.29 -4.59
C ARG A 84 5.63 13.78 -4.85
N GLU A 85 6.55 12.85 -4.92
CA GLU A 85 7.96 13.17 -5.04
C GLU A 85 8.57 12.39 -6.21
N GLY A 1 -6.18 3.20 16.55
CA GLY A 1 -5.83 2.07 15.72
C GLY A 1 -6.53 0.81 16.17
N GLN A 2 -6.11 0.28 17.33
CA GLN A 2 -6.63 -0.96 17.86
C GLN A 2 -6.34 -2.11 16.91
N PHE A 3 -5.09 -2.56 16.94
CA PHE A 3 -4.62 -3.61 16.06
C PHE A 3 -5.19 -4.98 16.44
N HIS A 4 -6.45 -5.19 16.07
CA HIS A 4 -7.13 -6.46 16.27
C HIS A 4 -7.35 -6.70 17.76
N ASP A 5 -7.69 -7.92 18.13
CA ASP A 5 -7.84 -8.30 19.54
C ASP A 5 -6.53 -8.05 20.29
N ASN A 6 -5.46 -8.63 19.78
CA ASN A 6 -4.13 -8.43 20.36
C ASN A 6 -3.08 -8.36 19.26
N ALA A 7 -3.10 -9.34 18.38
CA ALA A 7 -2.11 -9.43 17.32
C ALA A 7 -2.77 -9.41 15.95
N ASN A 8 -2.28 -8.57 15.07
CA ASN A 8 -2.78 -8.49 13.71
C ASN A 8 -1.73 -9.00 12.74
N GLY A 9 -0.47 -8.92 13.15
CA GLY A 9 0.63 -9.34 12.30
C GLY A 9 0.92 -8.33 11.21
N GLY A 10 0.03 -8.27 10.23
CA GLY A 10 0.14 -7.29 9.18
C GLY A 10 -1.23 -6.80 8.77
N GLN A 11 -2.14 -7.74 8.57
CA GLN A 11 -3.50 -7.42 8.20
C GLN A 11 -4.41 -7.41 9.41
N ASN A 12 -4.84 -6.23 9.83
CA ASN A 12 -5.75 -6.09 10.95
C ASN A 12 -7.19 -6.15 10.46
N GLY A 13 -7.54 -5.27 9.53
CA GLY A 13 -8.88 -5.26 8.97
C GLY A 13 -9.16 -3.98 8.22
N THR A 14 -8.62 -2.88 8.73
CA THR A 14 -8.73 -1.59 8.09
C THR A 14 -7.98 -1.58 6.77
N VAL A 15 -8.64 -1.16 5.71
CA VAL A 15 -8.02 -1.09 4.40
C VAL A 15 -8.30 0.26 3.75
N GLN A 16 -7.29 0.82 3.11
CA GLN A 16 -7.43 2.09 2.42
C GLN A 16 -7.02 1.93 0.97
N GLU A 17 -7.81 2.50 0.07
CA GLU A 17 -7.52 2.40 -1.36
C GLU A 17 -6.96 3.69 -1.92
N ILE A 18 -5.81 3.57 -2.55
CA ILE A 18 -5.19 4.68 -3.24
C ILE A 18 -5.26 4.44 -4.74
N MET A 19 -5.40 5.50 -5.52
CA MET A 19 -5.37 5.42 -6.96
C MET A 19 -4.00 5.85 -7.44
N ILE A 20 -3.11 4.89 -7.63
CA ILE A 20 -1.75 5.20 -8.02
C ILE A 20 -1.69 5.48 -9.52
N PRO A 21 -1.15 6.64 -9.90
CA PRO A 21 -0.94 6.99 -11.30
C PRO A 21 -0.19 5.90 -12.06
N ALA A 22 -0.68 5.58 -13.25
CA ALA A 22 -0.11 4.51 -14.07
C ALA A 22 1.35 4.78 -14.40
N GLY A 23 1.75 6.04 -14.39
CA GLY A 23 3.14 6.39 -14.65
C GLY A 23 3.98 6.42 -13.39
N LYS A 24 3.33 6.25 -12.24
CA LYS A 24 4.04 6.27 -10.96
C LYS A 24 3.95 4.92 -10.26
N ALA A 25 3.48 3.91 -10.98
CA ALA A 25 3.37 2.56 -10.42
C ALA A 25 4.75 1.98 -10.18
N GLY A 26 5.71 2.40 -10.99
CA GLY A 26 7.08 1.96 -10.83
C GLY A 26 7.71 2.56 -9.59
N LEU A 27 7.12 3.62 -9.06
CA LEU A 27 7.65 4.28 -7.88
C LEU A 27 7.18 3.57 -6.62
N VAL A 28 5.91 3.21 -6.58
CA VAL A 28 5.34 2.49 -5.44
C VAL A 28 5.91 1.07 -5.35
N ILE A 29 6.19 0.47 -6.50
CA ILE A 29 6.81 -0.84 -6.54
C ILE A 29 8.30 -0.71 -6.25
N GLY A 30 8.90 0.32 -6.83
CA GLY A 30 10.31 0.57 -6.66
C GLY A 30 11.10 0.15 -7.87
N LYS A 31 12.33 0.61 -7.96
CA LYS A 31 13.18 0.30 -9.11
C LYS A 31 13.77 -1.10 -8.98
N GLY A 32 12.89 -2.08 -8.80
CA GLY A 32 13.32 -3.46 -8.69
C GLY A 32 12.48 -4.24 -7.71
N GLY A 33 11.27 -3.73 -7.46
CA GLY A 33 10.39 -4.37 -6.49
C GLY A 33 10.86 -4.17 -5.06
N GLU A 34 11.99 -3.48 -4.90
CA GLU A 34 12.60 -3.31 -3.59
C GLU A 34 11.70 -2.49 -2.67
N THR A 35 11.04 -1.49 -3.24
CA THR A 35 10.24 -0.57 -2.44
C THR A 35 9.00 -1.26 -1.89
N ILE A 36 8.19 -1.84 -2.75
CA ILE A 36 6.94 -2.47 -2.31
C ILE A 36 7.23 -3.62 -1.34
N LYS A 37 8.42 -4.19 -1.46
CA LYS A 37 8.84 -5.28 -0.59
C LYS A 37 9.13 -4.78 0.83
N GLN A 38 9.87 -3.69 0.91
CA GLN A 38 10.28 -3.12 2.19
C GLN A 38 9.10 -2.46 2.88
N LEU A 39 8.30 -1.76 2.10
CA LEU A 39 7.16 -1.01 2.65
C LEU A 39 6.28 -1.87 3.53
N GLN A 40 5.94 -3.05 3.03
CA GLN A 40 5.07 -3.97 3.75
C GLN A 40 5.65 -4.34 5.11
N GLU A 41 6.94 -4.58 5.15
CA GLU A 41 7.59 -5.05 6.36
C GLU A 41 7.88 -3.91 7.33
N ARG A 42 8.23 -2.73 6.78
CA ARG A 42 8.62 -1.60 7.61
C ARG A 42 7.40 -0.90 8.22
N ALA A 43 6.25 -1.04 7.59
CA ALA A 43 5.03 -0.41 8.09
C ALA A 43 4.24 -1.36 8.98
N GLY A 44 4.44 -2.65 8.78
CA GLY A 44 3.71 -3.65 9.54
C GLY A 44 2.32 -3.89 9.00
N VAL A 45 2.14 -3.59 7.72
CA VAL A 45 0.86 -3.75 7.05
C VAL A 45 1.03 -4.52 5.75
N LYS A 46 -0.08 -4.75 5.06
CA LYS A 46 -0.02 -5.39 3.77
C LYS A 46 -0.37 -4.40 2.67
N MET A 47 0.51 -4.26 1.70
CA MET A 47 0.28 -3.36 0.58
C MET A 47 0.13 -4.16 -0.69
N ILE A 48 -1.04 -4.09 -1.30
CA ILE A 48 -1.27 -4.80 -2.54
C ILE A 48 -1.42 -3.80 -3.70
N LEU A 49 -0.39 -3.72 -4.52
CA LEU A 49 -0.42 -2.91 -5.72
C LEU A 49 -1.03 -3.72 -6.86
N ILE A 50 -2.28 -3.44 -7.18
CA ILE A 50 -2.96 -4.16 -8.26
C ILE A 50 -2.56 -3.56 -9.60
N GLN A 51 -1.45 -4.06 -10.13
CA GLN A 51 -0.96 -3.67 -11.42
C GLN A 51 -0.60 -4.92 -12.22
N ASP A 52 -0.54 -6.04 -11.51
CA ASP A 52 -0.17 -7.31 -12.10
C ASP A 52 -1.42 -8.14 -12.37
N GLY A 53 -2.47 -7.88 -11.58
CA GLY A 53 -3.72 -8.61 -11.75
C GLY A 53 -4.58 -8.03 -12.85
N SER A 54 -3.97 -7.20 -13.71
CA SER A 54 -4.68 -6.53 -14.79
C SER A 54 -5.81 -5.67 -14.24
N GLN A 55 -6.95 -5.68 -14.93
CA GLN A 55 -8.15 -4.93 -14.52
C GLN A 55 -7.93 -3.43 -14.70
N ASN A 56 -7.12 -2.84 -13.86
CA ASN A 56 -6.80 -1.42 -13.98
C ASN A 56 -5.41 -1.25 -14.59
N THR A 57 -5.13 -2.06 -15.59
CA THR A 57 -3.85 -2.03 -16.28
C THR A 57 -3.73 -0.77 -17.14
N ASN A 58 -4.88 -0.26 -17.57
CA ASN A 58 -4.91 0.95 -18.39
C ASN A 58 -5.10 2.21 -17.55
N VAL A 59 -5.73 2.06 -16.39
CA VAL A 59 -6.08 3.22 -15.56
C VAL A 59 -5.28 3.26 -14.26
N ASP A 60 -5.81 4.01 -13.29
CA ASP A 60 -5.17 4.14 -11.97
C ASP A 60 -5.04 2.79 -11.29
N LYS A 61 -4.07 2.69 -10.41
CA LYS A 61 -3.75 1.41 -9.77
C LYS A 61 -4.39 1.32 -8.40
N PRO A 62 -5.24 0.30 -8.20
CA PRO A 62 -5.85 0.02 -6.91
C PRO A 62 -4.80 -0.38 -5.87
N LEU A 63 -4.49 0.52 -4.97
CA LEU A 63 -3.58 0.22 -3.87
C LEU A 63 -4.37 0.05 -2.59
N ARG A 64 -4.48 -1.19 -2.15
CA ARG A 64 -5.17 -1.48 -0.92
C ARG A 64 -4.17 -1.73 0.21
N ILE A 65 -4.05 -0.76 1.09
CA ILE A 65 -3.22 -0.92 2.27
C ILE A 65 -4.07 -1.57 3.35
N ILE A 66 -3.84 -2.85 3.56
CA ILE A 66 -4.66 -3.63 4.48
C ILE A 66 -3.90 -3.84 5.79
N GLY A 67 -4.41 -3.24 6.85
CA GLY A 67 -3.77 -3.37 8.14
C GLY A 67 -4.55 -2.69 9.23
N ASP A 68 -3.86 -1.85 9.98
CA ASP A 68 -4.44 -1.15 11.12
C ASP A 68 -4.60 0.32 10.82
N PRO A 69 -5.68 0.98 11.29
CA PRO A 69 -5.96 2.39 10.96
C PRO A 69 -4.72 3.28 11.04
N TYR A 70 -3.90 3.05 12.05
CA TYR A 70 -2.75 3.89 12.32
C TYR A 70 -1.64 3.63 11.31
N LYS A 71 -1.24 2.37 11.18
CA LYS A 71 -0.17 2.02 10.25
C LYS A 71 -0.64 2.03 8.81
N VAL A 72 -1.96 2.01 8.58
CA VAL A 72 -2.51 2.20 7.25
C VAL A 72 -2.30 3.65 6.82
N GLN A 73 -2.51 4.56 7.76
CA GLN A 73 -2.33 5.98 7.51
C GLN A 73 -0.85 6.29 7.30
N GLN A 74 -0.01 5.76 8.19
CA GLN A 74 1.43 5.93 8.06
C GLN A 74 1.92 5.37 6.73
N ALA A 75 1.36 4.23 6.34
CA ALA A 75 1.71 3.59 5.08
C ALA A 75 1.23 4.41 3.89
N CYS A 76 0.06 5.02 4.04
CA CYS A 76 -0.51 5.85 2.99
C CYS A 76 0.34 7.08 2.75
N GLU A 77 0.68 7.80 3.81
CA GLU A 77 1.53 8.98 3.67
C GLU A 77 2.95 8.57 3.30
N MET A 78 3.27 7.30 3.55
CA MET A 78 4.55 6.73 3.14
C MET A 78 4.58 6.56 1.62
N VAL A 79 3.58 5.90 1.06
CA VAL A 79 3.54 5.66 -0.37
C VAL A 79 3.25 6.95 -1.14
N MET A 80 2.42 7.82 -0.57
CA MET A 80 2.13 9.11 -1.21
C MET A 80 3.35 10.00 -1.16
N ASP A 81 4.21 9.78 -0.17
CA ASP A 81 5.47 10.51 -0.05
C ASP A 81 6.33 10.25 -1.28
N ILE A 82 6.45 8.98 -1.62
CA ILE A 82 7.23 8.55 -2.78
C ILE A 82 6.69 9.17 -4.07
N LEU A 83 5.36 9.32 -4.13
CA LEU A 83 4.71 9.86 -5.32
C LEU A 83 4.78 11.38 -5.35
N ARG A 84 5.08 11.98 -4.21
CA ARG A 84 5.13 13.43 -4.09
C ARG A 84 6.55 13.94 -4.24
N GLU A 85 7.48 13.14 -3.76
CA GLU A 85 8.88 13.53 -3.69
C GLU A 85 9.54 13.41 -5.06
N GLY A 1 -5.99 -4.93 20.25
CA GLY A 1 -6.23 -4.48 18.89
C GLY A 1 -6.60 -5.60 17.97
N GLN A 2 -7.81 -5.54 17.41
CA GLN A 2 -8.27 -6.51 16.45
C GLN A 2 -7.63 -6.24 15.10
N PHE A 3 -6.92 -5.12 15.02
CA PHE A 3 -6.21 -4.74 13.81
C PHE A 3 -4.79 -5.25 13.88
N HIS A 4 -4.11 -4.85 14.96
CA HIS A 4 -2.78 -5.34 15.31
C HIS A 4 -1.69 -4.82 14.36
N ASP A 5 -1.64 -5.37 13.16
CA ASP A 5 -0.59 -5.02 12.19
C ASP A 5 -1.03 -5.36 10.78
N ASN A 6 -1.40 -6.61 10.56
CA ASN A 6 -1.78 -7.10 9.25
C ASN A 6 -3.09 -7.87 9.38
N ALA A 7 -3.03 -8.97 10.09
CA ALA A 7 -4.19 -9.78 10.38
C ALA A 7 -4.12 -10.27 11.81
N ASN A 8 -5.12 -9.94 12.60
CA ASN A 8 -5.17 -10.38 13.98
C ASN A 8 -6.08 -11.57 14.12
N GLY A 9 -5.51 -12.76 14.04
CA GLY A 9 -6.29 -13.97 14.07
C GLY A 9 -6.85 -14.31 12.71
N GLY A 10 -8.10 -13.97 12.48
CA GLY A 10 -8.73 -14.25 11.21
C GLY A 10 -9.27 -13.02 10.52
N GLN A 11 -9.06 -11.85 11.14
CA GLN A 11 -9.66 -10.62 10.62
C GLN A 11 -8.58 -9.60 10.24
N ASN A 12 -8.82 -8.94 9.12
CA ASN A 12 -8.01 -7.79 8.72
C ASN A 12 -8.80 -6.54 9.06
N GLY A 13 -8.14 -5.61 9.75
CA GLY A 13 -8.83 -4.44 10.27
C GLY A 13 -9.09 -3.36 9.24
N THR A 14 -8.18 -2.41 9.17
CA THR A 14 -8.35 -1.24 8.31
C THR A 14 -7.64 -1.42 6.99
N VAL A 15 -8.33 -1.12 5.91
CA VAL A 15 -7.78 -1.19 4.57
C VAL A 15 -8.20 0.03 3.75
N GLN A 16 -7.25 0.62 3.05
CA GLN A 16 -7.55 1.74 2.17
C GLN A 16 -7.14 1.39 0.74
N GLU A 17 -7.73 2.08 -0.22
CA GLU A 17 -7.50 1.82 -1.64
C GLU A 17 -7.03 3.06 -2.36
N ILE A 18 -5.75 3.08 -2.70
CA ILE A 18 -5.17 4.21 -3.41
C ILE A 18 -5.10 3.91 -4.90
N MET A 19 -5.38 4.92 -5.71
CA MET A 19 -5.28 4.77 -7.16
C MET A 19 -4.01 5.43 -7.64
N ILE A 20 -2.96 4.64 -7.77
CA ILE A 20 -1.64 5.17 -8.12
C ILE A 20 -1.51 5.38 -9.62
N PRO A 21 -1.01 6.56 -10.04
CA PRO A 21 -0.69 6.83 -11.45
C PRO A 21 0.21 5.75 -12.03
N ALA A 22 -0.12 5.30 -13.24
CA ALA A 22 0.65 4.28 -13.92
C ALA A 22 2.08 4.73 -14.17
N GLY A 23 2.25 6.02 -14.39
CA GLY A 23 3.57 6.58 -14.56
C GLY A 23 4.40 6.55 -13.29
N LYS A 24 3.73 6.43 -12.15
CA LYS A 24 4.41 6.38 -10.86
C LYS A 24 4.41 4.98 -10.27
N ALA A 25 4.04 4.00 -11.11
CA ALA A 25 4.02 2.61 -10.68
C ALA A 25 5.40 2.14 -10.25
N GLY A 26 6.42 2.70 -10.89
CA GLY A 26 7.79 2.34 -10.57
C GLY A 26 8.15 2.68 -9.13
N LEU A 27 7.45 3.64 -8.55
CA LEU A 27 7.73 4.08 -7.20
C LEU A 27 7.03 3.21 -6.17
N VAL A 28 5.74 2.97 -6.39
CA VAL A 28 4.95 2.15 -5.47
C VAL A 28 5.39 0.69 -5.51
N ILE A 29 5.81 0.22 -6.68
CA ILE A 29 6.32 -1.13 -6.81
C ILE A 29 7.77 -1.17 -6.35
N GLY A 30 8.48 -0.10 -6.62
CA GLY A 30 9.81 0.06 -6.10
C GLY A 30 10.89 -0.39 -7.04
N LYS A 31 10.84 0.12 -8.26
CA LYS A 31 11.92 -0.04 -9.23
C LYS A 31 12.36 -1.50 -9.37
N GLY A 32 11.40 -2.40 -9.40
CA GLY A 32 11.71 -3.81 -9.52
C GLY A 32 11.02 -4.64 -8.47
N GLY A 33 10.55 -3.97 -7.42
CA GLY A 33 9.84 -4.65 -6.36
C GLY A 33 10.58 -4.56 -5.04
N GLU A 34 11.64 -3.77 -5.01
CA GLU A 34 12.44 -3.63 -3.80
C GLU A 34 11.73 -2.74 -2.80
N THR A 35 11.24 -1.60 -3.26
CA THR A 35 10.61 -0.63 -2.37
C THR A 35 9.32 -1.18 -1.78
N ILE A 36 8.48 -1.83 -2.59
CA ILE A 36 7.22 -2.39 -2.10
C ILE A 36 7.48 -3.44 -1.01
N LYS A 37 8.56 -4.19 -1.18
CA LYS A 37 8.99 -5.16 -0.18
C LYS A 37 9.33 -4.44 1.13
N GLN A 38 9.97 -3.30 1.01
CA GLN A 38 10.40 -2.53 2.17
C GLN A 38 9.22 -1.83 2.83
N LEU A 39 8.36 -1.23 2.01
CA LEU A 39 7.22 -0.45 2.50
C LEU A 39 6.38 -1.22 3.51
N GLN A 40 6.02 -2.43 3.13
CA GLN A 40 5.17 -3.28 3.96
C GLN A 40 5.81 -3.54 5.32
N GLU A 41 6.99 -4.12 5.29
CA GLU A 41 7.65 -4.59 6.51
C GLU A 41 8.21 -3.45 7.34
N ARG A 42 8.47 -2.29 6.73
CA ARG A 42 8.96 -1.15 7.49
C ARG A 42 7.83 -0.48 8.27
N ALA A 43 6.63 -0.50 7.70
CA ALA A 43 5.49 0.13 8.32
C ALA A 43 4.78 -0.83 9.27
N GLY A 44 4.86 -2.12 8.97
CA GLY A 44 4.22 -3.12 9.78
C GLY A 44 2.85 -3.52 9.25
N VAL A 45 2.63 -3.27 7.98
CA VAL A 45 1.34 -3.57 7.34
C VAL A 45 1.56 -4.36 6.05
N LYS A 46 0.46 -4.69 5.38
CA LYS A 46 0.53 -5.37 4.11
C LYS A 46 0.04 -4.45 3.01
N MET A 47 0.87 -4.28 1.98
CA MET A 47 0.48 -3.48 0.84
C MET A 47 0.37 -4.39 -0.38
N ILE A 48 -0.72 -4.26 -1.12
CA ILE A 48 -0.87 -5.03 -2.34
C ILE A 48 -1.02 -4.11 -3.54
N LEU A 49 -0.03 -4.14 -4.42
CA LEU A 49 -0.06 -3.40 -5.65
C LEU A 49 -0.72 -4.25 -6.73
N ILE A 50 -1.96 -3.95 -7.05
CA ILE A 50 -2.72 -4.73 -8.00
C ILE A 50 -2.54 -4.15 -9.41
N GLN A 51 -1.56 -4.67 -10.14
CA GLN A 51 -1.26 -4.17 -11.47
C GLN A 51 -1.97 -5.02 -12.53
N ASP A 52 -2.77 -5.98 -12.08
CA ASP A 52 -3.48 -6.87 -12.98
C ASP A 52 -4.99 -6.85 -12.74
N GLY A 53 -5.39 -7.02 -11.48
CA GLY A 53 -6.79 -7.22 -11.17
C GLY A 53 -7.57 -5.92 -11.08
N SER A 54 -7.91 -5.36 -12.24
CA SER A 54 -8.70 -4.14 -12.29
C SER A 54 -9.15 -3.84 -13.71
N GLN A 55 -8.28 -4.14 -14.68
CA GLN A 55 -8.53 -3.89 -16.10
C GLN A 55 -8.45 -2.39 -16.43
N ASN A 56 -8.40 -1.56 -15.40
CA ASN A 56 -8.11 -0.15 -15.54
C ASN A 56 -6.68 0.10 -15.09
N THR A 57 -5.94 -1.00 -15.02
CA THR A 57 -4.60 -1.02 -14.46
C THR A 57 -3.56 -0.39 -15.38
N ASN A 58 -3.91 -0.28 -16.65
CA ASN A 58 -3.07 0.44 -17.60
C ASN A 58 -3.08 1.93 -17.27
N VAL A 59 -4.08 2.32 -16.49
CA VAL A 59 -4.26 3.69 -16.07
C VAL A 59 -3.87 3.88 -14.61
N ASP A 60 -4.60 3.23 -13.73
CA ASP A 60 -4.39 3.37 -12.30
C ASP A 60 -3.90 2.08 -11.69
N LYS A 61 -3.33 2.18 -10.50
CA LYS A 61 -2.82 1.04 -9.79
C LYS A 61 -3.51 0.91 -8.45
N PRO A 62 -4.53 0.04 -8.37
CA PRO A 62 -5.23 -0.27 -7.12
C PRO A 62 -4.27 -0.73 -6.02
N LEU A 63 -4.18 0.07 -4.96
CA LEU A 63 -3.32 -0.24 -3.84
C LEU A 63 -4.13 -0.42 -2.57
N ARG A 64 -4.15 -1.63 -2.05
CA ARG A 64 -4.83 -1.89 -0.79
C ARG A 64 -3.82 -2.05 0.34
N ILE A 65 -3.85 -1.10 1.25
CA ILE A 65 -3.03 -1.17 2.45
C ILE A 65 -3.85 -1.77 3.57
N ILE A 66 -3.53 -2.99 3.95
CA ILE A 66 -4.35 -3.75 4.87
C ILE A 66 -3.66 -3.96 6.21
N GLY A 67 -4.34 -3.64 7.30
CA GLY A 67 -3.81 -3.93 8.61
C GLY A 67 -4.30 -2.99 9.68
N ASP A 68 -3.36 -2.41 10.40
CA ASP A 68 -3.65 -1.52 11.53
C ASP A 68 -3.88 -0.09 11.07
N PRO A 69 -4.95 0.56 11.58
CA PRO A 69 -5.40 1.88 11.13
C PRO A 69 -4.32 2.95 11.23
N TYR A 70 -3.39 2.78 12.16
CA TYR A 70 -2.34 3.74 12.37
C TYR A 70 -1.29 3.63 11.28
N LYS A 71 -0.76 2.43 11.10
CA LYS A 71 0.28 2.21 10.09
C LYS A 71 -0.29 2.09 8.69
N VAL A 72 -1.59 1.80 8.57
CA VAL A 72 -2.24 1.82 7.27
C VAL A 72 -2.34 3.24 6.75
N GLN A 73 -2.60 4.17 7.67
CA GLN A 73 -2.73 5.58 7.32
C GLN A 73 -1.35 6.12 6.99
N GLN A 74 -0.39 5.84 7.85
CA GLN A 74 0.98 6.25 7.62
C GLN A 74 1.51 5.64 6.32
N ALA A 75 1.11 4.41 6.05
CA ALA A 75 1.55 3.72 4.84
C ALA A 75 1.02 4.43 3.62
N CYS A 76 -0.22 4.87 3.71
CA CYS A 76 -0.87 5.58 2.63
C CYS A 76 -0.20 6.92 2.38
N GLU A 77 0.01 7.70 3.44
CA GLU A 77 0.66 9.00 3.27
C GLU A 77 2.14 8.84 2.97
N MET A 78 2.69 7.67 3.29
CA MET A 78 4.08 7.36 2.98
C MET A 78 4.25 7.05 1.49
N VAL A 79 3.40 6.17 0.96
CA VAL A 79 3.46 5.83 -0.45
C VAL A 79 3.06 7.04 -1.30
N MET A 80 2.10 7.82 -0.81
CA MET A 80 1.69 9.05 -1.49
C MET A 80 2.78 10.10 -1.33
N ASP A 81 3.53 10.02 -0.23
CA ASP A 81 4.65 10.93 -0.01
C ASP A 81 5.72 10.70 -1.07
N ILE A 82 6.02 9.43 -1.32
CA ILE A 82 6.98 9.05 -2.36
C ILE A 82 6.56 9.61 -3.71
N LEU A 83 5.26 9.63 -3.95
CA LEU A 83 4.72 10.09 -5.21
C LEU A 83 4.75 11.61 -5.32
N ARG A 84 4.53 12.29 -4.20
CA ARG A 84 4.50 13.76 -4.21
C ARG A 84 5.92 14.31 -4.21
N GLU A 85 6.85 13.49 -3.79
CA GLU A 85 8.22 13.92 -3.60
C GLU A 85 9.10 13.39 -4.74
N GLY A 1 -13.22 -4.08 15.99
CA GLY A 1 -11.82 -4.15 15.63
C GLY A 1 -10.94 -3.39 16.59
N GLN A 2 -10.30 -4.12 17.50
CA GLN A 2 -9.38 -3.52 18.47
C GLN A 2 -8.08 -3.10 17.80
N PHE A 3 -7.89 -3.56 16.56
CA PHE A 3 -6.69 -3.26 15.76
C PHE A 3 -5.48 -4.00 16.31
N HIS A 4 -4.90 -3.48 17.40
CA HIS A 4 -3.69 -4.08 17.97
C HIS A 4 -2.55 -4.05 16.97
N ASP A 5 -1.96 -2.87 16.79
CA ASP A 5 -0.93 -2.65 15.77
C ASP A 5 0.31 -3.50 16.06
N ASN A 6 0.51 -3.86 17.32
CA ASN A 6 1.64 -4.71 17.70
C ASN A 6 1.35 -6.17 17.35
N ALA A 7 1.06 -6.41 16.08
CA ALA A 7 0.76 -7.74 15.55
C ALA A 7 -0.43 -8.38 16.26
N ASN A 8 -1.62 -8.09 15.77
CA ASN A 8 -2.83 -8.70 16.31
C ASN A 8 -2.89 -10.17 15.90
N GLY A 9 -3.51 -10.98 16.75
CA GLY A 9 -3.60 -12.40 16.47
C GLY A 9 -4.91 -12.77 15.80
N GLY A 10 -5.22 -12.08 14.72
CA GLY A 10 -6.44 -12.34 14.00
C GLY A 10 -6.47 -11.71 12.63
N GLN A 11 -7.29 -10.69 12.47
CA GLN A 11 -7.44 -10.03 11.19
C GLN A 11 -7.29 -8.52 11.35
N ASN A 12 -6.77 -7.88 10.32
CA ASN A 12 -6.56 -6.43 10.35
C ASN A 12 -7.82 -5.72 9.88
N GLY A 13 -8.25 -4.71 10.63
CA GLY A 13 -9.54 -4.09 10.37
C GLY A 13 -9.44 -2.76 9.66
N THR A 14 -8.25 -2.37 9.23
CA THR A 14 -8.10 -1.11 8.51
C THR A 14 -7.44 -1.32 7.16
N VAL A 15 -8.10 -0.81 6.12
CA VAL A 15 -7.55 -0.88 4.78
C VAL A 15 -7.84 0.41 4.00
N GLN A 16 -6.80 1.00 3.43
CA GLN A 16 -6.93 2.19 2.62
C GLN A 16 -6.68 1.87 1.15
N GLU A 17 -7.58 2.33 0.28
CA GLU A 17 -7.40 2.14 -1.16
C GLU A 17 -6.92 3.42 -1.81
N ILE A 18 -5.73 3.34 -2.41
CA ILE A 18 -5.17 4.49 -3.09
C ILE A 18 -5.20 4.25 -4.59
N MET A 19 -5.43 5.30 -5.37
CA MET A 19 -5.41 5.20 -6.82
C MET A 19 -4.08 5.71 -7.35
N ILE A 20 -3.13 4.80 -7.50
CA ILE A 20 -1.78 5.17 -7.92
C ILE A 20 -1.72 5.40 -9.42
N PRO A 21 -1.22 6.58 -9.85
CA PRO A 21 -1.04 6.91 -11.27
C PRO A 21 -0.27 5.85 -12.04
N ALA A 22 -0.60 5.68 -13.31
CA ALA A 22 -0.02 4.61 -14.13
C ALA A 22 1.50 4.58 -14.06
N GLY A 23 2.12 5.71 -14.41
CA GLY A 23 3.57 5.79 -14.45
C GLY A 23 4.19 5.87 -13.07
N LYS A 24 3.36 6.03 -12.05
CA LYS A 24 3.83 6.12 -10.67
C LYS A 24 3.81 4.75 -10.01
N ALA A 25 3.31 3.75 -10.73
CA ALA A 25 3.29 2.38 -10.23
C ALA A 25 4.71 1.88 -10.00
N GLY A 26 5.65 2.37 -10.81
CA GLY A 26 7.03 1.98 -10.66
C GLY A 26 7.65 2.49 -9.38
N LEU A 27 7.02 3.51 -8.79
CA LEU A 27 7.54 4.11 -7.56
C LEU A 27 7.01 3.36 -6.34
N VAL A 28 5.72 3.03 -6.36
CA VAL A 28 5.09 2.29 -5.26
C VAL A 28 5.60 0.85 -5.19
N ILE A 29 5.84 0.27 -6.35
CA ILE A 29 6.36 -1.08 -6.42
C ILE A 29 7.85 -1.08 -6.09
N GLY A 30 8.54 -0.07 -6.58
CA GLY A 30 9.93 0.11 -6.24
C GLY A 30 10.80 0.20 -7.47
N LYS A 31 11.96 0.80 -7.31
CA LYS A 31 12.91 0.99 -8.40
C LYS A 31 13.31 -0.37 -8.98
N GLY A 32 13.33 -1.38 -8.14
CA GLY A 32 13.62 -2.73 -8.60
C GLY A 32 12.57 -3.71 -8.12
N GLY A 33 11.44 -3.19 -7.65
CA GLY A 33 10.39 -4.05 -7.11
C GLY A 33 10.63 -4.41 -5.66
N GLU A 34 11.71 -3.87 -5.11
CA GLU A 34 12.10 -4.15 -3.74
C GLU A 34 11.38 -3.23 -2.75
N THR A 35 11.06 -2.02 -3.21
CA THR A 35 10.47 -1.01 -2.34
C THR A 35 9.12 -1.44 -1.79
N ILE A 36 8.29 -2.06 -2.63
CA ILE A 36 6.95 -2.50 -2.19
C ILE A 36 7.06 -3.52 -1.06
N LYS A 37 8.13 -4.30 -1.05
CA LYS A 37 8.40 -5.21 0.04
C LYS A 37 8.83 -4.42 1.27
N GLN A 38 9.71 -3.45 1.05
CA GLN A 38 10.27 -2.65 2.14
C GLN A 38 9.16 -1.94 2.89
N LEU A 39 8.22 -1.39 2.13
CA LEU A 39 7.10 -0.68 2.69
C LEU A 39 6.36 -1.53 3.72
N GLN A 40 6.05 -2.75 3.31
CA GLN A 40 5.34 -3.69 4.17
C GLN A 40 6.16 -4.05 5.39
N GLU A 41 7.43 -4.35 5.16
CA GLU A 41 8.35 -4.74 6.23
C GLU A 41 8.49 -3.62 7.27
N ARG A 42 8.59 -2.39 6.77
CA ARG A 42 8.94 -1.25 7.62
C ARG A 42 7.75 -0.69 8.38
N ALA A 43 6.57 -0.70 7.76
CA ALA A 43 5.39 -0.16 8.42
C ALA A 43 4.66 -1.23 9.21
N GLY A 44 4.85 -2.48 8.80
CA GLY A 44 4.19 -3.60 9.47
C GLY A 44 2.82 -3.89 8.90
N VAL A 45 2.61 -3.49 7.66
CA VAL A 45 1.32 -3.67 6.99
C VAL A 45 1.47 -4.49 5.73
N LYS A 46 0.35 -4.72 5.07
CA LYS A 46 0.35 -5.38 3.77
C LYS A 46 -0.20 -4.43 2.72
N MET A 47 0.58 -4.16 1.70
CA MET A 47 0.18 -3.24 0.64
C MET A 47 0.09 -4.00 -0.67
N ILE A 48 -1.11 -4.10 -1.21
CA ILE A 48 -1.29 -4.84 -2.45
C ILE A 48 -1.50 -3.90 -3.63
N LEU A 49 -0.46 -3.79 -4.45
CA LEU A 49 -0.54 -3.04 -5.70
C LEU A 49 -1.16 -3.91 -6.78
N ILE A 50 -2.44 -3.68 -7.07
CA ILE A 50 -3.13 -4.49 -8.06
C ILE A 50 -2.82 -3.99 -9.46
N GLN A 51 -1.72 -4.47 -10.00
CA GLN A 51 -1.37 -4.24 -11.39
C GLN A 51 -1.36 -5.57 -12.13
N ASP A 52 -1.45 -6.64 -11.36
CA ASP A 52 -1.47 -7.99 -11.91
C ASP A 52 -2.88 -8.36 -12.34
N GLY A 53 -3.86 -7.58 -11.86
CA GLY A 53 -5.25 -7.83 -12.20
C GLY A 53 -5.64 -7.20 -13.52
N SER A 54 -4.70 -6.52 -14.17
CA SER A 54 -4.94 -5.87 -15.45
C SER A 54 -6.09 -4.86 -15.37
N GLN A 55 -6.73 -4.61 -16.52
CA GLN A 55 -7.88 -3.70 -16.62
C GLN A 55 -7.45 -2.26 -16.40
N ASN A 56 -7.24 -1.88 -15.14
CA ASN A 56 -6.84 -0.53 -14.82
C ASN A 56 -5.33 -0.37 -14.94
N THR A 57 -4.68 -1.36 -15.53
CA THR A 57 -3.23 -1.31 -15.73
C THR A 57 -2.82 -0.05 -16.50
N ASN A 58 -3.70 0.41 -17.39
CA ASN A 58 -3.42 1.59 -18.20
C ASN A 58 -3.75 2.88 -17.46
N VAL A 59 -4.57 2.78 -16.41
CA VAL A 59 -4.99 3.97 -15.66
C VAL A 59 -4.44 3.94 -14.23
N ASP A 60 -5.34 4.09 -13.26
CA ASP A 60 -4.97 4.06 -11.85
C ASP A 60 -4.59 2.66 -11.39
N LYS A 61 -4.14 2.55 -10.16
CA LYS A 61 -3.75 1.29 -9.60
C LYS A 61 -4.41 1.07 -8.25
N PRO A 62 -5.30 0.08 -8.18
CA PRO A 62 -5.92 -0.35 -6.93
C PRO A 62 -4.88 -0.76 -5.89
N LEU A 63 -4.65 0.10 -4.93
CA LEU A 63 -3.73 -0.20 -3.85
C LEU A 63 -4.48 -0.32 -2.53
N ARG A 64 -4.62 -1.55 -2.06
CA ARG A 64 -5.17 -1.77 -0.74
C ARG A 64 -4.06 -1.84 0.28
N ILE A 65 -4.06 -0.91 1.21
CA ILE A 65 -3.15 -0.99 2.33
C ILE A 65 -3.88 -1.61 3.50
N ILE A 66 -3.62 -2.88 3.74
CA ILE A 66 -4.36 -3.65 4.71
C ILE A 66 -3.54 -3.82 5.99
N GLY A 67 -4.07 -3.32 7.09
CA GLY A 67 -3.39 -3.44 8.35
C GLY A 67 -4.12 -2.73 9.48
N ASP A 68 -3.37 -2.03 10.31
CA ASP A 68 -3.92 -1.29 11.42
C ASP A 68 -3.83 0.21 11.13
N PRO A 69 -4.73 1.02 11.70
CA PRO A 69 -4.95 2.42 11.30
C PRO A 69 -3.66 3.23 11.20
N TYR A 70 -2.83 3.15 12.22
CA TYR A 70 -1.63 3.96 12.31
C TYR A 70 -0.64 3.61 11.21
N LYS A 71 -0.32 2.33 11.07
CA LYS A 71 0.67 1.90 10.09
C LYS A 71 0.14 1.96 8.67
N VAL A 72 -1.17 1.90 8.51
CA VAL A 72 -1.76 2.06 7.19
C VAL A 72 -1.60 3.50 6.72
N GLN A 73 -1.81 4.42 7.66
CA GLN A 73 -1.73 5.84 7.36
C GLN A 73 -0.29 6.27 7.10
N GLN A 74 0.64 5.86 7.95
CA GLN A 74 2.03 6.25 7.77
C GLN A 74 2.57 5.67 6.48
N ALA A 75 2.15 4.46 6.22
CA ALA A 75 2.52 3.77 4.98
C ALA A 75 1.95 4.52 3.77
N CYS A 76 0.73 5.01 3.91
CA CYS A 76 0.09 5.82 2.88
C CYS A 76 0.84 7.13 2.69
N GLU A 77 1.12 7.82 3.80
CA GLU A 77 1.91 9.05 3.76
C GLU A 77 3.25 8.79 3.10
N MET A 78 3.80 7.63 3.41
CA MET A 78 5.10 7.21 2.89
C MET A 78 5.09 7.06 1.38
N VAL A 79 4.15 6.26 0.87
CA VAL A 79 4.09 6.01 -0.57
C VAL A 79 3.62 7.24 -1.33
N MET A 80 2.67 7.98 -0.76
CA MET A 80 2.20 9.22 -1.37
C MET A 80 3.31 10.26 -1.40
N ASP A 81 4.16 10.23 -0.38
CA ASP A 81 5.30 11.15 -0.31
C ASP A 81 6.25 10.89 -1.47
N ILE A 82 6.43 9.62 -1.81
CA ILE A 82 7.32 9.23 -2.91
C ILE A 82 6.76 9.71 -4.25
N LEU A 83 5.44 9.82 -4.33
CA LEU A 83 4.79 10.18 -5.58
C LEU A 83 4.71 11.69 -5.75
N ARG A 84 4.78 12.41 -4.66
CA ARG A 84 4.63 13.87 -4.69
C ARG A 84 5.99 14.56 -4.64
N GLU A 85 7.03 13.77 -4.51
CA GLU A 85 8.37 14.29 -4.33
C GLU A 85 9.19 14.03 -5.59
N GLY A 1 3.13 -9.33 11.83
CA GLY A 1 2.44 -8.07 11.65
C GLY A 1 1.51 -7.75 12.81
N GLN A 2 0.43 -8.54 12.92
CA GLN A 2 -0.53 -8.41 14.01
C GLN A 2 -1.18 -7.04 14.02
N PHE A 3 -1.29 -6.47 12.83
CA PHE A 3 -1.91 -5.16 12.63
C PHE A 3 -1.12 -4.06 13.33
N HIS A 4 -1.38 -3.82 14.61
CA HIS A 4 -0.73 -2.72 15.31
C HIS A 4 0.27 -3.22 16.35
N ASP A 5 1.32 -3.92 15.89
CA ASP A 5 2.49 -4.21 16.72
C ASP A 5 2.15 -5.13 17.91
N ASN A 6 1.50 -4.59 18.93
CA ASN A 6 1.13 -5.34 20.11
C ASN A 6 -0.38 -5.28 20.33
N ALA A 7 -0.93 -4.07 20.31
CA ALA A 7 -2.36 -3.88 20.54
C ALA A 7 -2.87 -2.58 19.91
N ASN A 8 -3.94 -2.68 19.15
CA ASN A 8 -4.58 -1.50 18.55
C ASN A 8 -5.67 -0.97 19.48
N GLY A 9 -6.69 -1.77 19.70
CA GLY A 9 -7.80 -1.36 20.52
C GLY A 9 -9.11 -1.99 20.09
N GLY A 10 -9.81 -1.32 19.18
CA GLY A 10 -11.09 -1.81 18.73
C GLY A 10 -11.08 -2.17 17.25
N GLN A 11 -10.88 -1.16 16.41
CA GLN A 11 -10.87 -1.37 14.96
C GLN A 11 -9.58 -2.03 14.52
N ASN A 12 -9.66 -3.29 14.14
CA ASN A 12 -8.48 -4.09 13.85
C ASN A 12 -8.11 -4.01 12.36
N GLY A 13 -8.93 -4.63 11.52
CA GLY A 13 -8.63 -4.69 10.11
C GLY A 13 -9.01 -3.42 9.36
N THR A 14 -8.03 -2.57 9.12
CA THR A 14 -8.26 -1.35 8.36
C THR A 14 -7.48 -1.36 7.05
N VAL A 15 -8.13 -0.95 5.97
CA VAL A 15 -7.49 -0.90 4.67
C VAL A 15 -7.83 0.40 3.94
N GLN A 16 -6.82 1.04 3.37
CA GLN A 16 -7.04 2.22 2.55
C GLN A 16 -6.75 1.89 1.08
N GLU A 17 -7.71 2.19 0.23
CA GLU A 17 -7.58 1.92 -1.20
C GLU A 17 -7.23 3.17 -1.97
N ILE A 18 -6.11 3.14 -2.67
CA ILE A 18 -5.62 4.28 -3.42
C ILE A 18 -5.67 3.99 -4.91
N MET A 19 -5.74 5.03 -5.71
CA MET A 19 -5.64 4.90 -7.15
C MET A 19 -4.35 5.56 -7.61
N ILE A 20 -3.33 4.73 -7.80
CA ILE A 20 -1.99 5.24 -8.07
C ILE A 20 -1.80 5.56 -9.56
N PRO A 21 -1.36 6.79 -9.87
CA PRO A 21 -1.07 7.21 -11.24
C PRO A 21 -0.19 6.19 -11.97
N ALA A 22 -0.62 5.84 -13.18
CA ALA A 22 0.02 4.78 -13.97
C ALA A 22 1.52 5.05 -14.19
N GLY A 23 1.90 6.31 -14.23
CA GLY A 23 3.29 6.65 -14.45
C GLY A 23 4.09 6.70 -13.18
N LYS A 24 3.45 7.08 -12.08
CA LYS A 24 4.16 7.26 -10.82
C LYS A 24 4.11 6.00 -9.98
N ALA A 25 3.41 4.99 -10.48
CA ALA A 25 3.26 3.71 -9.79
C ALA A 25 4.60 3.00 -9.64
N GLY A 26 5.55 3.35 -10.48
CA GLY A 26 6.86 2.74 -10.43
C GLY A 26 7.54 2.96 -9.09
N LEU A 27 7.35 4.14 -8.52
CA LEU A 27 8.05 4.51 -7.29
C LEU A 27 7.45 3.81 -6.08
N VAL A 28 6.16 3.49 -6.17
CA VAL A 28 5.46 2.81 -5.10
C VAL A 28 5.96 1.39 -4.97
N ILE A 29 6.26 0.78 -6.11
CA ILE A 29 6.73 -0.59 -6.16
C ILE A 29 8.23 -0.65 -5.96
N GLY A 30 8.93 0.29 -6.57
CA GLY A 30 10.36 0.34 -6.45
C GLY A 30 11.03 0.34 -7.81
N LYS A 31 12.34 0.19 -7.82
CA LYS A 31 13.08 0.17 -9.07
C LYS A 31 13.03 -1.22 -9.67
N GLY A 32 12.89 -2.22 -8.80
CA GLY A 32 12.80 -3.60 -9.25
C GLY A 32 11.86 -4.43 -8.40
N GLY A 33 11.09 -3.76 -7.55
CA GLY A 33 10.14 -4.46 -6.70
C GLY A 33 10.71 -4.72 -5.32
N GLU A 34 11.78 -4.00 -5.00
CA GLU A 34 12.42 -4.13 -3.70
C GLU A 34 11.73 -3.23 -2.67
N THR A 35 11.31 -2.05 -3.12
CA THR A 35 10.64 -1.10 -2.25
C THR A 35 9.37 -1.69 -1.66
N ILE A 36 8.47 -2.14 -2.52
CA ILE A 36 7.19 -2.71 -2.11
C ILE A 36 7.38 -3.87 -1.12
N LYS A 37 8.55 -4.51 -1.18
CA LYS A 37 8.83 -5.62 -0.29
C LYS A 37 9.24 -5.11 1.09
N GLN A 38 10.13 -4.13 1.13
CA GLN A 38 10.65 -3.60 2.37
C GLN A 38 9.59 -2.81 3.12
N LEU A 39 8.75 -2.13 2.37
CA LEU A 39 7.69 -1.30 2.94
C LEU A 39 6.83 -2.09 3.91
N GLN A 40 6.46 -3.29 3.50
CA GLN A 40 5.62 -4.16 4.32
C GLN A 40 6.37 -4.63 5.55
N GLU A 41 7.67 -4.82 5.42
CA GLU A 41 8.50 -5.30 6.51
C GLU A 41 8.71 -4.22 7.57
N ARG A 42 8.74 -2.97 7.13
CA ARG A 42 9.01 -1.86 8.03
C ARG A 42 7.74 -1.25 8.61
N ALA A 43 6.72 -1.09 7.78
CA ALA A 43 5.48 -0.48 8.23
C ALA A 43 4.67 -1.44 9.10
N GLY A 44 4.80 -2.73 8.79
CA GLY A 44 4.04 -3.74 9.53
C GLY A 44 2.71 -4.05 8.87
N VAL A 45 2.42 -3.33 7.79
CA VAL A 45 1.17 -3.51 7.06
C VAL A 45 1.41 -4.29 5.78
N LYS A 46 0.33 -4.70 5.16
CA LYS A 46 0.40 -5.38 3.90
C LYS A 46 0.06 -4.42 2.77
N MET A 47 0.95 -4.29 1.81
CA MET A 47 0.71 -3.48 0.64
C MET A 47 0.52 -4.38 -0.56
N ILE A 48 -0.68 -4.38 -1.10
CA ILE A 48 -0.92 -5.18 -2.28
C ILE A 48 -1.11 -4.28 -3.49
N LEU A 49 -0.09 -4.24 -4.33
CA LEU A 49 -0.17 -3.54 -5.58
C LEU A 49 -0.94 -4.40 -6.56
N ILE A 50 -2.19 -4.05 -6.78
CA ILE A 50 -3.06 -4.83 -7.65
C ILE A 50 -2.70 -4.55 -9.11
N GLN A 51 -1.76 -5.35 -9.60
CA GLN A 51 -1.17 -5.13 -10.91
C GLN A 51 -1.88 -5.92 -12.00
N ASP A 52 -2.76 -6.83 -11.59
CA ASP A 52 -3.51 -7.65 -12.54
C ASP A 52 -4.91 -7.97 -12.03
N GLY A 53 -5.33 -7.31 -10.96
CA GLY A 53 -6.66 -7.54 -10.43
C GLY A 53 -7.63 -6.44 -10.83
N SER A 54 -7.52 -6.00 -12.08
CA SER A 54 -8.33 -4.91 -12.59
C SER A 54 -7.97 -4.68 -14.04
N GLN A 55 -8.71 -3.79 -14.68
CA GLN A 55 -8.44 -3.38 -16.03
C GLN A 55 -7.91 -1.96 -15.98
N ASN A 56 -7.74 -1.48 -14.76
CA ASN A 56 -7.10 -0.20 -14.51
C ASN A 56 -5.60 -0.38 -14.48
N THR A 57 -5.16 -1.52 -14.99
CA THR A 57 -3.75 -1.86 -15.07
C THR A 57 -2.99 -0.87 -15.93
N ASN A 58 -3.72 -0.20 -16.82
CA ASN A 58 -3.11 0.75 -17.73
C ASN A 58 -3.42 2.18 -17.34
N VAL A 59 -4.07 2.35 -16.19
CA VAL A 59 -4.44 3.66 -15.69
C VAL A 59 -4.17 3.74 -14.19
N ASP A 60 -4.99 4.49 -13.47
CA ASP A 60 -4.84 4.61 -12.02
C ASP A 60 -4.96 3.24 -11.38
N LYS A 61 -3.96 2.91 -10.57
CA LYS A 61 -3.78 1.56 -10.07
C LYS A 61 -4.48 1.31 -8.76
N PRO A 62 -5.19 0.19 -8.66
CA PRO A 62 -5.81 -0.29 -7.43
C PRO A 62 -4.76 -0.63 -6.36
N LEU A 63 -4.73 0.12 -5.29
CA LEU A 63 -3.78 -0.12 -4.21
C LEU A 63 -4.51 -0.33 -2.89
N ARG A 64 -4.17 -1.41 -2.19
CA ARG A 64 -4.75 -1.68 -0.88
C ARG A 64 -3.67 -1.77 0.18
N ILE A 65 -3.68 -0.83 1.11
CA ILE A 65 -2.81 -0.91 2.28
C ILE A 65 -3.62 -1.47 3.44
N ILE A 66 -3.35 -2.71 3.79
CA ILE A 66 -4.17 -3.43 4.76
C ILE A 66 -3.41 -3.64 6.07
N GLY A 67 -4.05 -3.34 7.19
CA GLY A 67 -3.45 -3.57 8.49
C GLY A 67 -3.99 -2.66 9.55
N ASP A 68 -3.09 -2.07 10.32
CA ASP A 68 -3.45 -1.17 11.41
C ASP A 68 -3.75 0.22 10.90
N PRO A 69 -4.86 0.82 11.40
CA PRO A 69 -5.34 2.13 10.97
C PRO A 69 -4.26 3.20 10.93
N TYR A 70 -3.31 3.12 11.84
CA TYR A 70 -2.27 4.14 11.96
C TYR A 70 -1.19 3.92 10.91
N LYS A 71 -0.61 2.71 10.92
CA LYS A 71 0.48 2.41 10.01
C LYS A 71 -0.03 2.26 8.57
N VAL A 72 -1.32 1.98 8.41
CA VAL A 72 -1.92 2.02 7.08
C VAL A 72 -1.90 3.44 6.54
N GLN A 73 -2.23 4.39 7.41
CA GLN A 73 -2.21 5.79 7.04
C GLN A 73 -0.78 6.24 6.81
N GLN A 74 0.09 5.88 7.75
CA GLN A 74 1.50 6.24 7.67
C GLN A 74 2.15 5.65 6.42
N ALA A 75 1.80 4.41 6.12
CA ALA A 75 2.32 3.76 4.93
C ALA A 75 1.75 4.43 3.67
N CYS A 76 0.51 4.89 3.78
CA CYS A 76 -0.12 5.64 2.70
C CYS A 76 0.64 6.94 2.47
N GLU A 77 0.93 7.66 3.55
CA GLU A 77 1.75 8.85 3.48
C GLU A 77 3.10 8.51 2.88
N MET A 78 3.67 7.42 3.37
CA MET A 78 4.98 6.94 2.91
C MET A 78 5.04 6.82 1.39
N VAL A 79 4.15 6.01 0.84
CA VAL A 79 4.15 5.73 -0.59
C VAL A 79 3.65 6.94 -1.40
N MET A 80 2.68 7.67 -0.86
CA MET A 80 2.10 8.79 -1.59
C MET A 80 3.02 10.00 -1.53
N ASP A 81 3.79 10.14 -0.45
CA ASP A 81 4.73 11.26 -0.32
C ASP A 81 5.77 11.21 -1.42
N ILE A 82 6.28 10.01 -1.68
CA ILE A 82 7.26 9.80 -2.73
C ILE A 82 6.68 10.15 -4.10
N LEU A 83 5.37 10.01 -4.22
CA LEU A 83 4.67 10.25 -5.47
C LEU A 83 4.31 11.71 -5.66
N ARG A 84 3.88 12.36 -4.59
CA ARG A 84 3.38 13.73 -4.67
C ARG A 84 4.51 14.74 -4.60
N GLU A 85 5.71 14.25 -4.32
CA GLU A 85 6.87 15.10 -4.19
C GLU A 85 7.75 15.00 -5.43
N GLY A 1 0.24 0.69 16.95
CA GLY A 1 -0.76 0.40 15.93
C GLY A 1 -0.62 -1.02 15.40
N GLN A 2 -1.14 -1.98 16.15
CA GLN A 2 -1.05 -3.39 15.79
C GLN A 2 -2.44 -3.93 15.46
N PHE A 3 -3.29 -3.01 15.03
CA PHE A 3 -4.68 -3.27 14.64
C PHE A 3 -5.62 -3.31 15.82
N HIS A 4 -6.39 -2.22 15.94
CA HIS A 4 -7.51 -2.09 16.85
C HIS A 4 -7.11 -2.28 18.31
N ASP A 5 -7.08 -3.52 18.77
CA ASP A 5 -6.88 -3.79 20.18
C ASP A 5 -5.54 -4.49 20.41
N ASN A 6 -4.53 -4.07 19.63
CA ASN A 6 -3.16 -4.56 19.78
C ASN A 6 -3.00 -5.98 19.24
N ALA A 7 -3.83 -6.89 19.71
CA ALA A 7 -3.74 -8.28 19.31
C ALA A 7 -4.78 -8.62 18.25
N ASN A 8 -4.46 -8.34 17.00
CA ASN A 8 -5.32 -8.71 15.88
C ASN A 8 -5.33 -10.23 15.73
N GLY A 9 -6.43 -10.76 15.20
CA GLY A 9 -6.59 -12.21 15.11
C GLY A 9 -5.83 -12.81 13.93
N GLY A 10 -4.53 -12.54 13.87
CA GLY A 10 -3.71 -13.09 12.83
C GLY A 10 -3.71 -12.26 11.57
N GLN A 11 -4.90 -11.77 11.20
CA GLN A 11 -5.05 -10.99 9.99
C GLN A 11 -5.56 -9.59 10.34
N ASN A 12 -4.88 -8.60 9.79
CA ASN A 12 -5.27 -7.21 9.97
C ASN A 12 -6.54 -6.92 9.16
N GLY A 13 -7.40 -6.05 9.68
CA GLY A 13 -8.71 -5.85 9.08
C GLY A 13 -8.86 -4.54 8.33
N THR A 14 -8.25 -3.48 8.85
CA THR A 14 -8.39 -2.17 8.23
C THR A 14 -7.65 -2.11 6.91
N VAL A 15 -8.35 -1.70 5.85
CA VAL A 15 -7.76 -1.60 4.54
C VAL A 15 -8.26 -0.35 3.80
N GLN A 16 -7.36 0.30 3.08
CA GLN A 16 -7.73 1.43 2.24
C GLN A 16 -7.19 1.22 0.84
N GLU A 17 -8.01 1.55 -0.16
CA GLU A 17 -7.62 1.39 -1.55
C GLU A 17 -7.20 2.71 -2.17
N ILE A 18 -5.95 2.80 -2.56
CA ILE A 18 -5.42 4.00 -3.20
C ILE A 18 -5.37 3.80 -4.70
N MET A 19 -5.52 4.88 -5.44
CA MET A 19 -5.39 4.84 -6.89
C MET A 19 -4.04 5.42 -7.29
N ILE A 20 -3.05 4.55 -7.40
CA ILE A 20 -1.69 4.98 -7.69
C ILE A 20 -1.54 5.32 -9.16
N PRO A 21 -1.10 6.55 -9.47
CA PRO A 21 -0.86 7.00 -10.84
C PRO A 21 0.03 6.02 -11.60
N ALA A 22 -0.36 5.73 -12.83
CA ALA A 22 0.32 4.73 -13.67
C ALA A 22 1.80 5.04 -13.85
N GLY A 23 2.14 6.31 -13.93
CA GLY A 23 3.54 6.71 -14.07
C GLY A 23 4.28 6.67 -12.74
N LYS A 24 3.52 6.63 -11.65
CA LYS A 24 4.08 6.59 -10.31
C LYS A 24 4.18 5.15 -9.82
N ALA A 25 3.66 4.22 -10.62
CA ALA A 25 3.64 2.81 -10.26
C ALA A 25 5.06 2.26 -10.06
N GLY A 26 6.01 2.86 -10.76
CA GLY A 26 7.40 2.44 -10.61
C GLY A 26 7.95 2.71 -9.21
N LEU A 27 7.33 3.67 -8.53
CA LEU A 27 7.81 4.09 -7.21
C LEU A 27 7.22 3.21 -6.10
N VAL A 28 5.92 2.92 -6.21
CA VAL A 28 5.26 2.07 -5.22
C VAL A 28 5.82 0.66 -5.26
N ILE A 29 6.20 0.20 -6.45
CA ILE A 29 6.82 -1.10 -6.61
C ILE A 29 8.30 -0.99 -6.25
N GLY A 30 8.95 0.04 -6.75
CA GLY A 30 10.32 0.30 -6.41
C GLY A 30 11.30 -0.25 -7.42
N LYS A 31 11.18 0.22 -8.67
CA LYS A 31 12.11 -0.12 -9.75
C LYS A 31 12.23 -1.63 -9.95
N GLY A 32 11.18 -2.35 -9.55
CA GLY A 32 11.18 -3.80 -9.68
C GLY A 32 10.45 -4.46 -8.54
N GLY A 33 10.83 -4.10 -7.33
CA GLY A 33 10.14 -4.63 -6.16
C GLY A 33 10.91 -4.42 -4.87
N GLU A 34 11.79 -3.42 -4.82
CA GLU A 34 12.58 -3.16 -3.63
C GLU A 34 11.81 -2.29 -2.65
N THR A 35 11.15 -1.26 -3.17
CA THR A 35 10.45 -0.30 -2.34
C THR A 35 9.24 -0.94 -1.65
N ILE A 36 8.37 -1.58 -2.44
CA ILE A 36 7.19 -2.26 -1.88
C ILE A 36 7.61 -3.29 -0.83
N LYS A 37 8.78 -3.86 -1.05
CA LYS A 37 9.37 -4.83 -0.15
C LYS A 37 9.65 -4.19 1.22
N GLN A 38 10.17 -2.98 1.19
CA GLN A 38 10.54 -2.25 2.40
C GLN A 38 9.29 -1.77 3.14
N LEU A 39 8.36 -1.23 2.37
CA LEU A 39 7.17 -0.59 2.93
C LEU A 39 6.42 -1.50 3.88
N GLN A 40 6.15 -2.72 3.42
CA GLN A 40 5.39 -3.69 4.20
C GLN A 40 6.07 -3.99 5.54
N GLU A 41 7.40 -4.06 5.51
CA GLU A 41 8.15 -4.41 6.70
C GLU A 41 8.24 -3.23 7.67
N ARG A 42 8.48 -2.04 7.13
CA ARG A 42 8.71 -0.86 7.97
C ARG A 42 7.41 -0.35 8.59
N ALA A 43 6.30 -0.48 7.89
CA ALA A 43 5.03 0.03 8.39
C ALA A 43 4.29 -1.03 9.21
N GLY A 44 4.64 -2.29 8.98
CA GLY A 44 3.97 -3.38 9.67
C GLY A 44 2.62 -3.66 9.06
N VAL A 45 2.49 -3.37 7.78
CA VAL A 45 1.22 -3.53 7.08
C VAL A 45 1.37 -4.47 5.90
N LYS A 46 0.25 -4.87 5.34
CA LYS A 46 0.26 -5.64 4.12
C LYS A 46 -0.07 -4.70 2.97
N MET A 47 0.81 -4.63 1.99
CA MET A 47 0.55 -3.81 0.83
C MET A 47 0.52 -4.67 -0.42
N ILE A 48 -0.64 -4.74 -1.03
CA ILE A 48 -0.77 -5.49 -2.27
C ILE A 48 -0.90 -4.52 -3.44
N LEU A 49 0.15 -4.45 -4.24
CA LEU A 49 0.15 -3.62 -5.43
C LEU A 49 -0.55 -4.37 -6.55
N ILE A 50 -1.79 -4.00 -6.83
CA ILE A 50 -2.56 -4.63 -7.88
C ILE A 50 -2.20 -4.02 -9.22
N GLN A 51 -1.33 -4.70 -9.93
CA GLN A 51 -0.77 -4.19 -11.16
C GLN A 51 -1.56 -4.68 -12.36
N ASP A 52 -1.95 -5.94 -12.33
CA ASP A 52 -2.65 -6.55 -13.46
C ASP A 52 -3.97 -7.17 -13.02
N GLY A 53 -4.28 -7.05 -11.73
CA GLY A 53 -5.51 -7.63 -11.21
C GLY A 53 -6.69 -6.67 -11.28
N SER A 54 -6.71 -5.83 -12.31
CA SER A 54 -7.76 -4.83 -12.47
C SER A 54 -7.69 -4.25 -13.87
N GLN A 55 -8.80 -3.71 -14.36
CA GLN A 55 -8.85 -3.15 -15.70
C GLN A 55 -8.71 -1.64 -15.64
N ASN A 56 -8.65 -1.09 -14.42
CA ASN A 56 -8.33 0.32 -14.26
C ASN A 56 -6.82 0.48 -14.22
N THR A 57 -6.13 -0.58 -14.58
CA THR A 57 -4.67 -0.58 -14.65
C THR A 57 -4.21 0.39 -15.73
N ASN A 58 -5.11 0.71 -16.66
CA ASN A 58 -4.80 1.63 -17.74
C ASN A 58 -4.71 3.07 -17.23
N VAL A 59 -5.28 3.31 -16.05
CA VAL A 59 -5.27 4.63 -15.45
C VAL A 59 -4.42 4.68 -14.20
N ASP A 60 -4.83 3.90 -13.23
CA ASP A 60 -4.23 3.93 -11.90
C ASP A 60 -3.99 2.51 -11.43
N LYS A 61 -3.66 2.39 -10.17
CA LYS A 61 -3.28 1.11 -9.61
C LYS A 61 -3.91 0.91 -8.24
N PRO A 62 -4.81 -0.07 -8.13
CA PRO A 62 -5.44 -0.45 -6.87
C PRO A 62 -4.41 -0.86 -5.83
N LEU A 63 -4.35 -0.11 -4.74
CA LEU A 63 -3.41 -0.40 -3.67
C LEU A 63 -4.16 -0.63 -2.38
N ARG A 64 -4.10 -1.85 -1.87
CA ARG A 64 -4.74 -2.17 -0.61
C ARG A 64 -3.73 -2.22 0.51
N ILE A 65 -3.75 -1.21 1.37
CA ILE A 65 -2.92 -1.21 2.56
C ILE A 65 -3.70 -1.86 3.69
N ILE A 66 -3.35 -3.08 4.02
CA ILE A 66 -4.07 -3.85 5.02
C ILE A 66 -3.36 -3.79 6.36
N GLY A 67 -4.07 -3.34 7.37
CA GLY A 67 -3.50 -3.24 8.70
C GLY A 67 -4.44 -2.59 9.69
N ASP A 68 -4.05 -1.42 10.16
CA ASP A 68 -4.79 -0.67 11.17
C ASP A 68 -4.85 0.79 10.73
N PRO A 69 -5.94 1.53 11.04
CA PRO A 69 -6.10 2.92 10.59
C PRO A 69 -4.82 3.74 10.77
N TYR A 70 -4.11 3.45 11.85
CA TYR A 70 -2.87 4.12 12.17
C TYR A 70 -1.79 3.82 11.12
N LYS A 71 -1.42 2.55 10.98
CA LYS A 71 -0.34 2.18 10.07
C LYS A 71 -0.78 2.24 8.61
N VAL A 72 -2.06 1.98 8.35
CA VAL A 72 -2.57 2.06 7.00
C VAL A 72 -2.44 3.49 6.47
N GLN A 73 -2.67 4.47 7.34
CA GLN A 73 -2.54 5.86 6.95
C GLN A 73 -1.10 6.30 6.94
N GLN A 74 -0.30 5.82 7.89
CA GLN A 74 1.11 6.11 7.91
C GLN A 74 1.79 5.55 6.67
N ALA A 75 1.40 4.34 6.30
CA ALA A 75 1.91 3.71 5.10
C ALA A 75 1.42 4.46 3.85
N CYS A 76 0.18 4.92 3.90
CA CYS A 76 -0.40 5.68 2.79
C CYS A 76 0.33 7.00 2.58
N GLU A 77 0.48 7.78 3.65
CA GLU A 77 1.17 9.06 3.56
C GLU A 77 2.64 8.84 3.22
N MET A 78 3.15 7.68 3.62
CA MET A 78 4.53 7.29 3.33
C MET A 78 4.72 7.06 1.83
N VAL A 79 3.84 6.27 1.23
CA VAL A 79 3.98 5.94 -0.19
C VAL A 79 3.53 7.12 -1.05
N MET A 80 2.52 7.83 -0.59
CA MET A 80 2.03 9.02 -1.29
C MET A 80 3.12 10.08 -1.33
N ASP A 81 3.91 10.12 -0.25
CA ASP A 81 5.07 11.01 -0.18
C ASP A 81 6.06 10.69 -1.28
N ILE A 82 6.37 9.41 -1.43
CA ILE A 82 7.32 8.95 -2.44
C ILE A 82 6.83 9.29 -3.84
N LEU A 83 5.52 9.14 -4.04
CA LEU A 83 4.92 9.38 -5.34
C LEU A 83 4.98 10.85 -5.73
N ARG A 84 4.66 11.72 -4.78
CA ARG A 84 4.59 13.15 -5.06
C ARG A 84 5.95 13.81 -4.88
N GLU A 85 6.95 12.99 -4.60
CA GLU A 85 8.31 13.48 -4.41
C GLU A 85 9.03 13.53 -5.76
N GLY A 1 0.09 3.47 18.60
CA GLY A 1 -0.47 2.72 17.52
C GLY A 1 -1.17 1.47 18.02
N GLN A 2 -2.46 1.39 17.77
CA GLN A 2 -3.26 0.27 18.25
C GLN A 2 -3.37 -0.81 17.19
N PHE A 3 -2.25 -1.08 16.52
CA PHE A 3 -2.19 -2.03 15.40
C PHE A 3 -2.28 -3.48 15.88
N HIS A 4 -2.90 -3.68 17.04
CA HIS A 4 -3.11 -5.00 17.60
C HIS A 4 -4.00 -4.90 18.83
N ASP A 5 -4.96 -3.98 18.76
CA ASP A 5 -5.91 -3.79 19.86
C ASP A 5 -6.90 -4.94 19.91
N ASN A 6 -6.56 -5.98 20.68
CA ASN A 6 -7.35 -7.21 20.79
C ASN A 6 -7.25 -8.03 19.50
N ALA A 7 -7.67 -7.42 18.40
CA ALA A 7 -7.60 -8.06 17.10
C ALA A 7 -6.36 -7.60 16.33
N ASN A 8 -6.41 -7.71 15.00
CA ASN A 8 -5.32 -7.28 14.12
C ASN A 8 -4.11 -8.20 14.29
N GLY A 9 -2.97 -7.79 13.73
CA GLY A 9 -1.80 -8.64 13.75
C GLY A 9 -1.89 -9.72 12.69
N GLY A 10 -2.66 -10.76 13.00
CA GLY A 10 -2.92 -11.80 12.04
C GLY A 10 -3.95 -11.36 11.03
N GLN A 11 -5.16 -11.07 11.51
CA GLN A 11 -6.19 -10.53 10.65
C GLN A 11 -6.18 -9.01 10.74
N ASN A 12 -5.70 -8.37 9.68
CA ASN A 12 -5.58 -6.92 9.64
C ASN A 12 -6.82 -6.32 8.99
N GLY A 13 -7.79 -5.95 9.81
CA GLY A 13 -9.07 -5.51 9.30
C GLY A 13 -9.16 -4.02 9.04
N THR A 14 -8.16 -3.49 8.37
CA THR A 14 -8.19 -2.11 7.91
C THR A 14 -7.49 -1.99 6.57
N VAL A 15 -8.17 -1.42 5.59
CA VAL A 15 -7.64 -1.31 4.24
C VAL A 15 -7.96 0.04 3.65
N GLN A 16 -6.93 0.73 3.17
CA GLN A 16 -7.13 1.98 2.46
C GLN A 16 -6.70 1.81 1.01
N GLU A 17 -7.66 1.94 0.10
CA GLU A 17 -7.39 1.81 -1.32
C GLU A 17 -6.95 3.14 -1.92
N ILE A 18 -5.71 3.19 -2.35
CA ILE A 18 -5.17 4.37 -3.01
C ILE A 18 -5.25 4.17 -4.52
N MET A 19 -5.38 5.26 -5.26
CA MET A 19 -5.38 5.20 -6.70
C MET A 19 -4.04 5.69 -7.22
N ILE A 20 -3.16 4.77 -7.56
CA ILE A 20 -1.79 5.11 -7.91
C ILE A 20 -1.68 5.52 -9.37
N PRO A 21 -1.16 6.73 -9.63
CA PRO A 21 -0.92 7.21 -10.99
C PRO A 21 -0.12 6.21 -11.81
N ALA A 22 -0.62 5.91 -13.01
CA ALA A 22 -0.04 4.87 -13.86
C ALA A 22 1.43 5.11 -14.17
N GLY A 23 1.80 6.37 -14.36
CA GLY A 23 3.18 6.70 -14.65
C GLY A 23 4.04 6.73 -13.41
N LYS A 24 3.44 7.15 -12.30
CA LYS A 24 4.15 7.28 -11.03
C LYS A 24 4.22 5.93 -10.32
N ALA A 25 3.52 4.95 -10.89
CA ALA A 25 3.43 3.61 -10.32
C ALA A 25 4.80 2.94 -10.25
N GLY A 26 5.75 3.44 -11.03
CA GLY A 26 7.10 2.91 -10.99
C GLY A 26 7.71 3.02 -9.61
N LEU A 27 7.39 4.11 -8.93
CA LEU A 27 7.95 4.36 -7.60
C LEU A 27 7.14 3.64 -6.52
N VAL A 28 5.85 3.42 -6.77
CA VAL A 28 5.00 2.71 -5.83
C VAL A 28 5.39 1.24 -5.78
N ILE A 29 5.92 0.74 -6.89
CA ILE A 29 6.43 -0.62 -6.95
C ILE A 29 7.88 -0.63 -6.47
N GLY A 30 8.68 0.30 -7.00
CA GLY A 30 10.02 0.45 -6.52
C GLY A 30 11.02 0.61 -7.64
N LYS A 31 12.25 0.95 -7.26
CA LYS A 31 13.34 1.13 -8.21
C LYS A 31 13.71 -0.21 -8.84
N GLY A 32 13.46 -1.28 -8.08
CA GLY A 32 13.65 -2.61 -8.59
C GLY A 32 12.58 -3.55 -8.09
N GLY A 33 11.42 -2.99 -7.76
CA GLY A 33 10.33 -3.77 -7.20
C GLY A 33 10.55 -4.08 -5.74
N GLU A 34 11.64 -3.56 -5.19
CA GLU A 34 12.00 -3.81 -3.80
C GLU A 34 11.32 -2.84 -2.85
N THR A 35 11.02 -1.64 -3.34
CA THR A 35 10.45 -0.60 -2.51
C THR A 35 9.12 -1.03 -1.88
N ILE A 36 8.23 -1.61 -2.70
CA ILE A 36 6.93 -2.06 -2.21
C ILE A 36 7.09 -3.11 -1.10
N LYS A 37 8.16 -3.90 -1.19
CA LYS A 37 8.44 -4.90 -0.16
C LYS A 37 8.93 -4.21 1.11
N GLN A 38 9.70 -3.15 0.92
CA GLN A 38 10.24 -2.38 2.03
C GLN A 38 9.13 -1.67 2.78
N LEU A 39 8.20 -1.10 2.02
CA LEU A 39 7.07 -0.36 2.57
C LEU A 39 6.30 -1.19 3.58
N GLN A 40 6.12 -2.46 3.24
CA GLN A 40 5.42 -3.40 4.11
C GLN A 40 6.19 -3.63 5.40
N GLU A 41 7.50 -3.72 5.29
CA GLU A 41 8.37 -3.90 6.45
C GLU A 41 8.38 -2.66 7.34
N ARG A 42 8.36 -1.48 6.71
CA ARG A 42 8.49 -0.22 7.43
C ARG A 42 7.32 -0.01 8.39
N ALA A 43 6.11 -0.27 7.92
CA ALA A 43 4.92 0.06 8.67
C ALA A 43 4.24 -1.17 9.27
N GLY A 44 4.82 -2.34 9.02
CA GLY A 44 4.22 -3.57 9.51
C GLY A 44 2.87 -3.83 8.86
N VAL A 45 2.80 -3.56 7.57
CA VAL A 45 1.57 -3.67 6.81
C VAL A 45 1.76 -4.55 5.59
N LYS A 46 0.69 -4.74 4.83
CA LYS A 46 0.78 -5.43 3.56
C LYS A 46 0.19 -4.56 2.46
N MET A 47 0.96 -4.34 1.40
CA MET A 47 0.48 -3.55 0.28
C MET A 47 0.34 -4.42 -0.94
N ILE A 48 -0.88 -4.58 -1.41
CA ILE A 48 -1.14 -5.33 -2.61
C ILE A 48 -1.31 -4.38 -3.79
N LEU A 49 -0.35 -4.37 -4.67
CA LEU A 49 -0.39 -3.52 -5.84
C LEU A 49 -1.14 -4.23 -6.95
N ILE A 50 -2.40 -3.83 -7.18
CA ILE A 50 -3.16 -4.39 -8.29
C ILE A 50 -2.66 -3.78 -9.58
N GLN A 51 -1.62 -4.39 -10.11
CA GLN A 51 -1.02 -3.94 -11.35
C GLN A 51 -1.19 -5.02 -12.41
N ASP A 52 -1.44 -6.24 -11.95
CA ASP A 52 -1.71 -7.36 -12.83
C ASP A 52 -3.21 -7.53 -13.02
N GLY A 53 -3.97 -7.11 -12.02
CA GLY A 53 -5.43 -7.12 -12.11
C GLY A 53 -5.91 -6.18 -13.20
N SER A 54 -6.32 -6.76 -14.31
CA SER A 54 -6.60 -5.99 -15.51
C SER A 54 -7.97 -5.32 -15.47
N GLN A 55 -8.12 -4.41 -14.53
CA GLN A 55 -9.28 -3.53 -14.47
C GLN A 55 -8.81 -2.09 -14.56
N ASN A 56 -7.82 -1.77 -13.75
CA ASN A 56 -7.23 -0.44 -13.72
C ASN A 56 -5.77 -0.51 -14.13
N THR A 57 -5.45 -1.48 -14.98
CA THR A 57 -4.07 -1.72 -15.38
C THR A 57 -3.46 -0.55 -16.13
N ASN A 58 -4.26 0.12 -16.94
CA ASN A 58 -3.76 1.23 -17.75
C ASN A 58 -4.13 2.59 -17.15
N VAL A 59 -4.63 2.58 -15.92
CA VAL A 59 -5.02 3.81 -15.24
C VAL A 59 -4.51 3.82 -13.81
N ASP A 60 -5.15 4.59 -12.94
CA ASP A 60 -4.80 4.63 -11.53
C ASP A 60 -4.90 3.23 -10.92
N LYS A 61 -3.89 2.86 -10.15
CA LYS A 61 -3.77 1.51 -9.63
C LYS A 61 -4.46 1.37 -8.28
N PRO A 62 -5.26 0.32 -8.12
CA PRO A 62 -5.88 -0.02 -6.84
C PRO A 62 -4.85 -0.56 -5.84
N LEU A 63 -4.49 0.25 -4.86
CA LEU A 63 -3.52 -0.15 -3.85
C LEU A 63 -4.22 -0.35 -2.52
N ARG A 64 -4.22 -1.58 -2.03
CA ARG A 64 -4.78 -1.87 -0.72
C ARG A 64 -3.69 -1.97 0.33
N ILE A 65 -3.61 -0.97 1.20
CA ILE A 65 -2.74 -1.05 2.36
C ILE A 65 -3.51 -1.74 3.48
N ILE A 66 -3.16 -2.98 3.73
CA ILE A 66 -3.88 -3.80 4.70
C ILE A 66 -3.15 -3.80 6.04
N GLY A 67 -3.88 -3.45 7.09
CA GLY A 67 -3.29 -3.44 8.42
C GLY A 67 -4.22 -2.86 9.48
N ASP A 68 -3.77 -1.76 10.06
CA ASP A 68 -4.49 -1.08 11.15
C ASP A 68 -4.55 0.41 10.83
N PRO A 69 -5.63 1.13 11.21
CA PRO A 69 -5.80 2.55 10.90
C PRO A 69 -4.51 3.35 11.05
N TYR A 70 -3.75 3.04 12.09
CA TYR A 70 -2.50 3.72 12.38
C TYR A 70 -1.47 3.45 11.29
N LYS A 71 -1.09 2.18 11.13
CA LYS A 71 -0.04 1.83 10.18
C LYS A 71 -0.51 2.00 8.75
N VAL A 72 -1.79 1.79 8.49
CA VAL A 72 -2.32 1.94 7.14
C VAL A 72 -2.23 3.38 6.70
N GLN A 73 -2.54 4.30 7.62
CA GLN A 73 -2.51 5.71 7.30
C GLN A 73 -1.06 6.17 7.19
N GLN A 74 -0.21 5.70 8.09
CA GLN A 74 1.21 6.06 8.04
C GLN A 74 1.87 5.45 6.81
N ALA A 75 1.39 4.28 6.40
CA ALA A 75 1.88 3.65 5.20
C ALA A 75 1.36 4.39 3.97
N CYS A 76 0.14 4.93 4.08
CA CYS A 76 -0.41 5.80 3.06
C CYS A 76 0.45 7.05 2.92
N GLU A 77 0.76 7.67 4.05
CA GLU A 77 1.65 8.85 4.08
C GLU A 77 2.99 8.52 3.45
N MET A 78 3.37 7.26 3.55
CA MET A 78 4.65 6.78 3.04
C MET A 78 4.61 6.69 1.51
N VAL A 79 3.59 6.01 0.98
CA VAL A 79 3.51 5.79 -0.45
C VAL A 79 3.09 7.06 -1.17
N MET A 80 2.18 7.81 -0.55
CA MET A 80 1.69 9.05 -1.12
C MET A 80 2.83 10.06 -1.22
N ASP A 81 3.74 10.00 -0.25
CA ASP A 81 4.90 10.90 -0.23
C ASP A 81 5.78 10.64 -1.44
N ILE A 82 6.05 9.36 -1.70
CA ILE A 82 6.88 8.96 -2.83
C ILE A 82 6.20 9.33 -4.15
N LEU A 83 4.88 9.25 -4.17
CA LEU A 83 4.12 9.55 -5.37
C LEU A 83 4.03 11.05 -5.61
N ARG A 84 4.36 11.83 -4.59
CA ARG A 84 4.42 13.28 -4.72
C ARG A 84 5.88 13.74 -4.65
N GLU A 85 6.77 12.77 -4.68
CA GLU A 85 8.20 13.02 -4.63
C GLU A 85 8.79 12.88 -6.03
N GLY A 1 -8.57 -3.34 20.54
CA GLY A 1 -7.72 -3.21 19.37
C GLY A 1 -7.54 -4.51 18.62
N GLN A 2 -8.02 -4.55 17.39
CA GLN A 2 -7.83 -5.69 16.53
C GLN A 2 -6.89 -5.31 15.38
N PHE A 3 -5.60 -5.40 15.66
CA PHE A 3 -4.57 -4.96 14.72
C PHE A 3 -4.34 -6.03 13.66
N HIS A 4 -3.33 -5.83 12.83
CA HIS A 4 -2.94 -6.83 11.86
C HIS A 4 -1.51 -6.59 11.41
N ASP A 5 -0.70 -6.06 12.31
CA ASP A 5 0.71 -5.82 12.02
C ASP A 5 1.46 -7.14 11.93
N ASN A 6 1.14 -8.03 12.84
CA ASN A 6 1.69 -9.39 12.82
C ASN A 6 0.55 -10.38 12.99
N ALA A 7 -0.47 -10.24 12.12
CA ALA A 7 -1.66 -11.09 12.15
C ALA A 7 -2.27 -11.16 13.54
N ASN A 8 -2.89 -10.07 13.97
CA ASN A 8 -3.44 -10.00 15.32
C ASN A 8 -4.78 -10.72 15.38
N GLY A 9 -4.77 -11.95 15.88
CA GLY A 9 -5.98 -12.75 15.93
C GLY A 9 -6.32 -13.37 14.58
N GLY A 10 -6.34 -12.52 13.57
CA GLY A 10 -6.65 -12.98 12.22
C GLY A 10 -7.46 -11.96 11.46
N GLN A 11 -8.22 -11.16 12.19
CA GLN A 11 -9.10 -10.16 11.59
C GLN A 11 -8.29 -9.06 10.91
N ASN A 12 -8.74 -8.65 9.73
CA ASN A 12 -8.20 -7.46 9.07
C ASN A 12 -9.12 -6.28 9.32
N GLY A 13 -8.66 -5.34 10.13
CA GLY A 13 -9.49 -4.23 10.54
C GLY A 13 -9.57 -3.13 9.50
N THR A 14 -8.48 -2.43 9.28
CA THR A 14 -8.49 -1.28 8.40
C THR A 14 -7.78 -1.56 7.08
N VAL A 15 -8.44 -1.24 5.98
CA VAL A 15 -7.86 -1.35 4.66
C VAL A 15 -8.16 -0.09 3.86
N GLN A 16 -7.12 0.58 3.40
CA GLN A 16 -7.29 1.82 2.66
C GLN A 16 -6.91 1.61 1.19
N GLU A 17 -7.72 2.17 0.29
CA GLU A 17 -7.49 2.03 -1.15
C GLU A 17 -7.01 3.33 -1.76
N ILE A 18 -5.89 3.26 -2.47
CA ILE A 18 -5.32 4.44 -3.12
C ILE A 18 -5.34 4.24 -4.63
N MET A 19 -5.37 5.34 -5.38
CA MET A 19 -5.25 5.31 -6.82
C MET A 19 -3.86 5.78 -7.22
N ILE A 20 -3.01 4.85 -7.61
CA ILE A 20 -1.63 5.15 -7.93
C ILE A 20 -1.47 5.54 -9.40
N PRO A 21 -0.78 6.67 -9.67
CA PRO A 21 -0.50 7.14 -11.04
C PRO A 21 -0.05 6.03 -11.98
N ALA A 22 -0.59 6.06 -13.20
CA ALA A 22 -0.40 4.98 -14.17
C ALA A 22 1.04 4.87 -14.65
N GLY A 23 1.78 5.98 -14.63
CA GLY A 23 3.15 5.97 -15.08
C GLY A 23 4.13 5.99 -13.92
N LYS A 24 3.71 6.54 -12.80
CA LYS A 24 4.58 6.66 -11.63
C LYS A 24 4.38 5.49 -10.68
N ALA A 25 3.70 4.46 -11.18
CA ALA A 25 3.46 3.25 -10.39
C ALA A 25 4.78 2.56 -10.07
N GLY A 26 5.75 2.69 -10.96
CA GLY A 26 7.06 2.07 -10.76
C GLY A 26 7.72 2.50 -9.47
N LEU A 27 7.39 3.70 -8.99
CA LEU A 27 7.98 4.19 -7.75
C LEU A 27 7.31 3.56 -6.53
N VAL A 28 6.00 3.34 -6.63
CA VAL A 28 5.26 2.71 -5.55
C VAL A 28 5.60 1.22 -5.47
N ILE A 29 5.95 0.64 -6.62
CA ILE A 29 6.42 -0.73 -6.68
C ILE A 29 7.87 -0.80 -6.20
N GLY A 30 8.62 0.22 -6.55
CA GLY A 30 9.98 0.35 -6.08
C GLY A 30 10.99 -0.14 -7.08
N LYS A 31 10.79 0.27 -8.33
CA LYS A 31 11.75 0.02 -9.39
C LYS A 31 12.14 -1.45 -9.47
N GLY A 32 11.14 -2.32 -9.44
CA GLY A 32 11.39 -3.74 -9.53
C GLY A 32 10.64 -4.51 -8.46
N GLY A 33 10.38 -3.86 -7.34
CA GLY A 33 9.62 -4.50 -6.28
C GLY A 33 10.35 -4.48 -4.95
N GLU A 34 11.50 -3.81 -4.91
CA GLU A 34 12.28 -3.74 -3.69
C GLU A 34 11.58 -2.85 -2.66
N THR A 35 11.16 -1.67 -3.10
CA THR A 35 10.52 -0.72 -2.22
C THR A 35 9.19 -1.25 -1.68
N ILE A 36 8.35 -1.82 -2.55
CA ILE A 36 7.06 -2.36 -2.11
C ILE A 36 7.26 -3.47 -1.07
N LYS A 37 8.31 -4.25 -1.24
CA LYS A 37 8.67 -5.28 -0.28
C LYS A 37 8.99 -4.64 1.07
N GLN A 38 9.79 -3.60 1.04
CA GLN A 38 10.23 -2.93 2.24
C GLN A 38 9.11 -2.13 2.89
N LEU A 39 8.23 -1.57 2.08
CA LEU A 39 7.11 -0.77 2.59
C LEU A 39 6.30 -1.58 3.59
N GLN A 40 5.97 -2.81 3.21
CA GLN A 40 5.20 -3.69 4.06
C GLN A 40 5.95 -4.01 5.35
N GLU A 41 7.23 -4.34 5.20
CA GLU A 41 8.06 -4.76 6.32
C GLU A 41 8.37 -3.60 7.27
N ARG A 42 8.58 -2.41 6.72
CA ARG A 42 8.98 -1.25 7.52
C ARG A 42 7.82 -0.68 8.31
N ALA A 43 6.62 -0.76 7.77
CA ALA A 43 5.45 -0.19 8.42
C ALA A 43 4.69 -1.25 9.21
N GLY A 44 4.91 -2.51 8.85
CA GLY A 44 4.20 -3.60 9.51
C GLY A 44 2.81 -3.80 8.96
N VAL A 45 2.66 -3.49 7.68
CA VAL A 45 1.36 -3.54 7.04
C VAL A 45 1.39 -4.48 5.83
N LYS A 46 0.23 -4.81 5.32
CA LYS A 46 0.15 -5.55 4.08
C LYS A 46 -0.24 -4.60 2.96
N MET A 47 0.58 -4.53 1.93
CA MET A 47 0.29 -3.65 0.80
C MET A 47 0.17 -4.47 -0.46
N ILE A 48 -1.01 -4.48 -1.04
CA ILE A 48 -1.23 -5.19 -2.28
C ILE A 48 -1.40 -4.20 -3.43
N LEU A 49 -0.42 -4.19 -4.33
CA LEU A 49 -0.48 -3.36 -5.51
C LEU A 49 -1.04 -4.15 -6.68
N ILE A 50 -2.22 -3.75 -7.16
CA ILE A 50 -2.84 -4.38 -8.31
C ILE A 50 -2.11 -3.94 -9.57
N GLN A 51 -1.06 -4.66 -9.91
CA GLN A 51 -0.19 -4.31 -11.02
C GLN A 51 -0.54 -5.14 -12.24
N ASP A 52 -0.82 -6.41 -12.01
CA ASP A 52 -1.03 -7.36 -13.08
C ASP A 52 -2.49 -7.81 -13.11
N GLY A 53 -3.30 -7.25 -12.22
CA GLY A 53 -4.70 -7.61 -12.18
C GLY A 53 -5.60 -6.49 -12.67
N SER A 54 -6.86 -6.82 -12.91
CA SER A 54 -7.85 -5.85 -13.37
C SER A 54 -7.47 -5.28 -14.74
N GLN A 55 -8.21 -4.27 -15.16
CA GLN A 55 -7.94 -3.60 -16.41
C GLN A 55 -7.63 -2.14 -16.14
N ASN A 56 -7.32 -1.84 -14.88
CA ASN A 56 -6.84 -0.52 -14.50
C ASN A 56 -5.34 -0.44 -14.77
N THR A 57 -4.87 -1.44 -15.51
CA THR A 57 -3.49 -1.52 -15.92
C THR A 57 -3.13 -0.36 -16.85
N ASN A 58 -4.15 0.27 -17.41
CA ASN A 58 -3.95 1.43 -18.27
C ASN A 58 -4.20 2.73 -17.52
N VAL A 59 -4.65 2.63 -16.27
CA VAL A 59 -5.00 3.81 -15.49
C VAL A 59 -4.41 3.72 -14.08
N ASP A 60 -5.04 4.42 -13.14
CA ASP A 60 -4.63 4.42 -11.75
C ASP A 60 -4.62 3.01 -11.17
N LYS A 61 -3.74 2.78 -10.21
CA LYS A 61 -3.56 1.45 -9.64
C LYS A 61 -4.26 1.34 -8.30
N PRO A 62 -5.10 0.32 -8.13
CA PRO A 62 -5.71 0.00 -6.85
C PRO A 62 -4.68 -0.45 -5.82
N LEU A 63 -4.48 0.37 -4.80
CA LEU A 63 -3.55 0.05 -3.73
C LEU A 63 -4.31 -0.19 -2.45
N ARG A 64 -4.14 -1.36 -1.86
CA ARG A 64 -4.79 -1.66 -0.60
C ARG A 64 -3.76 -1.84 0.51
N ILE A 65 -3.78 -0.91 1.45
CA ILE A 65 -2.98 -1.01 2.65
C ILE A 65 -3.85 -1.63 3.74
N ILE A 66 -3.60 -2.89 4.03
CA ILE A 66 -4.45 -3.65 4.94
C ILE A 66 -3.75 -3.93 6.25
N GLY A 67 -4.43 -3.67 7.36
CA GLY A 67 -3.88 -3.99 8.66
C GLY A 67 -4.40 -3.11 9.77
N ASP A 68 -3.49 -2.45 10.46
CA ASP A 68 -3.81 -1.59 11.61
C ASP A 68 -4.01 -0.16 11.17
N PRO A 69 -5.10 0.48 11.65
CA PRO A 69 -5.50 1.84 11.29
C PRO A 69 -4.37 2.86 11.38
N TYR A 70 -3.47 2.65 12.34
CA TYR A 70 -2.37 3.57 12.56
C TYR A 70 -1.33 3.42 11.45
N LYS A 71 -0.82 2.21 11.26
CA LYS A 71 0.21 1.97 10.25
C LYS A 71 -0.37 2.03 8.84
N VAL A 72 -1.67 1.75 8.70
CA VAL A 72 -2.34 1.95 7.41
C VAL A 72 -2.18 3.40 6.97
N GLN A 73 -2.31 4.33 7.90
CA GLN A 73 -2.15 5.74 7.60
C GLN A 73 -0.68 6.09 7.44
N GLN A 74 0.15 5.59 8.36
CA GLN A 74 1.60 5.83 8.29
C GLN A 74 2.14 5.43 6.92
N ALA A 75 1.78 4.24 6.49
CA ALA A 75 2.24 3.69 5.23
C ALA A 75 1.65 4.48 4.06
N CYS A 76 0.39 4.88 4.18
CA CYS A 76 -0.31 5.61 3.13
C CYS A 76 0.37 6.95 2.84
N GLU A 77 0.49 7.79 3.86
CA GLU A 77 1.10 9.10 3.67
C GLU A 77 2.59 8.97 3.36
N MET A 78 3.15 7.80 3.68
CA MET A 78 4.53 7.50 3.34
C MET A 78 4.66 7.21 1.84
N VAL A 79 3.81 6.31 1.33
CA VAL A 79 3.90 5.90 -0.06
C VAL A 79 3.33 6.97 -1.00
N MET A 80 2.30 7.69 -0.55
CA MET A 80 1.75 8.78 -1.34
C MET A 80 2.75 9.92 -1.40
N ASP A 81 3.62 9.99 -0.41
CA ASP A 81 4.68 11.00 -0.39
C ASP A 81 5.70 10.72 -1.48
N ILE A 82 5.96 9.44 -1.73
CA ILE A 82 6.90 9.04 -2.78
C ILE A 82 6.40 9.50 -4.14
N LEU A 83 5.08 9.46 -4.30
CA LEU A 83 4.46 9.86 -5.56
C LEU A 83 4.17 11.36 -5.57
N ARG A 84 4.37 12.00 -4.41
CA ARG A 84 4.14 13.42 -4.27
C ARG A 84 5.46 14.17 -4.30
N GLU A 85 6.52 13.41 -4.24
CA GLU A 85 7.87 13.94 -4.21
C GLU A 85 8.41 14.08 -5.62
#